data_6FV3
#
_entry.id   6FV3
#
_cell.length_a   60.450
_cell.length_b   86.390
_cell.length_c   89.930
_cell.angle_alpha   88.12
_cell.angle_beta   75.58
_cell.angle_gamma   69.79
#
_symmetry.space_group_name_H-M   'P 1'
#
loop_
_entity.id
_entity.type
_entity.pdbx_description
1 polymer 'N-acetylglucosamine-6-phosphate deacetylase'
2 non-polymer 'ZINC ION'
3 water water
#
_entity_poly.entity_id   1
_entity_poly.type   'polypeptide(L)'
_entity_poly.pdbx_seq_one_letter_code
;HHHHHHSSGLVPRGSHMLLTADTVLTGTELLRPGWLEIASDRVVAVGAGAPPAQADRNLGAATVVPGFVDTHLHGGGGGN
FSAATDDETARAVALHRAHGSTTLVASLVTAGPEDLLRQVSGLARQVRAGLIDGIHLEGPWLSTLRCGAHQPVLMRDPDP
GEIGRVLDAGEGTVRMVTIAPERDGALAAIAQLVNAGVVAAVGHTEATYDQTRAAIDAGATVGTHLFNAMRPIDRREPGP
AVALTEDSRVTVEMIVDGVHVAPAIYRHITQTVGPERLSLITDAMAATGMSDGVYRLGPLDIDVVAGVARVAGTDTIAGS
TATMEQVFRLAVAHCGLPRDDALSLAVRQACVNPARALGLPAAGLAAGARADLVVLDHDLAVTAVMRAGEWVVTPGAAHT
V
;
_entity_poly.pdbx_strand_id   A,B,C,D
#
# COMPACT_ATOMS: atom_id res chain seq x y z
N HIS A 16 -36.10 -22.97 -7.58
CA HIS A 16 -37.01 -23.31 -6.48
C HIS A 16 -37.01 -22.20 -5.44
N MET A 17 -35.83 -21.87 -4.91
CA MET A 17 -35.66 -20.73 -4.03
C MET A 17 -34.53 -19.88 -4.57
N LEU A 18 -34.78 -18.58 -4.77
CA LEU A 18 -33.75 -17.64 -5.22
C LEU A 18 -33.54 -16.54 -4.20
N LEU A 19 -32.44 -16.61 -3.45
CA LEU A 19 -32.11 -15.63 -2.42
C LEU A 19 -31.15 -14.59 -2.99
N THR A 20 -31.31 -13.33 -2.57
CA THR A 20 -30.34 -12.28 -2.83
C THR A 20 -29.86 -11.64 -1.54
N ALA A 21 -28.65 -11.08 -1.60
CA ALA A 21 -28.02 -10.38 -0.50
C ALA A 21 -26.93 -9.48 -1.04
N ASP A 22 -26.66 -8.37 -0.34
CA ASP A 22 -25.65 -7.42 -0.79
C ASP A 22 -24.25 -8.03 -0.83
N THR A 23 -23.94 -8.99 0.03
CA THR A 23 -22.63 -9.62 -0.04
C THR A 23 -22.78 -11.13 0.10
N VAL A 24 -22.20 -11.87 -0.84
CA VAL A 24 -22.15 -13.33 -0.77
C VAL A 24 -20.71 -13.80 -0.99
N LEU A 25 -20.14 -14.46 0.01
CA LEU A 25 -18.83 -15.08 -0.12
C LEU A 25 -19.01 -16.57 -0.35
N THR A 26 -18.46 -17.07 -1.47
CA THR A 26 -18.66 -18.45 -1.87
C THR A 26 -17.54 -19.37 -1.42
N GLY A 27 -16.43 -18.82 -0.92
CA GLY A 27 -15.27 -19.63 -0.66
C GLY A 27 -14.11 -19.21 -1.54
N THR A 28 -14.44 -18.85 -2.78
CA THR A 28 -13.45 -18.42 -3.76
C THR A 28 -13.67 -17.02 -4.33
N GLU A 29 -14.87 -16.46 -4.22
CA GLU A 29 -15.13 -15.13 -4.75
C GLU A 29 -15.95 -14.30 -3.77
N LEU A 30 -15.93 -12.99 -3.99
CA LEU A 30 -16.71 -12.04 -3.19
C LEU A 30 -17.68 -11.36 -4.15
N LEU A 31 -18.96 -11.62 -3.98
CA LEU A 31 -20.00 -11.13 -4.89
C LEU A 31 -20.73 -9.96 -4.25
N ARG A 32 -20.85 -8.85 -4.97
CA ARG A 32 -21.48 -7.71 -4.33
C ARG A 32 -22.25 -6.90 -5.37
N PRO A 33 -23.59 -6.97 -5.38
CA PRO A 33 -24.33 -7.94 -4.56
C PRO A 33 -24.29 -9.33 -5.18
N GLY A 34 -24.90 -10.32 -4.52
CA GLY A 34 -24.86 -11.68 -5.01
C GLY A 34 -26.21 -12.35 -4.92
N TRP A 35 -26.29 -13.55 -5.52
CA TRP A 35 -27.51 -14.33 -5.52
C TRP A 35 -27.14 -15.79 -5.69
N LEU A 36 -27.95 -16.66 -5.10
CA LEU A 36 -27.81 -18.10 -5.22
C LEU A 36 -29.15 -18.72 -5.59
N GLU A 37 -29.10 -19.74 -6.43
CA GLU A 37 -30.31 -20.53 -6.73
C GLU A 37 -30.19 -21.86 -6.00
N ILE A 38 -31.14 -22.09 -5.09
CA ILE A 38 -31.23 -23.31 -4.29
C ILE A 38 -32.46 -24.08 -4.69
N ALA A 39 -32.30 -25.38 -4.93
CA ALA A 39 -33.40 -26.28 -5.21
C ALA A 39 -33.20 -27.50 -4.34
N SER A 40 -34.17 -27.76 -3.46
CA SER A 40 -34.14 -28.86 -2.49
C SER A 40 -32.97 -28.57 -1.56
N ASP A 41 -31.93 -29.40 -1.51
CA ASP A 41 -30.85 -29.17 -0.55
C ASP A 41 -29.52 -28.80 -1.20
N ARG A 42 -29.50 -28.47 -2.49
CA ARG A 42 -28.28 -28.15 -3.20
C ARG A 42 -28.31 -26.71 -3.70
N VAL A 43 -27.12 -26.12 -3.87
CA VAL A 43 -26.97 -24.89 -4.65
C VAL A 43 -26.93 -25.21 -6.14
N VAL A 44 -27.91 -24.69 -6.87
CA VAL A 44 -27.99 -24.85 -8.33
C VAL A 44 -27.03 -23.91 -9.05
N ALA A 45 -26.99 -22.64 -8.64
CA ALA A 45 -26.18 -21.65 -9.34
C ALA A 45 -25.88 -20.47 -8.42
N VAL A 46 -24.79 -19.77 -8.75
CA VAL A 46 -24.36 -18.58 -8.03
C VAL A 46 -23.77 -17.57 -9.01
N GLY A 47 -23.98 -16.29 -8.71
CA GLY A 47 -23.49 -15.23 -9.58
C GLY A 47 -23.55 -13.89 -8.88
N ALA A 48 -22.96 -12.89 -9.53
CA ALA A 48 -22.94 -11.53 -9.05
C ALA A 48 -24.02 -10.67 -9.71
N GLY A 49 -24.32 -9.54 -9.07
CA GLY A 49 -25.30 -8.61 -9.59
C GLY A 49 -26.73 -8.98 -9.24
N ALA A 50 -27.64 -8.48 -10.07
CA ALA A 50 -29.05 -8.74 -9.89
C ALA A 50 -29.37 -10.18 -10.32
N PRO A 51 -30.30 -10.83 -9.66
CA PRO A 51 -30.58 -12.25 -9.97
C PRO A 51 -31.26 -12.40 -11.31
N PRO A 52 -31.19 -13.59 -11.93
CA PRO A 52 -31.81 -13.77 -13.25
C PRO A 52 -33.32 -13.75 -13.22
N ALA A 53 -33.93 -13.77 -12.03
CA ALA A 53 -35.36 -13.62 -11.88
C ALA A 53 -35.61 -12.94 -10.54
N GLN A 54 -36.87 -12.69 -10.23
CA GLN A 54 -37.24 -12.15 -8.93
C GLN A 54 -36.91 -13.14 -7.80
N ALA A 55 -36.44 -12.59 -6.69
CA ALA A 55 -36.00 -13.34 -5.53
C ALA A 55 -37.16 -13.73 -4.65
N ASP A 56 -37.01 -14.87 -3.95
CA ASP A 56 -37.97 -15.23 -2.91
C ASP A 56 -37.62 -14.56 -1.59
N ARG A 57 -36.38 -14.69 -1.14
CA ARG A 57 -35.95 -14.07 0.11
C ARG A 57 -34.93 -13.04 -0.36
N ASN A 58 -35.25 -11.76 -0.18
CA ASN A 58 -34.29 -10.70 -0.44
C ASN A 58 -33.63 -10.27 0.86
N LEU A 59 -32.40 -10.73 1.07
CA LEU A 59 -31.68 -10.36 2.27
C LEU A 59 -31.23 -8.90 2.12
N GLY A 60 -31.37 -8.13 3.19
CA GLY A 60 -30.98 -6.74 3.15
C GLY A 60 -29.47 -6.55 3.23
N ALA A 61 -29.05 -5.56 4.00
CA ALA A 61 -27.65 -5.19 4.17
C ALA A 61 -27.00 -6.28 5.01
N ALA A 62 -26.98 -7.50 4.47
CA ALA A 62 -26.35 -8.63 5.12
C ALA A 62 -25.24 -9.24 4.27
N THR A 63 -24.41 -10.01 4.96
CA THR A 63 -23.33 -10.80 4.39
C THR A 63 -23.65 -12.28 4.54
N VAL A 64 -23.61 -13.00 3.42
CA VAL A 64 -23.85 -14.43 3.37
C VAL A 64 -22.48 -15.11 3.38
N VAL A 65 -22.33 -16.09 4.26
CA VAL A 65 -21.10 -16.87 4.33
C VAL A 65 -21.47 -18.34 4.21
N PRO A 66 -20.51 -19.19 3.80
CA PRO A 66 -20.77 -20.64 3.83
C PRO A 66 -20.91 -21.11 5.27
N GLY A 67 -21.57 -22.25 5.45
CA GLY A 67 -21.71 -22.78 6.80
C GLY A 67 -20.36 -22.99 7.45
N PHE A 68 -20.32 -22.78 8.77
CA PHE A 68 -19.09 -22.96 9.52
C PHE A 68 -18.81 -24.44 9.73
N VAL A 69 -17.53 -24.79 9.74
CA VAL A 69 -17.12 -26.20 9.81
C VAL A 69 -16.23 -26.34 11.05
N ASP A 70 -16.83 -26.70 12.17
CA ASP A 70 -16.10 -26.85 13.44
C ASP A 70 -15.63 -28.30 13.54
N THR A 71 -14.32 -28.51 13.41
CA THR A 71 -13.74 -29.85 13.37
C THR A 71 -13.15 -30.29 14.70
N HIS A 72 -13.43 -29.57 15.79
CA HIS A 72 -12.85 -29.91 17.09
C HIS A 72 -13.64 -29.16 18.16
N LEU A 73 -14.63 -29.84 18.76
CA LEU A 73 -15.39 -29.26 19.84
C LEU A 73 -15.88 -30.39 20.74
N HIS A 74 -16.14 -30.04 22.01
CA HIS A 74 -16.45 -31.05 23.01
C HIS A 74 -17.89 -31.03 23.49
N GLY A 75 -18.66 -29.99 23.16
CA GLY A 75 -20.03 -29.92 23.61
C GLY A 75 -20.55 -28.49 23.53
N GLY A 76 -21.65 -28.26 24.22
CA GLY A 76 -22.29 -26.96 24.23
C GLY A 76 -23.72 -27.04 24.69
N GLY A 77 -24.25 -25.88 25.09
CA GLY A 77 -25.58 -25.77 25.64
C GLY A 77 -25.85 -26.71 26.81
N GLY A 78 -24.82 -27.04 27.57
CA GLY A 78 -24.94 -27.94 28.68
C GLY A 78 -24.65 -29.39 28.35
N GLY A 79 -24.55 -29.73 27.07
CA GLY A 79 -24.38 -31.10 26.64
C GLY A 79 -22.92 -31.44 26.42
N ASN A 80 -22.54 -32.67 26.77
CA ASN A 80 -21.20 -33.18 26.52
C ASN A 80 -21.22 -34.29 25.48
N PHE A 81 -20.40 -34.12 24.44
CA PHE A 81 -20.25 -35.19 23.46
C PHE A 81 -19.67 -36.44 24.09
N SER A 82 -18.84 -36.29 25.13
CA SER A 82 -18.27 -37.45 25.80
C SER A 82 -19.34 -38.29 26.49
N ALA A 83 -20.51 -37.70 26.75
CA ALA A 83 -21.61 -38.46 27.33
C ALA A 83 -22.17 -39.49 26.34
N ALA A 84 -22.11 -39.18 25.04
CA ALA A 84 -22.55 -40.10 23.99
C ALA A 84 -24.02 -40.48 24.15
N THR A 85 -24.85 -39.52 24.53
CA THR A 85 -26.28 -39.72 24.68
C THR A 85 -27.04 -38.80 23.74
N ASP A 86 -28.21 -39.27 23.29
CA ASP A 86 -29.01 -38.51 22.34
C ASP A 86 -29.32 -37.11 22.85
N ASP A 87 -29.64 -36.98 24.14
CA ASP A 87 -30.09 -35.70 24.67
C ASP A 87 -28.96 -34.68 24.74
N GLU A 88 -27.79 -35.09 25.23
CA GLU A 88 -26.68 -34.15 25.38
C GLU A 88 -26.09 -33.79 24.03
N THR A 89 -26.03 -34.75 23.10
CA THR A 89 -25.56 -34.44 21.76
C THR A 89 -26.52 -33.48 21.07
N ALA A 90 -27.83 -33.70 21.25
CA ALA A 90 -28.82 -32.84 20.63
C ALA A 90 -28.66 -31.39 21.07
N ARG A 91 -28.41 -31.18 22.37
CA ARG A 91 -28.32 -29.81 22.89
C ARG A 91 -27.02 -29.13 22.50
N ALA A 92 -25.94 -29.90 22.34
CA ALA A 92 -24.71 -29.32 21.82
C ALA A 92 -24.86 -28.97 20.35
N VAL A 93 -25.40 -29.90 19.56
CA VAL A 93 -25.62 -29.66 18.14
C VAL A 93 -26.58 -28.50 17.93
N ALA A 94 -27.65 -28.42 18.73
CA ALA A 94 -28.65 -27.38 18.53
C ALA A 94 -28.06 -25.98 18.70
N LEU A 95 -27.23 -25.79 19.73
CA LEU A 95 -26.66 -24.47 19.98
C LEU A 95 -25.72 -24.05 18.85
N HIS A 96 -24.71 -24.88 18.57
CA HIS A 96 -23.73 -24.54 17.53
C HIS A 96 -24.38 -24.40 16.16
N ARG A 97 -25.33 -25.29 15.84
CA ARG A 97 -26.08 -25.16 14.59
C ARG A 97 -26.86 -23.86 14.54
N ALA A 98 -27.40 -23.43 15.68
CA ALA A 98 -28.09 -22.15 15.72
C ALA A 98 -27.20 -20.95 15.39
N HIS A 99 -25.88 -21.09 15.60
CA HIS A 99 -24.93 -20.02 15.36
C HIS A 99 -24.12 -20.23 14.08
N GLY A 100 -24.55 -21.14 13.22
CA GLY A 100 -23.99 -21.31 11.89
C GLY A 100 -23.07 -22.50 11.70
N SER A 101 -22.77 -23.26 12.74
CA SER A 101 -21.94 -24.45 12.58
C SER A 101 -22.84 -25.54 12.04
N THR A 102 -22.88 -25.69 10.71
CA THR A 102 -23.71 -26.70 10.07
C THR A 102 -23.03 -28.04 9.91
N THR A 103 -21.74 -28.10 10.21
CA THR A 103 -21.00 -29.34 10.22
C THR A 103 -20.14 -29.37 11.47
N LEU A 104 -20.14 -30.52 12.15
CA LEU A 104 -19.53 -30.69 13.46
C LEU A 104 -18.84 -32.03 13.55
N VAL A 105 -17.59 -32.03 14.03
CA VAL A 105 -16.88 -33.24 14.38
C VAL A 105 -16.82 -33.27 15.90
N ALA A 106 -17.42 -34.30 16.49
CA ALA A 106 -17.52 -34.36 17.95
C ALA A 106 -16.23 -34.91 18.53
N SER A 107 -15.65 -34.17 19.46
CA SER A 107 -14.35 -34.53 20.04
C SER A 107 -14.55 -35.22 21.37
N LEU A 108 -13.75 -36.26 21.59
CA LEU A 108 -13.75 -37.03 22.83
C LEU A 108 -12.43 -36.81 23.55
N VAL A 109 -12.51 -36.51 24.85
CA VAL A 109 -11.31 -36.34 25.66
C VAL A 109 -10.79 -37.71 26.06
N THR A 110 -9.60 -37.73 26.66
CA THR A 110 -8.97 -38.99 27.08
C THR A 110 -9.93 -39.80 27.95
N ALA A 111 -9.90 -41.12 27.76
CA ALA A 111 -10.78 -42.00 28.51
C ALA A 111 -10.20 -43.41 28.51
N GLY A 112 -10.64 -44.20 29.49
CA GLY A 112 -10.27 -45.59 29.60
C GLY A 112 -10.76 -46.42 28.42
N PRO A 113 -10.16 -47.60 28.24
CA PRO A 113 -10.54 -48.43 27.08
C PRO A 113 -12.03 -48.75 27.04
N GLU A 114 -12.62 -49.10 28.18
CA GLU A 114 -14.03 -49.48 28.20
C GLU A 114 -14.94 -48.30 27.88
N ASP A 115 -14.75 -47.18 28.59
CA ASP A 115 -15.53 -45.98 28.33
C ASP A 115 -15.39 -45.51 26.89
N LEU A 116 -14.18 -45.59 26.34
CA LEU A 116 -13.93 -45.18 24.96
C LEU A 116 -14.84 -45.91 23.97
N LEU A 117 -14.91 -47.24 24.10
CA LEU A 117 -15.76 -48.02 23.20
C LEU A 117 -17.23 -47.65 23.31
N ARG A 118 -17.73 -47.44 24.54
CA ARG A 118 -19.13 -47.05 24.68
C ARG A 118 -19.41 -45.71 23.99
N GLN A 119 -18.52 -44.74 24.22
CA GLN A 119 -18.68 -43.40 23.66
C GLN A 119 -18.58 -43.40 22.14
N VAL A 120 -17.62 -44.12 21.57
CA VAL A 120 -17.49 -44.17 20.12
C VAL A 120 -18.76 -44.73 19.50
N SER A 121 -19.24 -45.85 20.03
CA SER A 121 -20.48 -46.43 19.50
C SER A 121 -21.64 -45.47 19.65
N GLY A 122 -21.74 -44.78 20.79
CA GLY A 122 -22.84 -43.84 20.97
C GLY A 122 -22.78 -42.66 20.01
N LEU A 123 -21.58 -42.12 19.78
CA LEU A 123 -21.46 -41.01 18.84
C LEU A 123 -21.60 -41.51 17.41
N ALA A 124 -21.03 -42.68 17.09
CA ALA A 124 -21.15 -43.24 15.75
C ALA A 124 -22.61 -43.36 15.34
N ARG A 125 -23.48 -43.64 16.31
CA ARG A 125 -24.92 -43.68 16.04
C ARG A 125 -25.44 -42.30 15.67
N GLN A 126 -24.94 -41.26 16.34
CA GLN A 126 -25.39 -39.90 16.08
C GLN A 126 -24.79 -39.31 14.81
N VAL A 127 -23.64 -39.81 14.36
CA VAL A 127 -23.17 -39.50 13.01
C VAL A 127 -24.17 -40.00 11.99
N ARG A 128 -24.43 -41.32 12.01
CA ARG A 128 -25.41 -41.92 11.10
C ARG A 128 -26.77 -41.23 11.17
N ALA A 129 -27.15 -40.72 12.36
CA ALA A 129 -28.42 -40.02 12.50
C ALA A 129 -28.38 -38.60 11.93
N GLY A 130 -27.20 -38.04 11.69
CA GLY A 130 -27.07 -36.74 11.09
C GLY A 130 -26.85 -35.59 12.05
N LEU A 131 -26.86 -35.85 13.36
CA LEU A 131 -26.65 -34.77 14.31
C LEU A 131 -25.23 -34.23 14.19
N ILE A 132 -24.25 -35.13 14.13
CA ILE A 132 -22.85 -34.78 13.93
C ILE A 132 -22.35 -35.48 12.66
N ASP A 133 -21.20 -35.02 12.18
CA ASP A 133 -20.65 -35.46 10.90
C ASP A 133 -19.44 -36.36 11.06
N GLY A 134 -18.94 -36.55 12.28
CA GLY A 134 -17.78 -37.39 12.50
C GLY A 134 -17.34 -37.29 13.94
N ILE A 135 -16.34 -38.11 14.27
CA ILE A 135 -15.80 -38.19 15.62
C ILE A 135 -14.31 -37.85 15.58
N HIS A 136 -13.87 -37.05 16.54
CA HIS A 136 -12.46 -36.74 16.76
C HIS A 136 -12.04 -37.32 18.10
N LEU A 137 -10.99 -38.13 18.08
CA LEU A 137 -10.42 -38.70 19.30
C LEU A 137 -9.23 -37.85 19.73
N GLU A 138 -9.46 -36.94 20.68
CA GLU A 138 -8.38 -36.18 21.31
C GLU A 138 -7.98 -36.94 22.56
N GLY A 139 -6.97 -37.80 22.43
CA GLY A 139 -6.68 -38.75 23.47
C GLY A 139 -7.27 -40.11 23.16
N PRO A 140 -6.86 -41.14 23.92
CA PRO A 140 -5.99 -41.10 25.08
C PRO A 140 -4.47 -41.18 24.79
N TRP A 141 -4.05 -41.15 23.53
CA TRP A 141 -2.67 -41.48 23.19
C TRP A 141 -1.78 -40.24 23.11
N LEU A 142 -1.77 -39.50 24.22
CA LEU A 142 -1.11 -38.20 24.37
C LEU A 142 -0.09 -38.25 25.51
N SER A 143 0.62 -37.15 25.69
CA SER A 143 1.62 -37.05 26.74
C SER A 143 0.97 -36.59 28.04
N THR A 144 1.33 -37.25 29.15
CA THR A 144 0.84 -36.85 30.45
C THR A 144 1.41 -35.50 30.90
N LEU A 145 2.58 -35.06 30.38
CA LEU A 145 3.09 -33.76 30.80
C LEU A 145 2.32 -32.60 30.22
N ARG A 146 1.49 -32.79 29.20
CA ARG A 146 0.73 -31.67 28.64
C ARG A 146 -0.73 -32.10 28.58
N CYS A 147 -1.28 -32.38 29.77
CA CYS A 147 -2.63 -32.91 29.86
C CYS A 147 -3.68 -31.80 29.81
N GLY A 148 -3.62 -30.83 30.71
CA GLY A 148 -4.65 -29.80 30.70
C GLY A 148 -5.94 -30.37 31.26
N ALA A 149 -7.03 -30.23 30.52
CA ALA A 149 -8.31 -30.72 31.01
C ALA A 149 -8.49 -32.22 30.81
N HIS A 150 -7.40 -32.98 30.72
CA HIS A 150 -7.44 -34.42 30.60
C HIS A 150 -6.94 -35.05 31.89
N GLN A 151 -7.38 -36.28 32.16
CA GLN A 151 -6.85 -37.06 33.28
C GLN A 151 -5.57 -37.76 32.81
N PRO A 152 -4.40 -37.25 33.17
CA PRO A 152 -3.13 -37.85 32.69
C PRO A 152 -2.99 -39.33 32.99
N VAL A 153 -3.55 -39.82 34.10
CA VAL A 153 -3.39 -41.23 34.49
C VAL A 153 -3.90 -42.15 33.38
N LEU A 154 -4.92 -41.72 32.64
CA LEU A 154 -5.57 -42.58 31.66
C LEU A 154 -4.86 -42.59 30.31
N MET A 155 -4.00 -41.60 30.04
CA MET A 155 -3.26 -41.59 28.79
C MET A 155 -2.35 -42.82 28.69
N ARG A 156 -2.17 -43.31 27.47
CA ARG A 156 -1.48 -44.57 27.28
C ARG A 156 -0.88 -44.62 25.87
N ASP A 157 0.07 -45.54 25.71
CA ASP A 157 0.73 -45.73 24.42
C ASP A 157 -0.27 -46.26 23.40
N PRO A 158 -0.19 -45.82 22.14
CA PRO A 158 -1.12 -46.32 21.12
C PRO A 158 -0.86 -47.80 20.85
N ASP A 159 -1.87 -48.62 21.11
CA ASP A 159 -1.77 -50.05 20.91
C ASP A 159 -2.56 -50.42 19.65
N PRO A 160 -1.93 -51.06 18.66
CA PRO A 160 -2.65 -51.31 17.41
C PRO A 160 -3.87 -52.20 17.57
N GLY A 161 -3.93 -52.99 18.65
CA GLY A 161 -5.13 -53.76 18.91
C GLY A 161 -6.31 -52.90 19.33
N GLU A 162 -6.08 -51.99 20.27
CA GLU A 162 -7.17 -51.12 20.72
C GLU A 162 -7.57 -50.13 19.63
N ILE A 163 -6.60 -49.61 18.89
CA ILE A 163 -6.90 -48.70 17.79
C ILE A 163 -7.82 -49.37 16.77
N GLY A 164 -7.50 -50.62 16.40
CA GLY A 164 -8.36 -51.35 15.49
C GLY A 164 -9.76 -51.53 16.04
N ARG A 165 -9.87 -51.87 17.33
CA ARG A 165 -11.17 -52.04 17.95
C ARG A 165 -11.98 -50.75 17.92
N VAL A 166 -11.35 -49.61 18.16
CA VAL A 166 -12.09 -48.35 18.16
C VAL A 166 -12.62 -48.00 16.76
N LEU A 167 -11.80 -48.14 15.71
CA LEU A 167 -12.32 -47.85 14.37
C LEU A 167 -13.40 -48.82 13.94
N ASP A 168 -13.24 -50.10 14.25
CA ASP A 168 -14.33 -51.03 13.97
C ASP A 168 -15.62 -50.59 14.66
N ALA A 169 -15.51 -50.18 15.92
CA ALA A 169 -16.71 -49.78 16.66
C ALA A 169 -17.37 -48.55 16.04
N GLY A 170 -16.57 -47.64 15.49
CA GLY A 170 -17.08 -46.42 14.89
C GLY A 170 -17.64 -46.59 13.50
N GLU A 171 -17.34 -47.70 12.84
CA GLU A 171 -17.84 -48.01 11.50
C GLU A 171 -17.53 -46.88 10.51
N GLY A 172 -16.31 -46.38 10.56
CA GLY A 172 -15.89 -45.35 9.65
C GLY A 172 -16.28 -43.94 10.02
N THR A 173 -16.84 -43.72 11.22
CA THR A 173 -17.26 -42.39 11.63
C THR A 173 -16.18 -41.64 12.40
N VAL A 174 -15.13 -42.32 12.86
CA VAL A 174 -14.00 -41.62 13.46
C VAL A 174 -13.22 -40.94 12.35
N ARG A 175 -13.20 -39.61 12.37
CA ARG A 175 -12.58 -38.83 11.30
C ARG A 175 -11.16 -38.37 11.62
N MET A 176 -10.84 -38.18 12.89
CA MET A 176 -9.56 -37.59 13.26
C MET A 176 -9.14 -38.11 14.64
N VAL A 177 -7.85 -38.38 14.78
CA VAL A 177 -7.26 -38.79 16.05
C VAL A 177 -6.02 -37.95 16.30
N THR A 178 -5.94 -37.38 17.49
CA THR A 178 -4.76 -36.61 17.88
C THR A 178 -3.74 -37.59 18.44
N ILE A 179 -2.48 -37.43 18.03
CA ILE A 179 -1.42 -38.35 18.41
C ILE A 179 -0.25 -37.55 18.98
N ALA A 180 0.31 -38.04 20.07
CA ALA A 180 1.57 -37.52 20.59
C ALA A 180 2.72 -38.27 19.92
N PRO A 181 3.50 -37.64 19.04
CA PRO A 181 4.49 -38.38 18.23
C PRO A 181 5.62 -38.97 19.06
N GLU A 182 5.71 -38.64 20.34
CA GLU A 182 6.80 -39.09 21.19
C GLU A 182 6.48 -40.37 21.97
N ARG A 183 5.26 -40.87 21.87
CA ARG A 183 4.89 -42.12 22.52
C ARG A 183 5.37 -43.31 21.69
N ASP A 184 5.74 -44.39 22.38
CA ASP A 184 6.16 -45.59 21.68
C ASP A 184 5.03 -46.09 20.78
N GLY A 185 5.37 -46.44 19.54
CA GLY A 185 4.34 -46.84 18.61
C GLY A 185 3.54 -45.72 17.99
N ALA A 186 3.95 -44.46 18.18
CA ALA A 186 3.18 -43.35 17.61
C ALA A 186 3.30 -43.31 16.10
N LEU A 187 4.49 -43.59 15.56
CA LEU A 187 4.66 -43.53 14.11
C LEU A 187 3.96 -44.69 13.43
N ALA A 188 3.91 -45.86 14.06
CA ALA A 188 3.11 -46.96 13.53
C ALA A 188 1.63 -46.65 13.63
N ALA A 189 1.19 -46.07 14.75
CA ALA A 189 -0.23 -45.75 14.92
C ALA A 189 -0.70 -44.72 13.89
N ILE A 190 0.16 -43.75 13.58
CA ILE A 190 -0.16 -42.77 12.56
C ILE A 190 -0.34 -43.44 11.20
N ALA A 191 0.58 -44.34 10.84
CA ALA A 191 0.43 -45.09 9.60
C ALA A 191 -0.85 -45.92 9.63
N GLN A 192 -1.16 -46.52 10.78
CA GLN A 192 -2.36 -47.33 10.90
C GLN A 192 -3.61 -46.49 10.71
N LEU A 193 -3.65 -45.29 11.32
CA LEU A 193 -4.82 -44.43 11.19
C LEU A 193 -5.02 -43.96 9.74
N VAL A 194 -3.95 -43.51 9.08
CA VAL A 194 -4.09 -42.97 7.74
C VAL A 194 -4.47 -44.07 6.75
N ASN A 195 -4.07 -45.31 7.02
CA ASN A 195 -4.48 -46.43 6.18
C ASN A 195 -5.97 -46.73 6.34
N ALA A 196 -6.53 -46.43 7.50
CA ALA A 196 -7.96 -46.59 7.74
C ALA A 196 -8.78 -45.41 7.24
N GLY A 197 -8.14 -44.47 6.56
CA GLY A 197 -8.83 -43.27 6.10
C GLY A 197 -9.09 -42.25 7.18
N VAL A 198 -8.35 -42.33 8.28
CA VAL A 198 -8.53 -41.44 9.41
C VAL A 198 -7.45 -40.37 9.39
N VAL A 199 -7.84 -39.15 9.74
CA VAL A 199 -6.90 -38.04 9.83
C VAL A 199 -6.06 -38.20 11.10
N ALA A 200 -4.75 -38.08 10.95
CA ALA A 200 -3.82 -38.11 12.07
C ALA A 200 -3.43 -36.69 12.42
N ALA A 201 -3.67 -36.29 13.66
CA ALA A 201 -3.36 -34.95 14.10
C ALA A 201 -2.28 -35.04 15.17
N VAL A 202 -1.42 -34.02 15.22
CA VAL A 202 -0.34 -33.93 16.19
C VAL A 202 -0.81 -33.00 17.30
N GLY A 203 -0.74 -33.43 18.57
CA GLY A 203 -1.14 -32.53 19.64
C GLY A 203 -0.84 -33.12 21.00
N HIS A 204 -1.00 -32.28 22.03
CA HIS A 204 -0.80 -32.64 23.43
C HIS A 204 0.51 -33.41 23.58
N THR A 205 1.59 -32.76 23.18
CA THR A 205 2.86 -33.43 22.93
C THR A 205 4.09 -32.64 23.33
N GLU A 206 5.09 -33.36 23.84
CA GLU A 206 6.45 -32.88 24.04
C GLU A 206 7.38 -33.28 22.90
N ALA A 207 6.83 -33.72 21.76
CA ALA A 207 7.69 -34.12 20.67
C ALA A 207 8.67 -33.00 20.35
N THR A 208 9.84 -33.40 19.87
CA THR A 208 10.81 -32.45 19.37
C THR A 208 10.43 -32.07 17.94
N TYR A 209 11.16 -31.10 17.38
CA TYR A 209 11.00 -30.82 15.96
C TYR A 209 11.19 -32.10 15.15
N ASP A 210 12.22 -32.88 15.49
CA ASP A 210 12.51 -34.09 14.71
C ASP A 210 11.42 -35.14 14.87
N GLN A 211 10.89 -35.31 16.08
CA GLN A 211 9.84 -36.30 16.30
C GLN A 211 8.54 -35.89 15.62
N THR A 212 8.22 -34.60 15.63
CA THR A 212 7.03 -34.12 14.93
C THR A 212 7.18 -34.22 13.43
N ARG A 213 8.37 -33.89 12.91
CA ARG A 213 8.61 -34.03 11.48
C ARG A 213 8.46 -35.47 11.03
N ALA A 214 8.88 -36.42 11.87
CA ALA A 214 8.70 -37.84 11.56
C ALA A 214 7.22 -38.20 11.46
N ALA A 215 6.42 -37.71 12.42
CA ALA A 215 4.99 -37.98 12.39
C ALA A 215 4.33 -37.42 11.14
N ILE A 216 4.75 -36.23 10.70
CA ILE A 216 4.19 -35.64 9.48
C ILE A 216 4.51 -36.52 8.26
N ASP A 217 5.75 -36.98 8.16
CA ASP A 217 6.14 -37.85 7.05
C ASP A 217 5.42 -39.20 7.12
N ALA A 218 5.05 -39.64 8.32
CA ALA A 218 4.28 -40.86 8.48
C ALA A 218 2.82 -40.69 8.07
N GLY A 219 2.37 -39.46 7.86
CA GLY A 219 1.02 -39.24 7.35
C GLY A 219 0.15 -38.31 8.17
N ALA A 220 0.70 -37.74 9.25
CA ALA A 220 -0.06 -36.75 10.00
C ALA A 220 -0.24 -35.50 9.13
N THR A 221 -1.47 -34.97 9.14
CA THR A 221 -1.80 -33.83 8.30
C THR A 221 -2.48 -32.69 9.04
N VAL A 222 -2.63 -32.78 10.36
CA VAL A 222 -3.31 -31.75 11.15
C VAL A 222 -2.51 -31.51 12.43
N GLY A 223 -2.42 -30.24 12.83
CA GLY A 223 -1.83 -29.90 14.11
C GLY A 223 -2.93 -29.53 15.09
N THR A 224 -3.09 -30.28 16.17
CA THR A 224 -4.16 -30.03 17.14
C THR A 224 -3.90 -28.77 17.95
N HIS A 225 -4.86 -27.84 17.93
CA HIS A 225 -4.77 -26.46 18.42
C HIS A 225 -3.36 -26.00 18.71
N LEU A 226 -2.67 -25.59 17.64
CA LEU A 226 -1.31 -25.09 17.70
C LEU A 226 -1.10 -24.12 18.86
N PHE A 227 0.00 -24.30 19.58
CA PHE A 227 0.52 -23.50 20.68
C PHE A 227 -0.16 -23.83 22.00
N ASN A 228 -1.24 -24.61 21.99
CA ASN A 228 -1.90 -25.04 23.21
C ASN A 228 -1.59 -26.51 23.44
N ALA A 229 -1.24 -26.86 24.68
CA ALA A 229 -0.80 -28.21 25.01
C ALA A 229 0.31 -28.66 24.07
N MET A 230 1.23 -27.75 23.78
CA MET A 230 2.26 -27.95 22.78
C MET A 230 3.57 -27.34 23.26
N ARG A 231 4.66 -28.07 23.06
CA ARG A 231 5.97 -27.53 23.40
C ARG A 231 6.19 -26.20 22.70
N PRO A 232 6.68 -25.18 23.41
CA PRO A 232 6.82 -23.86 22.79
C PRO A 232 7.96 -23.85 21.78
N ILE A 233 8.00 -22.79 20.99
CA ILE A 233 9.08 -22.58 20.04
C ILE A 233 10.31 -22.07 20.78
N ASP A 234 11.44 -22.74 20.56
CA ASP A 234 12.72 -22.32 21.15
C ASP A 234 13.77 -22.27 20.05
N ARG A 235 14.73 -21.35 20.21
CA ARG A 235 15.67 -21.09 19.13
C ARG A 235 16.55 -22.30 18.85
N ARG A 236 16.83 -23.13 19.85
CA ARG A 236 17.62 -24.34 19.64
C ARG A 236 16.79 -25.58 19.48
N GLU A 237 15.64 -25.66 20.14
CA GLU A 237 14.70 -26.77 19.96
C GLU A 237 13.42 -26.16 19.43
N PRO A 238 13.21 -26.17 18.11
CA PRO A 238 12.05 -25.48 17.53
C PRO A 238 10.70 -26.02 18.02
N GLY A 239 10.61 -27.30 18.32
CA GLY A 239 9.38 -27.90 18.81
C GLY A 239 8.39 -28.26 17.72
N PRO A 240 7.21 -28.75 18.13
CA PRO A 240 6.24 -29.25 17.15
C PRO A 240 5.63 -28.18 16.24
N ALA A 241 5.42 -26.96 16.74
CA ALA A 241 4.69 -25.95 15.98
C ALA A 241 5.36 -25.59 14.66
N VAL A 242 6.70 -25.58 14.63
CA VAL A 242 7.40 -25.24 13.39
C VAL A 242 7.36 -26.39 12.41
N ALA A 243 7.56 -27.62 12.88
CA ALA A 243 7.40 -28.79 12.01
C ALA A 243 6.05 -28.75 11.32
N LEU A 244 5.00 -28.42 12.07
CA LEU A 244 3.66 -28.46 11.49
C LEU A 244 3.45 -27.31 10.51
N THR A 245 3.95 -26.12 10.85
CA THR A 245 3.84 -24.98 9.96
C THR A 245 4.79 -25.07 8.77
N GLU A 246 5.87 -25.84 8.90
CA GLU A 246 6.86 -25.94 7.82
C GLU A 246 6.31 -26.74 6.64
N ASP A 247 5.54 -27.78 6.92
CA ASP A 247 5.16 -28.77 5.92
C ASP A 247 3.80 -28.42 5.32
N SER A 248 3.77 -28.26 4.00
CA SER A 248 2.57 -27.81 3.32
C SER A 248 1.43 -28.81 3.36
N ARG A 249 1.70 -30.08 3.73
CA ARG A 249 0.64 -31.07 3.85
C ARG A 249 -0.21 -30.89 5.11
N VAL A 250 0.18 -30.01 6.02
CA VAL A 250 -0.47 -29.90 7.33
C VAL A 250 -1.38 -28.69 7.36
N THR A 251 -2.58 -28.88 7.89
CA THR A 251 -3.49 -27.78 8.22
C THR A 251 -3.53 -27.64 9.74
N VAL A 252 -3.15 -26.47 10.24
CA VAL A 252 -3.11 -26.29 11.69
C VAL A 252 -4.42 -25.67 12.14
N GLU A 253 -4.98 -26.21 13.23
CA GLU A 253 -6.12 -25.59 13.88
C GLU A 253 -5.61 -24.53 14.86
N MET A 254 -6.42 -23.49 15.06
CA MET A 254 -6.13 -22.47 16.07
C MET A 254 -7.42 -21.95 16.68
N ILE A 255 -7.43 -21.85 18.01
CA ILE A 255 -8.53 -21.25 18.76
C ILE A 255 -8.29 -19.76 18.90
N VAL A 256 -9.05 -18.95 18.16
CA VAL A 256 -8.92 -17.50 18.23
C VAL A 256 -10.16 -16.98 18.95
N ASP A 257 -10.30 -17.36 20.22
CA ASP A 257 -11.36 -16.89 21.09
C ASP A 257 -10.92 -15.73 21.99
N GLY A 258 -9.70 -15.24 21.81
CA GLY A 258 -9.16 -14.18 22.62
C GLY A 258 -8.55 -14.65 23.93
N VAL A 259 -8.66 -15.93 24.26
CA VAL A 259 -8.16 -16.46 25.51
C VAL A 259 -6.99 -17.42 25.29
N HIS A 260 -7.09 -18.28 24.29
CA HIS A 260 -6.10 -19.34 24.16
C HIS A 260 -4.77 -18.84 23.59
N VAL A 261 -4.80 -17.99 22.56
CA VAL A 261 -3.58 -17.45 21.97
C VAL A 261 -3.74 -15.97 21.62
N ALA A 262 -2.62 -15.25 21.68
CA ALA A 262 -2.58 -13.84 21.34
C ALA A 262 -2.90 -13.64 19.85
N PRO A 263 -3.68 -12.62 19.50
CA PRO A 263 -3.99 -12.39 18.06
C PRO A 263 -2.75 -12.29 17.17
N ALA A 264 -1.64 -11.77 17.68
CA ALA A 264 -0.41 -11.71 16.89
C ALA A 264 0.11 -13.10 16.54
N ILE A 265 -0.15 -14.10 17.38
CA ILE A 265 0.23 -15.47 17.04
C ILE A 265 -0.60 -15.97 15.88
N TYR A 266 -1.92 -15.80 15.96
CA TYR A 266 -2.78 -16.11 14.82
C TYR A 266 -2.30 -15.40 13.57
N ARG A 267 -2.00 -14.11 13.69
CA ARG A 267 -1.49 -13.34 12.56
C ARG A 267 -0.16 -13.90 12.08
N HIS A 268 0.74 -14.23 13.01
CA HIS A 268 2.07 -14.75 12.64
C HIS A 268 1.97 -16.08 11.90
N ILE A 269 1.14 -16.99 12.41
CA ILE A 269 1.02 -18.31 11.79
C ILE A 269 0.38 -18.21 10.42
N THR A 270 -0.67 -17.40 10.30
CA THR A 270 -1.27 -17.16 9.00
C THR A 270 -0.23 -16.67 8.01
N GLN A 271 0.61 -15.72 8.44
CA GLN A 271 1.74 -15.28 7.63
C GLN A 271 2.60 -16.46 7.17
N THR A 272 2.86 -17.40 8.08
CA THR A 272 3.80 -18.48 7.78
C THR A 272 3.18 -19.54 6.87
N VAL A 273 1.98 -19.99 7.20
CA VAL A 273 1.39 -21.13 6.49
C VAL A 273 0.51 -20.73 5.32
N GLY A 274 0.09 -19.47 5.25
CA GLY A 274 -0.71 -18.99 4.15
C GLY A 274 -2.20 -19.15 4.36
N PRO A 275 -2.99 -18.70 3.39
CA PRO A 275 -4.45 -18.63 3.59
C PRO A 275 -5.15 -19.98 3.64
N GLU A 276 -4.53 -21.05 3.13
CA GLU A 276 -5.20 -22.32 2.96
C GLU A 276 -4.84 -23.36 4.02
N ARG A 277 -3.95 -23.03 4.96
CA ARG A 277 -3.34 -24.04 5.83
C ARG A 277 -3.67 -23.84 7.30
N LEU A 278 -4.63 -22.98 7.63
CA LEU A 278 -5.06 -22.81 9.01
C LEU A 278 -6.57 -23.03 9.09
N SER A 279 -7.00 -23.80 10.09
CA SER A 279 -8.40 -24.06 10.36
C SER A 279 -8.78 -23.38 11.66
N LEU A 280 -9.83 -22.59 11.64
CA LEU A 280 -10.39 -22.06 12.88
C LEU A 280 -11.26 -23.12 13.55
N ILE A 281 -11.06 -23.30 14.86
CA ILE A 281 -11.87 -24.20 15.66
C ILE A 281 -12.32 -23.43 16.90
N THR A 282 -13.27 -24.02 17.61
CA THR A 282 -13.71 -23.47 18.88
C THR A 282 -13.16 -24.23 20.08
N ASP A 283 -13.02 -25.55 19.97
CA ASP A 283 -12.73 -26.40 21.12
C ASP A 283 -13.77 -26.18 22.21
N ALA A 284 -15.00 -25.90 21.79
CA ALA A 284 -16.04 -25.46 22.71
C ALA A 284 -16.40 -26.56 23.70
N MET A 285 -16.52 -26.17 24.95
CA MET A 285 -16.98 -27.02 26.04
C MET A 285 -18.48 -26.83 26.26
N ALA A 286 -19.04 -27.64 27.17
CA ALA A 286 -20.49 -27.67 27.38
C ALA A 286 -21.07 -26.36 27.89
N ALA A 287 -20.26 -25.45 28.45
CA ALA A 287 -20.82 -24.20 28.94
C ALA A 287 -21.11 -23.21 27.82
N THR A 288 -20.64 -23.49 26.61
CA THR A 288 -20.91 -22.60 25.48
C THR A 288 -22.41 -22.38 25.32
N GLY A 289 -22.81 -21.11 25.43
CA GLY A 289 -24.20 -20.71 25.30
C GLY A 289 -24.97 -20.69 26.61
N MET A 290 -24.40 -21.26 27.67
CA MET A 290 -25.03 -21.30 28.98
C MET A 290 -24.56 -20.10 29.80
N SER A 291 -24.65 -20.20 31.13
CA SER A 291 -24.16 -19.21 32.06
C SER A 291 -22.89 -19.75 32.72
N ASP A 292 -22.55 -19.21 33.88
CA ASP A 292 -21.37 -19.65 34.61
C ASP A 292 -21.72 -20.77 35.58
N GLY A 293 -20.68 -21.32 36.21
CA GLY A 293 -20.84 -22.39 37.17
C GLY A 293 -19.63 -23.31 37.15
N VAL A 294 -19.85 -24.53 37.61
CA VAL A 294 -18.87 -25.60 37.54
C VAL A 294 -19.51 -26.77 36.80
N TYR A 295 -18.86 -27.22 35.72
CA TYR A 295 -19.55 -27.98 34.69
C TYR A 295 -19.13 -29.45 34.57
N ARG A 296 -18.03 -29.87 35.21
CA ARG A 296 -17.70 -31.29 35.36
C ARG A 296 -17.54 -32.00 34.01
N LEU A 297 -16.66 -31.47 33.17
CA LEU A 297 -16.41 -32.05 31.85
C LEU A 297 -15.21 -32.97 31.89
N GLY A 298 -15.28 -34.06 31.12
CA GLY A 298 -14.22 -35.03 31.05
C GLY A 298 -13.80 -35.51 32.43
N PRO A 299 -14.76 -36.05 33.18
CA PRO A 299 -14.60 -36.24 34.62
C PRO A 299 -13.68 -35.25 35.35
N LEU A 300 -13.82 -33.96 35.03
CA LEU A 300 -13.04 -32.93 35.69
C LEU A 300 -13.92 -31.72 35.99
N ASP A 301 -13.89 -31.26 37.24
CA ASP A 301 -14.51 -29.98 37.59
C ASP A 301 -13.91 -28.88 36.74
N ILE A 302 -14.75 -28.16 35.99
CA ILE A 302 -14.33 -27.00 35.21
C ILE A 302 -15.09 -25.79 35.72
N ASP A 303 -14.35 -24.80 36.23
CA ASP A 303 -14.93 -23.55 36.69
C ASP A 303 -14.99 -22.56 35.52
N VAL A 304 -16.19 -22.05 35.25
CA VAL A 304 -16.42 -21.09 34.17
C VAL A 304 -16.68 -19.73 34.81
N VAL A 305 -15.82 -18.76 34.48
CA VAL A 305 -15.68 -17.55 35.28
C VAL A 305 -16.36 -16.34 34.63
N ALA A 306 -16.12 -16.10 33.35
CA ALA A 306 -16.81 -15.04 32.62
C ALA A 306 -16.81 -15.42 31.14
N GLY A 307 -17.34 -16.60 30.87
CA GLY A 307 -17.09 -17.30 29.63
C GLY A 307 -15.82 -18.13 29.75
N VAL A 308 -14.82 -17.59 30.42
CA VAL A 308 -13.51 -18.24 30.55
C VAL A 308 -13.67 -19.48 31.42
N ALA A 309 -13.60 -20.66 30.81
CA ALA A 309 -13.67 -21.93 31.52
C ALA A 309 -12.27 -22.49 31.66
N ARG A 310 -11.81 -22.63 32.91
CA ARG A 310 -10.51 -23.22 33.22
C ARG A 310 -10.72 -24.34 34.24
N VAL A 311 -9.81 -25.30 34.22
CA VAL A 311 -9.83 -26.40 35.17
C VAL A 311 -9.86 -25.83 36.57
N ALA A 312 -10.95 -26.09 37.30
CA ALA A 312 -11.23 -25.49 38.59
C ALA A 312 -10.02 -25.52 39.51
N GLY A 313 -9.42 -24.36 39.75
CA GLY A 313 -8.20 -24.26 40.53
C GLY A 313 -7.07 -23.62 39.75
N THR A 314 -6.45 -24.40 38.86
CA THR A 314 -5.34 -23.90 38.06
C THR A 314 -5.81 -22.78 37.12
N ASP A 315 -4.83 -22.10 36.53
CA ASP A 315 -5.09 -21.13 35.46
C ASP A 315 -4.98 -21.77 34.07
N THR A 316 -5.09 -23.09 33.99
CA THR A 316 -5.07 -23.79 32.71
C THR A 316 -6.45 -23.72 32.08
N ILE A 317 -6.54 -23.09 30.91
CA ILE A 317 -7.83 -22.94 30.24
C ILE A 317 -8.25 -24.28 29.66
N ALA A 318 -9.47 -24.70 29.99
CA ALA A 318 -10.01 -26.02 29.61
C ALA A 318 -11.04 -25.82 28.50
N GLY A 319 -10.55 -25.55 27.30
CA GLY A 319 -11.42 -25.30 26.17
C GLY A 319 -11.96 -23.89 26.16
N SER A 320 -12.83 -23.63 25.19
CA SER A 320 -13.45 -22.32 25.01
C SER A 320 -14.95 -22.42 25.28
N THR A 321 -15.58 -21.25 25.40
CA THR A 321 -17.04 -21.15 25.39
C THR A 321 -17.52 -20.42 24.14
N ALA A 322 -16.76 -20.54 23.07
CA ALA A 322 -17.00 -19.82 21.83
C ALA A 322 -17.68 -20.72 20.80
N THR A 323 -18.44 -20.08 19.91
CA THR A 323 -18.98 -20.74 18.73
C THR A 323 -18.19 -20.28 17.51
N MET A 324 -18.36 -21.01 16.41
CA MET A 324 -17.66 -20.64 15.17
C MET A 324 -18.01 -19.22 14.74
N GLU A 325 -19.23 -18.76 15.03
CA GLU A 325 -19.59 -17.38 14.74
C GLU A 325 -18.65 -16.41 15.46
N GLN A 326 -18.27 -16.75 16.68
CA GLN A 326 -17.43 -15.88 17.49
C GLN A 326 -15.98 -15.93 17.01
N VAL A 327 -15.48 -17.13 16.70
CA VAL A 327 -14.11 -17.25 16.25
C VAL A 327 -13.97 -16.66 14.85
N PHE A 328 -15.01 -16.78 14.02
CA PHE A 328 -15.02 -16.11 12.73
C PHE A 328 -14.88 -14.60 12.91
N ARG A 329 -15.71 -14.04 13.80
CA ARG A 329 -15.68 -12.60 14.08
C ARG A 329 -14.32 -12.13 14.59
N LEU A 330 -13.72 -12.89 15.49
CA LEU A 330 -12.43 -12.46 16.05
C LEU A 330 -11.31 -12.59 15.02
N ALA A 331 -11.36 -13.63 14.19
CA ALA A 331 -10.39 -13.76 13.10
C ALA A 331 -10.48 -12.57 12.16
N VAL A 332 -11.70 -12.16 11.79
CA VAL A 332 -11.87 -11.01 10.90
C VAL A 332 -11.27 -9.76 11.55
N ALA A 333 -11.53 -9.56 12.84
CA ALA A 333 -11.10 -8.34 13.51
C ALA A 333 -9.58 -8.30 13.70
N HIS A 334 -8.97 -9.45 13.97
CA HIS A 334 -7.57 -9.48 14.40
C HIS A 334 -6.60 -9.93 13.34
N CYS A 335 -7.07 -10.29 12.13
CA CYS A 335 -6.13 -10.75 11.13
C CYS A 335 -5.33 -9.61 10.52
N GLY A 336 -5.69 -8.37 10.80
CA GLY A 336 -4.92 -7.24 10.33
C GLY A 336 -5.12 -6.89 8.88
N LEU A 337 -6.09 -7.52 8.22
CA LEU A 337 -6.34 -7.23 6.82
C LEU A 337 -7.52 -6.28 6.67
N PRO A 338 -7.63 -5.60 5.53
CA PRO A 338 -8.85 -4.84 5.24
C PRO A 338 -10.08 -5.73 5.22
N ARG A 339 -11.23 -5.08 5.43
CA ARG A 339 -12.49 -5.77 5.73
C ARG A 339 -12.78 -6.90 4.74
N ASP A 340 -12.79 -6.59 3.44
CA ASP A 340 -13.14 -7.59 2.44
C ASP A 340 -12.15 -8.74 2.45
N ASP A 341 -10.85 -8.43 2.48
CA ASP A 341 -9.84 -9.48 2.55
C ASP A 341 -9.95 -10.26 3.85
N ALA A 342 -10.31 -9.60 4.94
CA ALA A 342 -10.51 -10.31 6.20
C ALA A 342 -11.65 -11.30 6.10
N LEU A 343 -12.75 -10.90 5.43
CA LEU A 343 -13.86 -11.81 5.22
C LEU A 343 -13.45 -13.00 4.36
N SER A 344 -12.75 -12.73 3.27
CA SER A 344 -12.30 -13.81 2.38
C SER A 344 -11.36 -14.76 3.09
N LEU A 345 -10.40 -14.24 3.87
CA LEU A 345 -9.48 -15.10 4.61
C LEU A 345 -10.22 -15.95 5.64
N ALA A 346 -11.07 -15.30 6.44
CA ALA A 346 -11.77 -15.99 7.51
C ALA A 346 -12.69 -17.09 6.99
N VAL A 347 -13.28 -16.91 5.81
CA VAL A 347 -14.14 -17.95 5.26
C VAL A 347 -13.33 -19.19 4.89
N ARG A 348 -12.14 -19.00 4.32
CA ARG A 348 -11.29 -20.15 4.06
C ARG A 348 -10.91 -20.85 5.36
N GLN A 349 -10.61 -20.09 6.41
CA GLN A 349 -10.17 -20.68 7.66
C GLN A 349 -11.32 -21.29 8.45
N ALA A 350 -12.54 -20.74 8.30
CA ALA A 350 -13.68 -21.21 9.06
C ALA A 350 -14.58 -22.17 8.29
N CYS A 351 -14.40 -22.28 6.97
CA CYS A 351 -15.27 -23.12 6.16
C CYS A 351 -14.49 -24.06 5.25
N VAL A 352 -13.62 -23.51 4.41
CA VAL A 352 -12.98 -24.29 3.36
C VAL A 352 -11.88 -25.18 3.95
N ASN A 353 -10.92 -24.57 4.64
CA ASN A 353 -9.77 -25.34 5.13
C ASN A 353 -10.14 -26.49 6.07
N PRO A 354 -11.04 -26.33 7.05
CA PRO A 354 -11.33 -27.48 7.94
C PRO A 354 -12.03 -28.63 7.25
N ALA A 355 -12.97 -28.36 6.34
CA ALA A 355 -13.65 -29.44 5.63
C ALA A 355 -12.69 -30.20 4.71
N ARG A 356 -11.78 -29.48 4.05
CA ARG A 356 -10.76 -30.13 3.22
C ARG A 356 -9.84 -31.01 4.06
N ALA A 357 -9.32 -30.48 5.17
CA ALA A 357 -8.36 -31.22 5.98
C ALA A 357 -8.92 -32.57 6.44
N LEU A 358 -10.22 -32.63 6.73
CA LEU A 358 -10.82 -33.84 7.25
C LEU A 358 -11.61 -34.60 6.19
N GLY A 359 -11.41 -34.25 4.91
CA GLY A 359 -12.12 -34.89 3.81
C GLY A 359 -13.62 -34.79 3.88
N LEU A 360 -14.14 -33.72 4.48
CA LEU A 360 -15.59 -33.53 4.55
C LEU A 360 -16.10 -32.87 3.29
N PRO A 361 -17.39 -32.99 3.00
CA PRO A 361 -17.98 -32.31 1.83
C PRO A 361 -17.59 -30.84 1.75
N ALA A 362 -17.07 -30.44 0.59
CA ALA A 362 -16.54 -29.10 0.37
C ALA A 362 -17.56 -28.05 0.82
N ALA A 363 -17.23 -27.33 1.89
CA ALA A 363 -18.01 -26.18 2.37
C ALA A 363 -18.17 -25.02 1.40
N GLY A 364 -17.59 -25.09 0.21
CA GLY A 364 -17.71 -23.99 -0.73
C GLY A 364 -19.12 -23.87 -1.27
N LEU A 365 -19.58 -22.64 -1.45
CA LEU A 365 -20.92 -22.38 -1.96
C LEU A 365 -20.77 -22.24 -3.48
N ALA A 366 -21.01 -23.36 -4.17
CA ALA A 366 -20.86 -23.45 -5.62
C ALA A 366 -21.89 -24.44 -6.15
N ALA A 367 -22.21 -24.29 -7.43
CA ALA A 367 -23.21 -25.14 -8.08
C ALA A 367 -22.94 -26.60 -7.74
N GLY A 368 -23.95 -27.26 -7.19
CA GLY A 368 -23.90 -28.66 -6.81
C GLY A 368 -23.64 -28.89 -5.34
N ALA A 369 -23.01 -27.93 -4.66
CA ALA A 369 -22.76 -28.06 -3.23
C ALA A 369 -24.07 -28.00 -2.45
N ARG A 370 -24.07 -28.64 -1.27
CA ARG A 370 -25.23 -28.57 -0.38
C ARG A 370 -25.42 -27.16 0.16
N ALA A 371 -26.69 -26.75 0.29
CA ALA A 371 -27.06 -25.38 0.67
C ALA A 371 -26.96 -25.19 2.18
N ASP A 372 -25.73 -24.95 2.62
CA ASP A 372 -25.40 -24.54 3.98
C ASP A 372 -24.86 -23.10 3.92
N LEU A 373 -25.55 -22.17 4.57
CA LEU A 373 -25.12 -20.77 4.49
C LEU A 373 -25.49 -20.07 5.80
N VAL A 374 -24.86 -18.92 6.02
CA VAL A 374 -25.06 -18.15 7.23
C VAL A 374 -25.32 -16.70 6.86
N VAL A 375 -26.29 -16.07 7.52
CA VAL A 375 -26.62 -14.67 7.30
C VAL A 375 -26.06 -13.83 8.45
N LEU A 376 -25.20 -12.88 8.11
CA LEU A 376 -24.60 -11.96 9.08
C LEU A 376 -25.10 -10.54 8.84
N ASP A 377 -25.37 -9.82 9.92
CA ASP A 377 -25.78 -8.43 9.84
C ASP A 377 -24.53 -7.54 9.79
N HIS A 378 -24.71 -6.24 10.00
CA HIS A 378 -23.60 -5.29 9.88
C HIS A 378 -22.48 -5.62 10.85
N ASP A 379 -22.82 -5.92 12.11
CA ASP A 379 -21.80 -6.29 13.10
C ASP A 379 -21.24 -7.69 12.89
N LEU A 380 -21.64 -8.38 11.83
CA LEU A 380 -21.20 -9.75 11.52
C LEU A 380 -21.70 -10.75 12.55
N ALA A 381 -22.87 -10.51 13.12
CA ALA A 381 -23.53 -11.51 13.95
C ALA A 381 -24.52 -12.31 13.11
N VAL A 382 -24.70 -13.57 13.50
CA VAL A 382 -25.58 -14.46 12.74
C VAL A 382 -27.02 -14.05 12.95
N THR A 383 -27.72 -13.74 11.86
CA THR A 383 -29.16 -13.48 11.87
C THR A 383 -29.98 -14.63 11.31
N ALA A 384 -29.42 -15.44 10.42
CA ALA A 384 -30.12 -16.61 9.90
C ALA A 384 -29.10 -17.68 9.55
N VAL A 385 -29.58 -18.92 9.50
CA VAL A 385 -28.77 -20.10 9.20
C VAL A 385 -29.56 -21.05 8.32
N MET A 386 -28.98 -21.45 7.19
CA MET A 386 -29.59 -22.43 6.31
C MET A 386 -28.74 -23.69 6.29
N ARG A 387 -29.41 -24.84 6.37
CA ARG A 387 -28.79 -26.15 6.29
C ARG A 387 -29.64 -27.10 5.45
N ALA A 388 -29.01 -27.74 4.47
CA ALA A 388 -29.70 -28.63 3.53
C ALA A 388 -30.86 -27.89 2.86
N GLY A 389 -30.65 -26.61 2.59
CA GLY A 389 -31.63 -25.79 1.90
C GLY A 389 -32.81 -25.39 2.74
N GLU A 390 -32.79 -25.67 4.04
CA GLU A 390 -33.86 -25.30 4.96
C GLU A 390 -33.34 -24.39 6.07
N TRP A 391 -34.13 -23.38 6.41
CA TRP A 391 -33.80 -22.43 7.45
C TRP A 391 -33.85 -23.11 8.81
N VAL A 392 -32.72 -23.18 9.52
CA VAL A 392 -32.80 -23.55 10.93
C VAL A 392 -33.22 -22.35 11.77
N VAL A 393 -32.70 -21.16 11.49
CA VAL A 393 -33.24 -19.95 12.11
C VAL A 393 -33.67 -18.98 11.01
N HIS B 16 37.91 -3.88 -20.58
CA HIS B 16 39.18 -4.03 -19.88
C HIS B 16 39.35 -5.49 -19.49
N MET B 17 38.43 -6.02 -18.66
CA MET B 17 38.38 -7.43 -18.34
C MET B 17 36.97 -7.97 -18.61
N LEU B 18 36.88 -9.06 -19.38
CA LEU B 18 35.61 -9.73 -19.67
C LEU B 18 35.66 -11.17 -19.16
N LEU B 19 34.98 -11.42 -18.04
CA LEU B 19 34.94 -12.72 -17.38
C LEU B 19 33.68 -13.50 -17.81
N THR B 20 33.83 -14.81 -17.97
CA THR B 20 32.72 -15.75 -18.14
C THR B 20 32.77 -16.82 -17.07
N ALA B 21 31.59 -17.40 -16.78
CA ALA B 21 31.46 -18.48 -15.81
C ALA B 21 30.17 -19.25 -16.05
N ASP B 22 30.20 -20.54 -15.69
CA ASP B 22 29.04 -21.41 -15.88
C ASP B 22 27.82 -20.96 -15.10
N THR B 23 28.00 -20.30 -13.95
CA THR B 23 26.88 -19.78 -13.19
C THR B 23 27.23 -18.36 -12.77
N VAL B 24 26.32 -17.42 -13.05
CA VAL B 24 26.45 -16.04 -12.62
C VAL B 24 25.18 -15.61 -11.91
N LEU B 25 25.29 -15.24 -10.64
CA LEU B 25 24.18 -14.69 -9.89
C LEU B 25 24.31 -13.17 -9.81
N THR B 26 23.29 -12.47 -10.29
CA THR B 26 23.36 -11.01 -10.37
C THR B 26 22.72 -10.33 -9.16
N GLY B 27 21.99 -11.06 -8.33
CA GLY B 27 21.20 -10.46 -7.28
C GLY B 27 19.72 -10.70 -7.54
N THR B 28 19.36 -10.63 -8.82
CA THR B 28 18.00 -10.82 -9.30
C THR B 28 17.85 -11.94 -10.32
N GLU B 29 18.92 -12.40 -10.95
CA GLU B 29 18.83 -13.45 -11.95
C GLU B 29 19.93 -14.49 -11.79
N LEU B 30 19.70 -15.64 -12.45
CA LEU B 30 20.60 -16.78 -12.50
C LEU B 30 21.03 -17.00 -13.94
N LEU B 31 22.31 -16.79 -14.22
CA LEU B 31 22.81 -16.85 -15.59
C LEU B 31 23.59 -18.14 -15.80
N ARG B 32 23.23 -18.89 -16.85
CA ARG B 32 23.90 -20.17 -17.11
C ARG B 32 23.97 -20.43 -18.60
N PRO B 33 25.15 -20.31 -19.22
CA PRO B 33 26.32 -19.77 -18.53
C PRO B 33 26.20 -18.25 -18.49
N GLY B 34 27.15 -17.56 -17.87
CA GLY B 34 27.06 -16.12 -17.75
C GLY B 34 28.39 -15.46 -18.08
N TRP B 35 28.34 -14.15 -18.18
CA TRP B 35 29.53 -13.38 -18.49
C TRP B 35 29.38 -11.96 -17.93
N LEU B 36 30.52 -11.38 -17.56
CA LEU B 36 30.55 -10.00 -17.09
C LEU B 36 31.63 -9.22 -17.81
N GLU B 37 31.32 -7.97 -18.12
CA GLU B 37 32.26 -6.99 -18.63
C GLU B 37 32.48 -6.08 -17.43
N ILE B 38 33.73 -5.96 -16.98
CA ILE B 38 34.01 -5.17 -15.80
C ILE B 38 34.81 -3.89 -16.08
N ALA B 39 35.62 -3.84 -17.12
CA ALA B 39 36.29 -2.59 -17.52
C ALA B 39 36.97 -1.96 -16.29
N SER B 40 36.66 -0.71 -15.94
CA SER B 40 37.24 0.05 -14.83
C SER B 40 36.81 -0.44 -13.45
N ASP B 41 36.07 0.41 -12.73
CA ASP B 41 35.70 0.12 -11.35
C ASP B 41 34.19 -0.14 -11.22
N ARG B 42 33.50 -0.28 -12.35
CA ARG B 42 32.05 -0.51 -12.47
C ARG B 42 31.80 -1.85 -13.20
N VAL B 43 30.65 -2.47 -12.98
CA VAL B 43 30.18 -3.53 -13.87
C VAL B 43 29.57 -2.89 -15.11
N VAL B 44 30.16 -3.17 -16.27
CA VAL B 44 29.64 -2.64 -17.54
C VAL B 44 28.40 -3.40 -18.03
N ALA B 45 28.44 -4.72 -18.02
CA ALA B 45 27.31 -5.47 -18.57
C ALA B 45 27.30 -6.88 -18.02
N VAL B 46 26.11 -7.48 -18.00
CA VAL B 46 25.93 -8.86 -17.58
C VAL B 46 24.84 -9.48 -18.44
N GLY B 47 25.00 -10.76 -18.73
CA GLY B 47 24.04 -11.47 -19.56
C GLY B 47 24.29 -12.96 -19.50
N ALA B 48 23.36 -13.70 -20.10
CA ALA B 48 23.45 -15.15 -20.19
C ALA B 48 23.98 -15.57 -21.56
N GLY B 49 24.45 -16.81 -21.63
CA GLY B 49 24.96 -17.32 -22.89
C GLY B 49 26.40 -16.93 -23.16
N ALA B 50 26.74 -16.92 -24.44
CA ALA B 50 28.09 -16.57 -24.86
C ALA B 50 28.31 -15.07 -24.75
N PRO B 51 29.52 -14.65 -24.41
CA PRO B 51 29.78 -13.22 -24.18
C PRO B 51 29.76 -12.45 -25.48
N PRO B 52 29.55 -11.13 -25.44
CA PRO B 52 29.49 -10.33 -26.67
C PRO B 52 30.83 -10.20 -27.37
N ALA B 53 31.92 -10.61 -26.74
CA ALA B 53 33.23 -10.63 -27.37
C ALA B 53 34.02 -11.79 -26.78
N GLN B 54 35.25 -11.95 -27.26
CA GLN B 54 36.13 -12.96 -26.70
C GLN B 54 36.44 -12.63 -25.24
N ALA B 55 36.49 -13.67 -24.41
CA ALA B 55 36.69 -13.50 -22.99
C ALA B 55 38.17 -13.35 -22.67
N ASP B 56 38.46 -12.61 -21.60
CA ASP B 56 39.84 -12.59 -21.13
C ASP B 56 40.09 -13.77 -20.18
N ARG B 57 39.27 -13.91 -19.15
CA ARG B 57 39.38 -14.99 -18.18
C ARG B 57 38.13 -15.83 -18.34
N ASN B 58 38.29 -17.07 -18.78
CA ASN B 58 37.18 -18.02 -18.84
C ASN B 58 37.18 -18.94 -17.61
N LEU B 59 36.29 -18.67 -16.66
CA LEU B 59 36.24 -19.52 -15.48
C LEU B 59 35.63 -20.86 -15.87
N GLY B 60 35.85 -21.86 -15.02
CA GLY B 60 35.33 -23.19 -15.27
C GLY B 60 34.05 -23.46 -14.51
N ALA B 61 33.95 -24.67 -13.98
CA ALA B 61 32.75 -25.11 -13.26
C ALA B 61 32.70 -24.40 -11.91
N ALA B 62 32.61 -23.08 -11.94
CA ALA B 62 32.48 -22.26 -10.74
C ALA B 62 31.21 -21.42 -10.79
N THR B 63 30.81 -20.96 -9.61
CA THR B 63 29.69 -20.05 -9.42
C THR B 63 30.21 -18.71 -8.93
N VAL B 64 29.89 -17.65 -9.66
CA VAL B 64 30.26 -16.29 -9.28
C VAL B 64 29.05 -15.67 -8.60
N VAL B 65 29.26 -15.10 -7.43
CA VAL B 65 28.21 -14.40 -6.69
C VAL B 65 28.69 -12.99 -6.36
N PRO B 66 27.77 -12.08 -6.05
CA PRO B 66 28.19 -10.74 -5.60
C PRO B 66 28.91 -10.84 -4.26
N GLY B 67 29.71 -9.82 -3.97
CA GLY B 67 30.41 -9.79 -2.71
C GLY B 67 29.45 -9.87 -1.54
N PHE B 68 29.91 -10.51 -0.47
CA PHE B 68 29.09 -10.65 0.73
C PHE B 68 29.11 -9.33 1.51
N VAL B 69 27.98 -9.03 2.15
CA VAL B 69 27.80 -7.74 2.84
C VAL B 69 27.47 -8.06 4.30
N ASP B 70 28.50 -8.08 5.14
CA ASP B 70 28.33 -8.40 6.57
C ASP B 70 28.08 -7.10 7.33
N THR B 71 26.84 -6.94 7.82
CA THR B 71 26.40 -5.71 8.45
C THR B 71 26.43 -5.76 9.97
N HIS B 72 27.07 -6.78 10.56
CA HIS B 72 27.11 -6.91 12.02
C HIS B 72 28.21 -7.91 12.35
N LEU B 73 29.40 -7.39 12.67
CA LEU B 73 30.52 -8.23 13.08
C LEU B 73 31.41 -7.39 13.98
N HIS B 74 32.15 -8.08 14.84
CA HIS B 74 32.93 -7.43 15.88
C HIS B 74 34.44 -7.51 15.67
N GLY B 75 34.90 -8.34 14.73
CA GLY B 75 36.32 -8.47 14.49
C GLY B 75 36.59 -9.77 13.74
N GLY B 76 37.86 -10.16 13.75
CA GLY B 76 38.25 -11.37 13.05
C GLY B 76 39.75 -11.40 12.82
N GLY B 77 40.24 -12.60 12.54
CA GLY B 77 41.66 -12.83 12.36
C GLY B 77 42.53 -12.36 13.50
N GLY B 78 41.97 -12.36 14.71
CA GLY B 78 42.67 -11.90 15.89
C GLY B 78 42.44 -10.45 16.21
N GLY B 79 41.84 -9.71 15.28
CA GLY B 79 41.64 -8.28 15.44
C GLY B 79 40.26 -7.98 15.99
N ASN B 80 40.18 -6.98 16.84
CA ASN B 80 38.91 -6.50 17.38
C ASN B 80 38.63 -5.11 16.82
N PHE B 81 37.45 -4.93 16.22
CA PHE B 81 37.05 -3.61 15.78
C PHE B 81 36.93 -2.65 16.96
N SER B 82 36.58 -3.16 18.14
CA SER B 82 36.46 -2.34 19.32
C SER B 82 37.79 -1.73 19.75
N ALA B 83 38.91 -2.28 19.28
CA ALA B 83 40.21 -1.69 19.58
C ALA B 83 40.38 -0.36 18.88
N ALA B 84 39.76 -0.18 17.71
CA ALA B 84 39.80 1.07 16.96
C ALA B 84 41.22 1.49 16.62
N THR B 85 42.05 0.51 16.25
CA THR B 85 43.42 0.75 15.85
C THR B 85 43.62 0.25 14.43
N ASP B 86 44.53 0.90 13.71
CA ASP B 86 44.79 0.54 12.32
C ASP B 86 45.15 -0.93 12.18
N ASP B 87 45.94 -1.45 13.14
CA ASP B 87 46.44 -2.82 13.02
C ASP B 87 45.34 -3.85 13.23
N GLU B 88 44.49 -3.66 14.24
CA GLU B 88 43.46 -4.66 14.53
C GLU B 88 42.35 -4.64 13.48
N THR B 89 41.99 -3.45 12.96
CA THR B 89 41.01 -3.40 11.89
C THR B 89 41.52 -4.06 10.61
N ALA B 90 42.79 -3.83 10.27
CA ALA B 90 43.35 -4.39 9.04
C ALA B 90 43.30 -5.91 9.06
N ARG B 91 43.63 -6.52 10.20
CA ARG B 91 43.69 -7.97 10.32
C ARG B 91 42.28 -8.55 10.39
N ALA B 92 41.31 -7.81 10.93
CA ALA B 92 39.91 -8.24 10.85
C ALA B 92 39.43 -8.13 9.41
N VAL B 93 39.72 -6.99 8.78
CA VAL B 93 39.35 -6.73 7.39
C VAL B 93 40.01 -7.75 6.47
N ALA B 94 41.27 -8.10 6.74
CA ALA B 94 42.00 -9.00 5.86
C ALA B 94 41.33 -10.37 5.78
N LEU B 95 40.89 -10.90 6.92
CA LEU B 95 40.27 -12.23 6.93
C LEU B 95 38.95 -12.27 6.18
N HIS B 96 38.01 -11.42 6.57
CA HIS B 96 36.70 -11.45 5.94
C HIS B 96 36.79 -11.09 4.46
N ARG B 97 37.65 -10.14 4.10
CA ARG B 97 37.83 -9.85 2.68
C ARG B 97 38.38 -11.04 1.92
N ALA B 98 39.29 -11.80 2.52
CA ALA B 98 39.81 -13.00 1.87
C ALA B 98 38.73 -14.05 1.63
N HIS B 99 37.64 -14.02 2.39
CA HIS B 99 36.57 -15.01 2.28
C HIS B 99 35.32 -14.49 1.58
N GLY B 100 35.40 -13.34 0.89
CA GLY B 100 34.31 -12.86 0.06
C GLY B 100 33.48 -11.74 0.62
N SER B 101 33.74 -11.29 1.85
CA SER B 101 33.02 -10.17 2.45
C SER B 101 33.63 -8.88 1.92
N THR B 102 33.01 -8.33 0.86
CA THR B 102 33.53 -7.10 0.25
C THR B 102 32.97 -5.83 0.88
N THR B 103 31.99 -5.95 1.76
CA THR B 103 31.48 -4.82 2.52
C THR B 103 31.28 -5.24 3.97
N LEU B 104 31.71 -4.39 4.90
CA LEU B 104 31.75 -4.72 6.31
C LEU B 104 31.31 -3.50 7.10
N VAL B 105 30.38 -3.71 8.02
CA VAL B 105 29.96 -2.70 9.00
C VAL B 105 30.51 -3.14 10.35
N ALA B 106 31.40 -2.33 10.94
CA ALA B 106 32.08 -2.71 12.18
C ALA B 106 31.21 -2.41 13.40
N SER B 107 30.98 -3.43 14.23
CA SER B 107 30.12 -3.33 15.39
C SER B 107 30.91 -3.12 16.68
N LEU B 108 30.41 -2.23 17.54
CA LEU B 108 30.99 -1.95 18.85
C LEU B 108 30.02 -2.43 19.92
N VAL B 109 30.54 -3.18 20.90
CA VAL B 109 29.76 -3.64 22.03
C VAL B 109 29.62 -2.52 23.05
N THR B 110 28.79 -2.74 24.07
CA THR B 110 28.57 -1.73 25.10
C THR B 110 29.90 -1.25 25.68
N ALA B 111 29.97 0.05 25.95
CA ALA B 111 31.18 0.66 26.47
C ALA B 111 30.81 1.97 27.16
N GLY B 112 31.70 2.42 28.04
CA GLY B 112 31.53 3.69 28.70
C GLY B 112 31.52 4.83 27.71
N PRO B 113 31.01 5.98 28.14
CA PRO B 113 30.89 7.13 27.21
C PRO B 113 32.20 7.55 26.57
N GLU B 114 33.28 7.60 27.35
CA GLU B 114 34.56 8.07 26.82
C GLU B 114 35.13 7.12 25.77
N ASP B 115 35.25 5.84 26.08
CA ASP B 115 35.77 4.86 25.12
C ASP B 115 34.92 4.83 23.86
N LEU B 116 33.60 4.94 24.01
CA LEU B 116 32.71 4.93 22.85
C LEU B 116 33.10 6.03 21.86
N LEU B 117 33.32 7.24 22.37
CA LEU B 117 33.71 8.35 21.51
C LEU B 117 35.07 8.07 20.85
N ARG B 118 36.03 7.52 21.60
CA ARG B 118 37.33 7.18 21.02
C ARG B 118 37.20 6.13 19.93
N GLN B 119 36.41 5.08 20.18
CA GLN B 119 36.25 4.01 19.20
C GLN B 119 35.58 4.51 17.92
N VAL B 120 34.53 5.29 18.05
CA VAL B 120 33.84 5.82 16.87
C VAL B 120 34.78 6.67 16.02
N SER B 121 35.50 7.60 16.65
CA SER B 121 36.45 8.43 15.90
C SER B 121 37.54 7.59 15.24
N GLY B 122 38.09 6.60 15.94
CA GLY B 122 39.13 5.78 15.35
C GLY B 122 38.65 4.95 14.17
N LEU B 123 37.46 4.36 14.28
CA LEU B 123 36.91 3.57 13.19
C LEU B 123 36.46 4.45 12.03
N ALA B 124 35.85 5.60 12.33
CA ALA B 124 35.39 6.51 11.29
C ALA B 124 36.51 6.88 10.31
N ARG B 125 37.75 6.98 10.79
CA ARG B 125 38.86 7.21 9.87
C ARG B 125 39.06 6.04 8.91
N GLN B 126 38.89 4.81 9.40
CA GLN B 126 39.09 3.65 8.55
C GLN B 126 37.94 3.42 7.58
N VAL B 127 36.73 3.89 7.91
CA VAL B 127 35.68 3.97 6.90
C VAL B 127 36.11 4.90 5.77
N ARG B 128 36.41 6.16 6.13
CA ARG B 128 36.89 7.11 5.14
C ARG B 128 38.08 6.55 4.36
N ALA B 129 38.92 5.74 5.02
CA ALA B 129 40.05 5.12 4.35
C ALA B 129 39.64 3.95 3.45
N GLY B 130 38.44 3.42 3.63
CA GLY B 130 37.93 2.35 2.79
C GLY B 130 38.07 0.94 3.32
N LEU B 131 38.70 0.74 4.48
CA LEU B 131 38.84 -0.61 5.00
C LEU B 131 37.48 -1.19 5.35
N ILE B 132 36.66 -0.41 6.05
CA ILE B 132 35.30 -0.78 6.40
C ILE B 132 34.35 0.26 5.81
N ASP B 133 33.08 -0.09 5.78
CA ASP B 133 32.07 0.73 5.12
C ASP B 133 31.12 1.44 6.07
N GLY B 134 31.22 1.18 7.37
CA GLY B 134 30.33 1.83 8.32
C GLY B 134 30.53 1.29 9.71
N ILE B 135 29.82 1.90 10.65
CA ILE B 135 29.90 1.56 12.06
C ILE B 135 28.52 1.12 12.54
N HIS B 136 28.51 0.03 13.32
CA HIS B 136 27.33 -0.47 14.01
C HIS B 136 27.54 -0.35 15.51
N LEU B 137 26.61 0.32 16.18
CA LEU B 137 26.66 0.44 17.64
C LEU B 137 25.74 -0.62 18.26
N GLU B 138 26.33 -1.74 18.69
CA GLU B 138 25.60 -2.74 19.47
C GLU B 138 25.85 -2.42 20.93
N GLY B 139 24.96 -1.65 21.53
CA GLY B 139 25.22 -1.08 22.82
C GLY B 139 25.69 0.35 22.69
N PRO B 140 25.74 1.09 23.81
CA PRO B 140 25.53 0.62 25.18
C PRO B 140 24.07 0.61 25.62
N TRP B 141 23.15 0.93 24.71
CA TRP B 141 21.76 1.19 25.08
C TRP B 141 20.89 -0.07 24.98
N LEU B 142 21.29 -1.09 25.72
CA LEU B 142 20.68 -2.41 25.63
C LEU B 142 20.15 -2.81 27.00
N SER B 143 19.49 -3.97 27.05
CA SER B 143 18.91 -4.47 28.30
C SER B 143 19.94 -5.31 29.06
N THR B 144 20.04 -5.07 30.37
CA THR B 144 20.93 -5.88 31.19
C THR B 144 20.44 -7.31 31.38
N LEU B 145 19.13 -7.55 31.24
CA LEU B 145 18.61 -8.91 31.38
C LEU B 145 18.91 -9.79 30.16
N ARG B 146 19.27 -9.19 29.03
CA ARG B 146 19.63 -9.86 27.78
C ARG B 146 20.97 -9.31 27.30
N CYS B 147 21.99 -9.47 28.14
CA CYS B 147 23.30 -8.92 27.86
C CYS B 147 24.09 -9.85 26.95
N GLY B 148 24.28 -11.09 27.38
CA GLY B 148 25.09 -11.99 26.58
C GLY B 148 26.54 -11.58 26.76
N ALA B 149 27.24 -11.38 25.67
CA ALA B 149 28.65 -11.02 25.75
C ALA B 149 28.86 -9.54 26.05
N HIS B 150 27.92 -8.85 26.67
CA HIS B 150 28.10 -7.46 27.04
C HIS B 150 28.26 -7.32 28.55
N GLN B 151 28.92 -6.25 28.98
CA GLN B 151 29.01 -5.90 30.39
C GLN B 151 27.77 -5.12 30.79
N PRO B 152 26.80 -5.76 31.45
CA PRO B 152 25.55 -5.07 31.80
C PRO B 152 25.72 -3.80 32.63
N VAL B 153 26.75 -3.72 33.48
CA VAL B 153 26.92 -2.56 34.35
C VAL B 153 27.03 -1.26 33.56
N LEU B 154 27.60 -1.31 32.35
CA LEU B 154 27.85 -0.10 31.58
C LEU B 154 26.65 0.33 30.75
N MET B 155 25.68 -0.56 30.55
CA MET B 155 24.48 -0.23 29.80
C MET B 155 23.72 0.90 30.51
N ARG B 156 23.07 1.74 29.70
CA ARG B 156 22.45 2.95 30.21
C ARG B 156 21.34 3.39 29.26
N ASP B 157 20.46 4.24 29.78
CA ASP B 157 19.36 4.76 28.97
C ASP B 157 19.89 5.64 27.85
N PRO B 158 19.30 5.59 26.66
CA PRO B 158 19.78 6.44 25.57
C PRO B 158 19.49 7.90 25.88
N ASP B 159 20.54 8.70 25.96
CA ASP B 159 20.44 10.12 26.26
C ASP B 159 20.70 10.91 25.00
N PRO B 160 19.77 11.80 24.59
CA PRO B 160 19.93 12.48 23.30
C PRO B 160 21.17 13.34 23.20
N GLY B 161 21.75 13.75 24.34
CA GLY B 161 23.01 14.48 24.29
C GLY B 161 24.17 13.60 23.86
N GLU B 162 24.29 12.40 24.43
CA GLU B 162 25.38 11.52 24.06
C GLU B 162 25.21 11.01 22.63
N ILE B 163 23.97 10.71 22.23
CA ILE B 163 23.70 10.26 20.86
C ILE B 163 24.19 11.29 19.85
N GLY B 164 23.87 12.57 20.10
CA GLY B 164 24.36 13.63 19.22
C GLY B 164 25.86 13.68 19.15
N ARG B 165 26.52 13.54 20.31
CA ARG B 165 27.98 13.56 20.34
C ARG B 165 28.58 12.40 19.54
N VAL B 166 27.99 11.21 19.63
CA VAL B 166 28.56 10.07 18.90
C VAL B 166 28.43 10.23 17.38
N LEU B 167 27.25 10.62 16.88
CA LEU B 167 27.15 10.82 15.43
C LEU B 167 28.01 11.99 14.97
N ASP B 168 28.07 13.08 15.73
CA ASP B 168 29.00 14.15 15.39
C ASP B 168 30.42 13.61 15.29
N ALA B 169 30.82 12.77 16.27
CA ALA B 169 32.16 12.24 16.27
C ALA B 169 32.42 11.36 15.05
N GLY B 170 31.38 10.64 14.62
CA GLY B 170 31.47 9.76 13.48
C GLY B 170 31.40 10.43 12.14
N GLU B 171 30.98 11.69 12.09
CA GLU B 171 30.91 12.44 10.83
C GLU B 171 30.10 11.66 9.80
N GLY B 172 28.94 11.15 10.23
CA GLY B 172 28.08 10.43 9.32
C GLY B 172 28.45 8.98 9.13
N THR B 173 29.36 8.45 9.92
CA THR B 173 29.83 7.08 9.79
C THR B 173 29.07 6.08 10.66
N VAL B 174 28.29 6.52 11.65
CA VAL B 174 27.45 5.57 12.37
C VAL B 174 26.30 5.18 11.47
N ARG B 175 26.25 3.89 11.10
CA ARG B 175 25.26 3.42 10.14
C ARG B 175 24.05 2.77 10.81
N MET B 176 24.25 2.15 11.98
CA MET B 176 23.20 1.37 12.62
C MET B 176 23.43 1.41 14.12
N VAL B 177 22.34 1.50 14.89
CA VAL B 177 22.41 1.44 16.34
C VAL B 177 21.35 0.47 16.82
N THR B 178 21.74 -0.48 17.66
CA THR B 178 20.79 -1.41 18.26
C THR B 178 20.22 -0.78 19.51
N ILE B 179 18.89 -0.88 19.67
CA ILE B 179 18.18 -0.26 20.77
C ILE B 179 17.30 -1.28 21.45
N ALA B 180 17.29 -1.27 22.79
CA ALA B 180 16.33 -2.02 23.56
C ALA B 180 15.08 -1.16 23.76
N PRO B 181 13.94 -1.49 23.14
CA PRO B 181 12.80 -0.56 23.15
C PRO B 181 12.16 -0.33 24.50
N GLU B 182 12.55 -1.06 25.55
CA GLU B 182 11.90 -0.90 26.85
C GLU B 182 12.60 0.10 27.76
N ARG B 183 13.73 0.66 27.36
CA ARG B 183 14.39 1.67 28.18
C ARG B 183 13.69 3.01 28.01
N ASP B 184 13.64 3.79 29.09
CA ASP B 184 13.03 5.11 29.03
C ASP B 184 13.75 5.97 28.00
N GLY B 185 12.98 6.66 27.17
CA GLY B 185 13.54 7.46 26.09
C GLY B 185 13.97 6.68 24.87
N ALA B 186 13.63 5.39 24.78
CA ALA B 186 14.05 4.58 23.63
C ALA B 186 13.31 5.00 22.37
N LEU B 187 12.02 5.31 22.48
CA LEU B 187 11.25 5.68 21.29
C LEU B 187 11.66 7.05 20.76
N ALA B 188 12.02 7.97 21.66
CA ALA B 188 12.58 9.24 21.20
C ALA B 188 13.95 9.05 20.56
N ALA B 189 14.79 8.19 21.16
CA ALA B 189 16.13 7.97 20.60
C ALA B 189 16.05 7.37 19.21
N ILE B 190 15.10 6.47 18.98
CA ILE B 190 14.90 5.90 17.65
C ILE B 190 14.53 7.00 16.66
N ALA B 191 13.61 7.88 17.06
CA ALA B 191 13.26 9.01 16.20
C ALA B 191 14.46 9.90 15.96
N GLN B 192 15.29 10.11 16.99
CA GLN B 192 16.47 10.95 16.81
C GLN B 192 17.43 10.30 15.82
N LEU B 193 17.64 8.99 15.93
CA LEU B 193 18.53 8.28 15.03
C LEU B 193 18.01 8.30 13.60
N VAL B 194 16.72 8.02 13.42
CA VAL B 194 16.16 7.94 12.07
C VAL B 194 16.15 9.31 11.40
N ASN B 195 16.06 10.38 12.19
CA ASN B 195 16.15 11.72 11.62
C ASN B 195 17.57 12.04 11.15
N ALA B 196 18.58 11.42 11.76
CA ALA B 196 19.97 11.58 11.36
C ALA B 196 20.38 10.65 10.23
N GLY B 197 19.45 9.89 9.66
CA GLY B 197 19.79 8.93 8.62
C GLY B 197 20.45 7.66 9.10
N VAL B 198 20.32 7.32 10.38
CA VAL B 198 20.95 6.14 10.94
C VAL B 198 19.89 5.05 11.07
N VAL B 199 20.26 3.81 10.77
CA VAL B 199 19.33 2.70 10.93
C VAL B 199 19.17 2.37 12.40
N ALA B 200 17.92 2.26 12.85
CA ALA B 200 17.60 1.87 14.22
C ALA B 200 17.21 0.39 14.24
N ALA B 201 17.93 -0.39 15.04
CA ALA B 201 17.68 -1.83 15.15
C ALA B 201 17.24 -2.17 16.56
N VAL B 202 16.37 -3.18 16.67
CA VAL B 202 15.88 -3.67 17.96
C VAL B 202 16.65 -4.94 18.31
N GLY B 203 17.20 -4.99 19.52
CA GLY B 203 17.90 -6.18 19.95
C GLY B 203 18.29 -6.09 21.41
N HIS B 204 18.79 -7.22 21.92
CA HIS B 204 19.24 -7.37 23.30
C HIS B 204 18.22 -6.78 24.27
N THR B 205 16.99 -7.30 24.20
CA THR B 205 15.84 -6.64 24.80
C THR B 205 14.85 -7.64 25.38
N GLU B 206 14.28 -7.29 26.53
CA GLU B 206 13.11 -7.98 27.08
C GLU B 206 11.81 -7.27 26.75
N ALA B 207 11.83 -6.34 25.79
CA ALA B 207 10.64 -5.61 25.40
C ALA B 207 9.51 -6.58 25.06
N THR B 208 8.28 -6.14 25.29
CA THR B 208 7.15 -6.94 24.83
C THR B 208 6.89 -6.74 23.34
N TYR B 209 5.97 -7.54 22.81
CA TYR B 209 5.49 -7.33 21.44
C TYR B 209 5.00 -5.91 21.25
N ASP B 210 4.23 -5.40 22.23
CA ASP B 210 3.65 -4.06 22.09
C ASP B 210 4.75 -3.01 22.11
N GLN B 211 5.76 -3.18 22.97
CA GLN B 211 6.84 -2.22 23.04
C GLN B 211 7.70 -2.27 21.78
N THR B 212 7.91 -3.47 21.24
CA THR B 212 8.66 -3.62 20.00
C THR B 212 7.89 -3.07 18.80
N ARG B 213 6.57 -3.32 18.74
CA ARG B 213 5.77 -2.73 17.66
C ARG B 213 5.84 -1.21 17.70
N ALA B 214 5.85 -0.65 18.89
CA ALA B 214 5.97 0.80 19.03
C ALA B 214 7.28 1.30 18.45
N ALA B 215 8.38 0.60 18.74
CA ALA B 215 9.69 0.98 18.20
C ALA B 215 9.70 0.95 16.68
N ILE B 216 9.01 -0.03 16.07
CA ILE B 216 8.92 -0.10 14.62
C ILE B 216 8.24 1.13 14.05
N ASP B 217 7.12 1.56 14.67
CA ASP B 217 6.45 2.75 14.17
C ASP B 217 7.31 4.00 14.38
N ALA B 218 8.19 3.99 15.38
CA ALA B 218 9.11 5.09 15.57
C ALA B 218 10.24 5.09 14.55
N GLY B 219 10.41 4.01 13.79
CA GLY B 219 11.39 4.01 12.72
C GLY B 219 12.41 2.89 12.72
N ALA B 220 12.33 1.95 13.65
CA ALA B 220 13.23 0.81 13.59
C ALA B 220 12.90 -0.05 12.38
N THR B 221 13.92 -0.45 11.64
CA THR B 221 13.73 -1.22 10.42
C THR B 221 14.58 -2.48 10.35
N VAL B 222 15.33 -2.80 11.39
CA VAL B 222 16.21 -3.97 11.40
C VAL B 222 16.06 -4.68 12.75
N GLY B 223 16.07 -6.02 12.71
CA GLY B 223 16.08 -6.82 13.91
C GLY B 223 17.44 -7.43 14.18
N THR B 224 18.03 -7.07 15.32
CA THR B 224 19.36 -7.54 15.68
C THR B 224 19.34 -9.02 16.06
N HIS B 225 20.17 -9.81 15.36
CA HIS B 225 20.20 -11.27 15.37
C HIS B 225 18.97 -11.89 16.03
N LEU B 226 17.88 -11.97 15.28
CA LEU B 226 16.62 -12.57 15.73
C LEU B 226 16.84 -13.86 16.51
N PHE B 227 16.15 -13.97 17.64
CA PHE B 227 16.05 -15.10 18.54
C PHE B 227 17.23 -15.19 19.50
N ASN B 228 18.29 -14.41 19.34
CA ASN B 228 19.41 -14.38 20.26
C ASN B 228 19.37 -13.11 21.09
N ALA B 229 19.57 -13.26 22.42
CA ALA B 229 19.46 -12.15 23.35
C ALA B 229 18.11 -11.46 23.15
N MET B 230 17.08 -12.26 22.96
CA MET B 230 15.76 -11.80 22.58
C MET B 230 14.71 -12.64 23.30
N ARG B 231 13.69 -11.97 23.80
CA ARG B 231 12.58 -12.66 24.45
C ARG B 231 12.00 -13.73 23.51
N PRO B 232 11.77 -14.94 24.00
CA PRO B 232 11.28 -16.02 23.13
C PRO B 232 9.84 -15.77 22.72
N ILE B 233 9.40 -16.52 21.72
CA ILE B 233 8.01 -16.47 21.29
C ILE B 233 7.16 -17.26 22.28
N ASP B 234 6.10 -16.63 22.79
CA ASP B 234 5.18 -17.28 23.69
C ASP B 234 3.76 -17.04 23.20
N ARG B 235 2.87 -18.00 23.46
CA ARG B 235 1.54 -17.96 22.88
C ARG B 235 0.76 -16.75 23.38
N ARG B 236 1.03 -16.30 24.61
CA ARG B 236 0.37 -15.13 25.16
C ARG B 236 1.18 -13.86 25.02
N GLU B 237 2.51 -13.95 25.05
CA GLU B 237 3.39 -12.80 24.81
C GLU B 237 4.26 -13.09 23.61
N PRO B 238 3.89 -12.61 22.42
CA PRO B 238 4.66 -12.96 21.21
C PRO B 238 6.12 -12.51 21.27
N GLY B 239 6.39 -11.40 21.95
CA GLY B 239 7.75 -10.91 22.09
C GLY B 239 8.21 -10.14 20.87
N PRO B 240 9.47 -9.71 20.87
CA PRO B 240 9.96 -8.85 19.78
C PRO B 240 10.02 -9.57 18.45
N ALA B 241 10.33 -10.86 18.44
CA ALA B 241 10.56 -11.59 17.20
C ALA B 241 9.33 -11.59 16.31
N VAL B 242 8.13 -11.64 16.90
CA VAL B 242 6.93 -11.65 16.10
C VAL B 242 6.64 -10.26 15.55
N ALA B 243 6.79 -9.23 16.39
CA ALA B 243 6.67 -7.85 15.93
C ALA B 243 7.58 -7.55 14.75
N LEU B 244 8.83 -8.02 14.81
CA LEU B 244 9.80 -7.67 13.77
C LEU B 244 9.50 -8.40 12.46
N THR B 245 9.13 -9.68 12.54
CA THR B 245 8.79 -10.42 11.33
C THR B 245 7.44 -10.01 10.77
N GLU B 246 6.59 -9.42 11.62
CA GLU B 246 5.24 -9.02 11.20
C GLU B 246 5.27 -7.83 10.26
N ASP B 247 6.17 -6.88 10.50
CA ASP B 247 6.15 -5.58 9.86
C ASP B 247 7.06 -5.62 8.65
N SER B 248 6.53 -5.33 7.47
CA SER B 248 7.29 -5.48 6.23
C SER B 248 8.42 -4.47 6.12
N ARG B 249 8.43 -3.43 6.95
CA ARG B 249 9.51 -2.46 6.95
C ARG B 249 10.78 -3.00 7.62
N VAL B 250 10.72 -4.16 8.27
CA VAL B 250 11.83 -4.66 9.07
C VAL B 250 12.55 -5.76 8.32
N THR B 251 13.89 -5.70 8.33
CA THR B 251 14.76 -6.78 7.88
C THR B 251 15.39 -7.42 9.10
N VAL B 252 15.16 -8.72 9.29
CA VAL B 252 15.66 -9.43 10.47
C VAL B 252 17.01 -10.06 10.17
N GLU B 253 17.93 -9.93 11.13
CA GLU B 253 19.20 -10.64 11.08
C GLU B 253 19.05 -12.04 11.65
N MET B 254 19.85 -12.97 11.11
CA MET B 254 19.95 -14.31 11.68
C MET B 254 21.37 -14.83 11.49
N ILE B 255 21.92 -15.39 12.55
CA ILE B 255 23.23 -16.06 12.52
C ILE B 255 23.02 -17.53 12.17
N VAL B 256 23.40 -17.91 10.95
CA VAL B 256 23.25 -19.30 10.51
C VAL B 256 24.65 -19.91 10.47
N ASP B 257 25.26 -20.00 11.65
CA ASP B 257 26.54 -20.67 11.84
C ASP B 257 26.38 -22.08 12.38
N GLY B 258 25.13 -22.55 12.50
CA GLY B 258 24.82 -23.86 13.04
C GLY B 258 24.76 -23.93 14.56
N VAL B 259 25.07 -22.84 15.26
CA VAL B 259 25.11 -22.80 16.71
C VAL B 259 24.04 -21.90 17.31
N HIS B 260 23.80 -20.73 16.72
CA HIS B 260 22.93 -19.78 17.41
C HIS B 260 21.46 -20.16 17.34
N VAL B 261 20.99 -20.62 16.18
CA VAL B 261 19.60 -21.03 16.02
C VAL B 261 19.51 -22.29 15.16
N ALA B 262 18.48 -23.09 15.43
CA ALA B 262 18.22 -24.32 14.69
C ALA B 262 17.88 -24.04 13.23
N PRO B 263 18.39 -24.85 12.29
CA PRO B 263 18.07 -24.63 10.87
C PRO B 263 16.58 -24.53 10.56
N ALA B 264 15.73 -25.26 11.29
CA ALA B 264 14.29 -25.14 11.08
C ALA B 264 13.78 -23.75 11.43
N ILE B 265 14.45 -23.07 12.36
CA ILE B 265 14.09 -21.68 12.69
C ILE B 265 14.45 -20.76 11.53
N TYR B 266 15.67 -20.87 11.00
CA TYR B 266 16.03 -20.12 9.80
C TYR B 266 15.03 -20.35 8.69
N ARG B 267 14.68 -21.62 8.46
CA ARG B 267 13.69 -21.95 7.44
C ARG B 267 12.34 -21.32 7.77
N HIS B 268 11.93 -21.39 9.04
CA HIS B 268 10.64 -20.85 9.46
C HIS B 268 10.56 -19.35 9.23
N ILE B 269 11.62 -18.61 9.60
CA ILE B 269 11.58 -17.16 9.46
C ILE B 269 11.59 -16.77 7.99
N THR B 270 12.41 -17.43 7.18
CA THR B 270 12.40 -17.18 5.74
C THR B 270 11.00 -17.39 5.17
N GLN B 271 10.35 -18.48 5.59
CA GLN B 271 8.95 -18.71 5.23
C GLN B 271 8.08 -17.51 5.58
N THR B 272 8.30 -16.93 6.76
CA THR B 272 7.43 -15.88 7.26
C THR B 272 7.68 -14.54 6.56
N VAL B 273 8.95 -14.14 6.44
CA VAL B 273 9.25 -12.80 5.96
C VAL B 273 9.48 -12.70 4.46
N GLY B 274 9.73 -13.82 3.77
CA GLY B 274 9.92 -13.79 2.34
C GLY B 274 11.36 -13.57 1.93
N PRO B 275 11.61 -13.55 0.61
CA PRO B 275 13.01 -13.53 0.14
C PRO B 275 13.75 -12.22 0.40
N GLU B 276 13.06 -11.11 0.62
CA GLU B 276 13.69 -9.80 0.67
C GLU B 276 13.89 -9.26 2.09
N ARG B 277 13.46 -9.98 3.12
CA ARG B 277 13.33 -9.39 4.45
C ARG B 277 14.22 -10.05 5.51
N LEU B 278 15.17 -10.89 5.12
CA LEU B 278 16.10 -11.47 6.08
C LEU B 278 17.52 -11.18 5.63
N SER B 279 18.36 -10.75 6.57
CA SER B 279 19.77 -10.51 6.31
C SER B 279 20.61 -11.53 7.07
N LEU B 280 21.51 -12.19 6.35
CA LEU B 280 22.52 -13.04 6.98
C LEU B 280 23.67 -12.20 7.51
N ILE B 281 24.08 -12.47 8.75
CA ILE B 281 25.23 -11.84 9.37
C ILE B 281 26.09 -12.94 9.98
N THR B 282 27.30 -12.57 10.37
CA THR B 282 28.18 -13.50 11.07
C THR B 282 28.26 -13.25 12.56
N ASP B 283 28.14 -11.98 12.99
CA ASP B 283 28.42 -11.59 14.37
C ASP B 283 29.80 -12.09 14.76
N ALA B 284 30.73 -12.03 13.80
CA ALA B 284 32.03 -12.67 13.97
C ALA B 284 32.81 -11.98 15.07
N MET B 285 33.41 -12.80 15.93
CA MET B 285 34.32 -12.36 16.97
C MET B 285 35.77 -12.44 16.48
N ALA B 286 36.70 -11.96 17.32
CA ALA B 286 38.09 -11.87 16.89
C ALA B 286 38.72 -13.22 16.59
N ALA B 287 38.13 -14.32 17.06
CA ALA B 287 38.65 -15.65 16.86
C ALA B 287 38.38 -16.22 15.48
N THR B 288 37.53 -15.58 14.67
CA THR B 288 37.25 -16.05 13.32
C THR B 288 38.54 -16.23 12.52
N GLY B 289 38.78 -17.45 12.07
CA GLY B 289 39.95 -17.80 11.28
C GLY B 289 41.16 -18.26 12.07
N MET B 290 41.16 -18.10 13.39
CA MET B 290 42.27 -18.53 14.24
C MET B 290 42.01 -19.94 14.76
N SER B 291 42.66 -20.31 15.85
CA SER B 291 42.44 -21.59 16.52
C SER B 291 41.65 -21.39 17.80
N ASP B 292 41.38 -22.50 18.49
CA ASP B 292 40.75 -22.44 19.79
C ASP B 292 41.65 -21.73 20.79
N GLY B 293 41.06 -21.27 21.88
CA GLY B 293 41.84 -20.65 22.94
C GLY B 293 41.02 -19.60 23.68
N VAL B 294 41.69 -18.94 24.61
CA VAL B 294 41.09 -17.91 25.44
C VAL B 294 41.25 -16.56 24.74
N TYR B 295 40.15 -15.82 24.62
CA TYR B 295 40.22 -14.53 23.94
C TYR B 295 39.55 -13.40 24.71
N ARG B 296 39.45 -12.25 24.06
CA ARG B 296 38.92 -11.03 24.63
C ARG B 296 37.78 -10.51 23.75
N LEU B 297 37.00 -9.60 24.33
CA LEU B 297 35.92 -8.92 23.63
C LEU B 297 35.57 -7.67 24.41
N GLY B 298 35.37 -7.87 25.70
CA GLY B 298 35.28 -6.83 26.69
C GLY B 298 35.55 -7.54 28.00
N PRO B 299 34.76 -8.59 28.25
CA PRO B 299 35.22 -9.66 29.14
C PRO B 299 35.95 -10.73 28.35
N LEU B 300 35.99 -11.96 28.87
CA LEU B 300 36.81 -13.01 28.28
C LEU B 300 35.95 -14.10 27.65
N ASP B 301 36.53 -14.76 26.65
CA ASP B 301 35.88 -15.83 25.92
C ASP B 301 36.79 -17.04 25.93
N ILE B 302 36.20 -18.23 25.92
CA ILE B 302 36.92 -19.46 25.64
C ILE B 302 36.34 -20.04 24.36
N ASP B 303 37.22 -20.42 23.44
CA ASP B 303 36.83 -20.98 22.16
C ASP B 303 37.23 -22.44 22.15
N VAL B 304 36.25 -23.31 21.99
CA VAL B 304 36.36 -24.75 22.03
C VAL B 304 35.56 -25.27 20.83
N VAL B 305 35.49 -26.59 20.66
CA VAL B 305 34.70 -27.21 19.61
C VAL B 305 35.28 -26.79 18.26
N ALA B 306 34.42 -26.30 17.37
CA ALA B 306 34.79 -25.87 16.02
C ALA B 306 34.96 -24.37 15.92
N GLY B 307 35.53 -23.75 16.96
CA GLY B 307 35.39 -22.33 17.11
C GLY B 307 33.99 -22.03 17.60
N VAL B 308 33.67 -22.52 18.79
CA VAL B 308 32.45 -22.14 19.50
C VAL B 308 32.89 -21.37 20.73
N ALA B 309 32.50 -20.10 20.80
CA ALA B 309 32.92 -19.22 21.87
C ALA B 309 31.77 -18.98 22.84
N ARG B 310 32.06 -19.15 24.11
CA ARG B 310 31.17 -18.75 25.19
C ARG B 310 31.93 -17.78 26.09
N VAL B 311 31.20 -16.84 26.68
CA VAL B 311 31.81 -16.03 27.73
C VAL B 311 32.25 -16.97 28.84
N ALA B 312 33.51 -16.82 29.27
CA ALA B 312 34.24 -17.80 30.06
C ALA B 312 33.40 -18.49 31.13
N GLY B 313 33.06 -19.76 30.89
CA GLY B 313 32.37 -20.57 31.86
C GLY B 313 30.95 -20.15 32.13
N THR B 314 30.14 -20.00 31.08
CA THR B 314 28.75 -19.60 31.23
C THR B 314 27.78 -20.33 30.31
N ASP B 315 28.23 -20.92 29.20
CA ASP B 315 27.42 -21.36 28.08
C ASP B 315 26.63 -20.22 27.45
N THR B 316 26.98 -18.98 27.77
CA THR B 316 26.45 -17.82 27.06
C THR B 316 27.28 -17.60 25.80
N ILE B 317 26.66 -17.77 24.64
CA ILE B 317 27.39 -17.78 23.38
C ILE B 317 27.69 -16.35 22.95
N ALA B 318 28.96 -16.09 22.65
CA ALA B 318 29.47 -14.73 22.40
C ALA B 318 29.89 -14.64 20.94
N GLY B 319 28.92 -14.38 20.07
CA GLY B 319 29.21 -14.27 18.66
C GLY B 319 29.53 -15.62 18.02
N SER B 320 30.00 -15.54 16.77
CA SER B 320 30.37 -16.71 16.00
C SER B 320 31.85 -16.64 15.65
N THR B 321 32.38 -17.76 15.17
CA THR B 321 33.70 -17.80 14.54
C THR B 321 33.58 -18.13 13.06
N ALA B 322 32.46 -17.72 12.46
CA ALA B 322 32.10 -18.02 11.09
C ALA B 322 32.39 -16.83 10.18
N THR B 323 32.64 -17.13 8.92
CA THR B 323 32.70 -16.09 7.90
C THR B 323 31.43 -16.14 7.05
N MET B 324 31.21 -15.06 6.28
CA MET B 324 30.05 -15.01 5.39
C MET B 324 30.04 -16.17 4.41
N GLU B 325 31.24 -16.63 3.99
CA GLU B 325 31.31 -17.82 3.14
C GLU B 325 30.65 -19.02 3.81
N GLN B 326 30.83 -19.16 5.12
CA GLN B 326 30.29 -20.31 5.83
C GLN B 326 28.79 -20.15 6.04
N VAL B 327 28.35 -18.95 6.39
CA VAL B 327 26.92 -18.75 6.60
C VAL B 327 26.19 -18.84 5.27
N PHE B 328 26.85 -18.40 4.19
CA PHE B 328 26.29 -18.60 2.87
C PHE B 328 26.08 -20.08 2.59
N ARG B 329 27.12 -20.89 2.83
CA ARG B 329 27.02 -22.33 2.62
C ARG B 329 25.92 -22.97 3.47
N LEU B 330 25.81 -22.57 4.73
CA LEU B 330 24.78 -23.18 5.57
C LEU B 330 23.39 -22.72 5.17
N ALA B 331 23.24 -21.46 4.78
CA ALA B 331 21.94 -21.00 4.27
C ALA B 331 21.50 -21.80 3.05
N VAL B 332 22.41 -22.01 2.09
CA VAL B 332 22.04 -22.81 0.91
C VAL B 332 21.65 -24.22 1.34
N ALA B 333 22.42 -24.82 2.26
CA ALA B 333 22.20 -26.21 2.63
C ALA B 333 20.92 -26.37 3.45
N HIS B 334 20.59 -25.41 4.30
CA HIS B 334 19.53 -25.60 5.27
C HIS B 334 18.23 -24.87 4.91
N CYS B 335 18.21 -24.13 3.81
CA CYS B 335 17.01 -23.39 3.44
C CYS B 335 15.94 -24.30 2.85
N GLY B 336 16.29 -25.56 2.57
CA GLY B 336 15.38 -26.56 2.08
C GLY B 336 15.04 -26.47 0.61
N LEU B 337 15.69 -25.59 -0.13
CA LEU B 337 15.41 -25.48 -1.55
C LEU B 337 16.48 -26.22 -2.36
N PRO B 338 16.17 -26.59 -3.60
CA PRO B 338 17.22 -27.09 -4.49
C PRO B 338 18.30 -26.05 -4.72
N ARG B 339 19.48 -26.54 -5.10
CA ARG B 339 20.70 -25.73 -5.09
C ARG B 339 20.51 -24.38 -5.79
N ASP B 340 20.04 -24.41 -7.04
CA ASP B 340 19.91 -23.16 -7.79
C ASP B 340 18.96 -22.19 -7.09
N ASP B 341 17.79 -22.67 -6.66
CA ASP B 341 16.90 -21.80 -5.90
C ASP B 341 17.53 -21.38 -4.58
N ALA B 342 18.30 -22.28 -3.96
CA ALA B 342 19.01 -21.95 -2.74
C ALA B 342 20.05 -20.85 -2.95
N LEU B 343 20.77 -20.91 -4.07
CA LEU B 343 21.76 -19.86 -4.35
C LEU B 343 21.09 -18.51 -4.51
N SER B 344 19.97 -18.45 -5.27
CA SER B 344 19.28 -17.19 -5.45
C SER B 344 18.78 -16.64 -4.12
N LEU B 345 18.21 -17.50 -3.27
CA LEU B 345 17.75 -17.02 -1.96
C LEU B 345 18.92 -16.52 -1.12
N ALA B 346 19.98 -17.33 -1.02
CA ALA B 346 21.11 -16.97 -0.18
C ALA B 346 21.80 -15.70 -0.66
N VAL B 347 21.83 -15.47 -1.97
CA VAL B 347 22.44 -14.24 -2.49
C VAL B 347 21.62 -13.03 -2.11
N ARG B 348 20.29 -13.13 -2.19
CA ARG B 348 19.45 -12.04 -1.72
C ARG B 348 19.67 -11.78 -0.24
N GLN B 349 19.77 -12.85 0.55
CA GLN B 349 19.89 -12.73 2.00
C GLN B 349 21.30 -12.33 2.45
N ALA B 350 22.34 -12.71 1.72
CA ALA B 350 23.72 -12.43 2.11
C ALA B 350 24.32 -11.22 1.40
N CYS B 351 23.67 -10.70 0.36
CA CYS B 351 24.24 -9.61 -0.41
C CYS B 351 23.25 -8.46 -0.61
N VAL B 352 22.10 -8.74 -1.20
CA VAL B 352 21.21 -7.66 -1.62
C VAL B 352 20.48 -7.05 -0.43
N ASN B 353 19.78 -7.89 0.34
CA ASN B 353 18.95 -7.38 1.44
C ASN B 353 19.72 -6.61 2.51
N PRO B 354 20.88 -7.04 3.00
CA PRO B 354 21.53 -6.26 4.07
C PRO B 354 22.02 -4.90 3.62
N ALA B 355 22.55 -4.80 2.40
CA ALA B 355 23.00 -3.50 1.90
C ALA B 355 21.82 -2.56 1.73
N ARG B 356 20.69 -3.08 1.25
CA ARG B 356 19.47 -2.29 1.12
C ARG B 356 18.99 -1.79 2.49
N ALA B 357 18.92 -2.69 3.48
CA ALA B 357 18.39 -2.31 4.79
C ALA B 357 19.17 -1.16 5.40
N LEU B 358 20.47 -1.10 5.16
CA LEU B 358 21.36 -0.10 5.75
C LEU B 358 21.71 1.01 4.76
N GLY B 359 20.96 1.11 3.66
CA GLY B 359 21.20 2.11 2.64
C GLY B 359 22.57 2.06 2.00
N LEU B 360 23.17 0.87 1.91
CA LEU B 360 24.47 0.76 1.27
C LEU B 360 24.29 0.61 -0.24
N PRO B 361 25.35 0.91 -1.01
CA PRO B 361 25.30 0.72 -2.47
C PRO B 361 24.79 -0.65 -2.90
N ALA B 362 23.79 -0.65 -3.79
CA ALA B 362 23.12 -1.87 -4.22
C ALA B 362 24.16 -2.90 -4.65
N ALA B 363 24.29 -3.98 -3.88
CA ALA B 363 25.13 -5.14 -4.20
C ALA B 363 24.78 -5.85 -5.50
N GLY B 364 23.67 -5.53 -6.16
CA GLY B 364 23.32 -6.23 -7.38
C GLY B 364 24.40 -6.09 -8.44
N LEU B 365 24.63 -7.17 -9.19
CA LEU B 365 25.65 -7.15 -10.24
C LEU B 365 24.91 -6.73 -11.51
N ALA B 366 24.97 -5.44 -11.80
CA ALA B 366 24.29 -4.82 -12.91
C ALA B 366 25.12 -3.64 -13.39
N ALA B 367 24.91 -3.27 -14.65
CA ALA B 367 25.65 -2.17 -15.27
C ALA B 367 25.67 -0.97 -14.34
N GLY B 368 26.88 -0.50 -14.03
CA GLY B 368 27.10 0.65 -13.18
C GLY B 368 27.44 0.31 -11.74
N ALA B 369 27.05 -0.86 -11.26
CA ALA B 369 27.39 -1.26 -9.90
C ALA B 369 28.90 -1.50 -9.77
N ARG B 370 29.42 -1.32 -8.56
CA ARG B 370 30.83 -1.62 -8.33
C ARG B 370 31.08 -3.11 -8.46
N ALA B 371 32.23 -3.46 -9.03
CA ALA B 371 32.56 -4.85 -9.35
C ALA B 371 33.07 -5.54 -8.09
N ASP B 372 32.11 -5.96 -7.27
CA ASP B 372 32.38 -6.81 -6.12
C ASP B 372 31.74 -8.16 -6.37
N LEU B 373 32.55 -9.21 -6.46
CA LEU B 373 32.04 -10.52 -6.75
C LEU B 373 32.97 -11.53 -6.10
N VAL B 374 32.47 -12.76 -5.93
CA VAL B 374 33.20 -13.83 -5.27
C VAL B 374 33.08 -15.06 -6.15
N VAL B 375 34.17 -15.81 -6.32
CA VAL B 375 34.10 -17.04 -7.12
C VAL B 375 34.07 -18.25 -6.19
N LEU B 376 33.00 -19.05 -6.32
CA LEU B 376 32.75 -20.27 -5.57
C LEU B 376 32.85 -21.50 -6.46
N ASP B 377 33.43 -22.58 -5.93
CA ASP B 377 33.51 -23.82 -6.70
C ASP B 377 32.20 -24.61 -6.52
N HIS B 378 32.19 -25.87 -6.93
CA HIS B 378 30.97 -26.67 -6.87
C HIS B 378 30.48 -26.81 -5.43
N ASP B 379 31.39 -27.10 -4.49
CA ASP B 379 31.02 -27.21 -3.08
C ASP B 379 30.78 -25.86 -2.43
N LEU B 380 30.81 -24.76 -3.20
CA LEU B 380 30.60 -23.40 -2.70
C LEU B 380 31.71 -22.88 -1.78
N ALA B 381 32.96 -23.30 -2.01
CA ALA B 381 34.06 -22.66 -1.29
C ALA B 381 34.64 -21.54 -2.14
N VAL B 382 35.15 -20.50 -1.47
CA VAL B 382 35.68 -19.33 -2.16
C VAL B 382 36.99 -19.68 -2.84
N THR B 383 37.05 -19.48 -4.17
CA THR B 383 38.30 -19.63 -4.90
C THR B 383 38.92 -18.29 -5.31
N ALA B 384 38.12 -17.25 -5.52
CA ALA B 384 38.62 -15.92 -5.83
C ALA B 384 37.64 -14.87 -5.34
N VAL B 385 38.13 -13.65 -5.13
CA VAL B 385 37.34 -12.53 -4.66
C VAL B 385 37.78 -11.26 -5.38
N MET B 386 36.83 -10.56 -5.99
CA MET B 386 37.08 -9.27 -6.63
C MET B 386 36.35 -8.16 -5.89
N ARG B 387 37.03 -7.03 -5.69
CA ARG B 387 36.44 -5.85 -5.08
C ARG B 387 36.94 -4.61 -5.81
N ALA B 388 36.02 -3.75 -6.24
CA ALA B 388 36.34 -2.55 -7.00
C ALA B 388 37.12 -2.92 -8.27
N GLY B 389 36.77 -4.06 -8.86
CA GLY B 389 37.36 -4.51 -10.10
C GLY B 389 38.77 -5.07 -9.99
N GLU B 390 39.29 -5.23 -8.78
CA GLU B 390 40.63 -5.78 -8.58
C GLU B 390 40.56 -7.05 -7.74
N TRP B 391 41.36 -8.05 -8.11
CA TRP B 391 41.41 -9.31 -7.39
C TRP B 391 42.07 -9.11 -6.03
N VAL B 392 41.30 -9.36 -4.97
CA VAL B 392 41.90 -9.49 -3.64
C VAL B 392 42.52 -10.88 -3.45
N VAL B 393 41.86 -11.92 -3.93
CA VAL B 393 42.47 -13.24 -3.98
C VAL B 393 42.50 -13.78 -5.41
N HIS C 16 17.08 29.82 25.65
CA HIS C 16 16.20 30.82 26.25
C HIS C 16 14.90 30.12 26.65
N MET C 17 14.13 29.68 25.65
CA MET C 17 12.96 28.85 25.88
C MET C 17 13.13 27.63 24.98
N LEU C 18 13.02 26.45 25.57
CA LEU C 18 13.12 25.18 24.85
C LEU C 18 11.82 24.38 24.99
N LEU C 19 11.04 24.33 23.91
CA LEU C 19 9.75 23.64 23.88
C LEU C 19 9.90 22.22 23.32
N THR C 20 9.12 21.29 23.90
CA THR C 20 8.95 19.95 23.36
C THR C 20 7.48 19.64 23.11
N ALA C 21 7.24 18.72 22.17
CA ALA C 21 5.89 18.27 21.82
C ALA C 21 5.98 16.92 21.13
N ASP C 22 4.93 16.11 21.27
CA ASP C 22 4.93 14.78 20.66
C ASP C 22 4.99 14.84 19.14
N THR C 23 4.44 15.88 18.52
CA THR C 23 4.53 16.02 17.07
C THR C 23 4.88 17.46 16.73
N VAL C 24 5.92 17.65 15.92
CA VAL C 24 6.29 18.96 15.40
C VAL C 24 6.44 18.87 13.89
N LEU C 25 5.62 19.63 13.16
CA LEU C 25 5.75 19.73 11.71
C LEU C 25 6.44 21.05 11.36
N THR C 26 7.56 20.96 10.64
CA THR C 26 8.36 22.15 10.35
C THR C 26 8.06 22.75 8.98
N GLY C 27 7.30 22.06 8.14
CA GLY C 27 7.14 22.48 6.76
C GLY C 27 7.72 21.45 5.82
N THR C 28 8.85 20.85 6.23
CA THR C 28 9.54 19.83 5.45
C THR C 28 9.70 18.49 6.15
N GLU C 29 9.57 18.42 7.48
CA GLU C 29 9.73 17.15 8.17
C GLU C 29 8.66 16.96 9.24
N LEU C 30 8.51 15.71 9.67
CA LEU C 30 7.59 15.31 10.73
C LEU C 30 8.42 14.69 11.86
N LEU C 31 8.47 15.37 12.99
CA LEU C 31 9.30 14.97 14.12
C LEU C 31 8.41 14.35 15.19
N ARG C 32 8.77 13.15 15.67
CA ARG C 32 7.87 12.55 16.64
C ARG C 32 8.76 11.77 17.59
N PRO C 33 8.97 12.24 18.84
CA PRO C 33 8.52 13.55 19.30
C PRO C 33 9.46 14.63 18.78
N GLY C 34 9.18 15.89 19.09
CA GLY C 34 9.99 16.99 18.59
C GLY C 34 10.29 18.00 19.68
N TRP C 35 11.18 18.93 19.34
CA TRP C 35 11.59 19.99 20.24
C TRP C 35 12.08 21.17 19.41
N LEU C 36 11.88 22.38 19.96
CA LEU C 36 12.34 23.62 19.35
C LEU C 36 13.10 24.44 20.39
N GLU C 37 14.17 25.08 19.98
CA GLU C 37 14.86 26.05 20.85
C GLU C 37 14.52 27.44 20.37
N ILE C 38 13.90 28.24 21.24
CA ILE C 38 13.53 29.61 20.89
C ILE C 38 14.37 30.55 21.73
N ALA C 39 14.98 31.54 21.08
CA ALA C 39 15.72 32.60 21.76
C ALA C 39 15.29 33.94 21.19
N SER C 40 14.71 34.78 22.03
CA SER C 40 14.18 36.09 21.66
C SER C 40 13.05 35.83 20.67
N ASP C 41 13.13 36.28 19.43
CA ASP C 41 12.02 36.11 18.49
C ASP C 41 12.33 35.18 17.32
N ARG C 42 13.44 34.43 17.37
CA ARG C 42 13.82 33.54 16.27
C ARG C 42 13.84 32.10 16.76
N VAL C 43 13.61 31.16 15.84
CA VAL C 43 13.96 29.77 16.10
C VAL C 43 15.45 29.56 15.83
N VAL C 44 16.21 29.23 16.88
CA VAL C 44 17.62 28.93 16.71
C VAL C 44 17.84 27.51 16.17
N ALA C 45 17.12 26.51 16.70
CA ALA C 45 17.33 25.12 16.28
C ALA C 45 16.09 24.27 16.59
N VAL C 46 15.95 23.19 15.82
CA VAL C 46 14.88 22.20 15.96
C VAL C 46 15.43 20.83 15.61
N GLY C 47 14.89 19.79 16.25
CA GLY C 47 15.36 18.44 16.03
C GLY C 47 14.37 17.44 16.58
N ALA C 48 14.63 16.17 16.29
CA ALA C 48 13.78 15.08 16.76
C ALA C 48 14.32 14.38 17.99
N GLY C 49 13.40 13.66 18.66
CA GLY C 49 13.69 12.91 19.86
C GLY C 49 13.64 13.79 21.09
N ALA C 50 14.35 13.35 22.12
CA ALA C 50 14.39 14.08 23.37
C ALA C 50 15.29 15.31 23.22
N PRO C 51 14.98 16.41 23.89
CA PRO C 51 15.75 17.65 23.70
C PRO C 51 17.14 17.55 24.30
N PRO C 52 18.08 18.37 23.84
CA PRO C 52 19.45 18.29 24.37
C PRO C 52 19.59 18.78 25.81
N ALA C 53 18.55 19.40 26.37
CA ALA C 53 18.55 19.80 27.77
C ALA C 53 17.11 19.73 28.27
N GLN C 54 16.93 20.04 29.55
CA GLN C 54 15.58 20.12 30.10
C GLN C 54 14.76 21.25 29.48
N ALA C 55 13.49 20.96 29.27
CA ALA C 55 12.53 21.83 28.62
C ALA C 55 11.95 22.82 29.61
N ASP C 56 11.55 24.00 29.11
CA ASP C 56 10.81 24.91 29.97
C ASP C 56 9.33 24.55 29.96
N ARG C 57 8.74 24.45 28.78
CA ARG C 57 7.34 24.09 28.64
C ARG C 57 7.36 22.74 27.93
N ASN C 58 6.92 21.69 28.62
CA ASN C 58 6.76 20.38 27.99
C ASN C 58 5.31 20.18 27.58
N LEU C 59 5.06 20.33 26.29
CA LEU C 59 3.71 20.16 25.77
C LEU C 59 3.35 18.67 25.80
N GLY C 60 2.07 18.40 25.95
CA GLY C 60 1.60 17.03 26.00
C GLY C 60 1.31 16.44 24.63
N ALA C 61 0.22 15.68 24.55
CA ALA C 61 -0.21 15.01 23.33
C ALA C 61 -0.74 16.03 22.34
N ALA C 62 0.12 16.96 21.92
CA ALA C 62 -0.23 17.95 20.93
C ALA C 62 0.68 17.87 19.71
N THR C 63 0.18 18.46 18.63
CA THR C 63 0.90 18.61 17.37
C THR C 63 1.19 20.09 17.14
N VAL C 64 2.46 20.43 16.98
CA VAL C 64 2.89 21.79 16.70
C VAL C 64 3.12 21.93 15.20
N VAL C 65 2.51 22.95 14.62
CA VAL C 65 2.69 23.29 13.20
C VAL C 65 3.12 24.76 13.12
N PRO C 66 3.70 25.19 12.01
CA PRO C 66 4.00 26.60 11.85
C PRO C 66 2.75 27.46 11.80
N GLY C 67 2.94 28.74 12.11
CA GLY C 67 1.83 29.68 12.06
C GLY C 67 1.16 29.71 10.70
N PHE C 68 -0.15 29.94 10.72
CA PHE C 68 -0.94 30.01 9.50
C PHE C 68 -0.72 31.33 8.79
N VAL C 69 -0.76 31.30 7.47
CA VAL C 69 -0.47 32.46 6.63
C VAL C 69 -1.71 32.70 5.77
N ASP C 70 -2.60 33.56 6.25
CA ASP C 70 -3.84 33.87 5.55
C ASP C 70 -3.59 35.06 4.64
N THR C 71 -3.57 34.82 3.33
CA THR C 71 -3.22 35.84 2.35
C THR C 71 -4.43 36.47 1.69
N HIS C 72 -5.63 36.24 2.21
CA HIS C 72 -6.85 36.77 1.59
C HIS C 72 -7.99 36.68 2.60
N LEU C 73 -8.23 37.79 3.32
CA LEU C 73 -9.35 37.84 4.25
C LEU C 73 -9.79 39.30 4.38
N HIS C 74 -11.05 39.47 4.75
CA HIS C 74 -11.67 40.80 4.75
C HIS C 74 -11.97 41.32 6.14
N GLY C 75 -11.88 40.49 7.18
CA GLY C 75 -12.16 40.95 8.52
C GLY C 75 -12.46 39.77 9.43
N GLY C 76 -13.04 40.10 10.57
CA GLY C 76 -13.36 39.11 11.58
C GLY C 76 -13.61 39.76 12.92
N GLY C 77 -14.26 39.01 13.80
CA GLY C 77 -14.62 39.52 15.10
C GLY C 77 -15.42 40.81 15.09
N GLY C 78 -16.19 41.02 14.02
CA GLY C 78 -16.96 42.24 13.87
C GLY C 78 -16.28 43.33 13.10
N GLY C 79 -14.98 43.19 12.84
CA GLY C 79 -14.20 44.23 12.19
C GLY C 79 -14.08 44.01 10.69
N ASN C 80 -14.12 45.10 9.94
CA ASN C 80 -13.91 45.10 8.50
C ASN C 80 -12.60 45.80 8.19
N PHE C 81 -11.73 45.12 7.44
CA PHE C 81 -10.48 45.75 7.00
C PHE C 81 -10.75 46.95 6.11
N SER C 82 -11.84 46.95 5.35
CA SER C 82 -12.17 48.08 4.49
C SER C 82 -12.47 49.35 5.27
N ALA C 83 -12.78 49.24 6.57
CA ALA C 83 -12.99 50.43 7.39
C ALA C 83 -11.69 51.21 7.60
N ALA C 84 -10.56 50.52 7.63
CA ALA C 84 -9.23 51.13 7.76
C ALA C 84 -9.11 51.96 9.04
N THR C 85 -9.67 51.46 10.14
CA THR C 85 -9.57 52.11 11.44
C THR C 85 -8.88 51.17 12.41
N ASP C 86 -8.17 51.74 13.38
CA ASP C 86 -7.43 50.93 14.35
C ASP C 86 -8.33 49.94 15.05
N ASP C 87 -9.56 50.34 15.39
CA ASP C 87 -10.40 49.47 16.22
C ASP C 87 -10.86 48.25 15.42
N GLU C 88 -11.29 48.45 14.18
CA GLU C 88 -11.78 47.29 13.42
C GLU C 88 -10.63 46.39 13.00
N THR C 89 -9.47 46.96 12.64
CA THR C 89 -8.32 46.13 12.33
C THR C 89 -7.82 45.37 13.56
N ALA C 90 -7.74 46.06 14.71
CA ALA C 90 -7.25 45.41 15.93
C ALA C 90 -8.15 44.24 16.31
N ARG C 91 -9.47 44.44 16.22
CA ARG C 91 -10.44 43.44 16.64
C ARG C 91 -10.54 42.31 15.62
N ALA C 92 -10.30 42.61 14.34
CA ALA C 92 -10.22 41.56 13.33
C ALA C 92 -8.95 40.73 13.51
N VAL C 93 -7.81 41.41 13.71
CA VAL C 93 -6.52 40.76 13.90
C VAL C 93 -6.53 39.89 15.15
N ALA C 94 -7.16 40.36 16.24
CA ALA C 94 -7.13 39.62 17.49
C ALA C 94 -7.77 38.23 17.36
N LEU C 95 -8.91 38.15 16.68
CA LEU C 95 -9.59 36.85 16.57
C LEU C 95 -8.77 35.87 15.75
N HIS C 96 -8.40 36.25 14.53
CA HIS C 96 -7.65 35.35 13.66
C HIS C 96 -6.31 34.96 14.27
N ARG C 97 -5.63 35.92 14.91
CA ARG C 97 -4.38 35.59 15.59
C ARG C 97 -4.62 34.58 16.71
N ALA C 98 -5.74 34.71 17.42
CA ALA C 98 -6.09 33.75 18.47
C ALA C 98 -6.25 32.33 17.93
N HIS C 99 -6.55 32.19 16.64
CA HIS C 99 -6.76 30.89 16.02
C HIS C 99 -5.58 30.45 15.18
N GLY C 100 -4.42 31.09 15.34
CA GLY C 100 -3.19 30.63 14.73
C GLY C 100 -2.72 31.40 13.52
N SER C 101 -3.48 32.39 13.04
CA SER C 101 -3.06 33.21 11.91
C SER C 101 -2.04 34.24 12.39
N THR C 102 -0.76 33.90 12.28
CA THR C 102 0.32 34.78 12.72
C THR C 102 0.77 35.73 11.62
N THR C 103 0.28 35.53 10.40
CA THR C 103 0.51 36.45 9.29
C THR C 103 -0.80 36.66 8.55
N LEU C 104 -1.09 37.91 8.21
CA LEU C 104 -2.38 38.29 7.67
C LEU C 104 -2.17 39.32 6.56
N VAL C 105 -2.81 39.07 5.42
CA VAL C 105 -2.88 40.04 4.32
C VAL C 105 -4.31 40.57 4.27
N ALA C 106 -4.46 41.88 4.49
CA ALA C 106 -5.78 42.48 4.56
C ALA C 106 -6.30 42.75 3.16
N SER C 107 -7.49 42.24 2.87
CA SER C 107 -8.10 42.34 1.55
C SER C 107 -9.10 43.48 1.52
N LEU C 108 -9.11 44.24 0.43
CA LEU C 108 -10.04 45.33 0.22
C LEU C 108 -10.98 44.98 -0.92
N VAL C 109 -12.29 45.17 -0.70
CA VAL C 109 -13.27 44.93 -1.74
C VAL C 109 -13.32 46.14 -2.67
N THR C 110 -14.03 46.02 -3.78
CA THR C 110 -14.14 47.10 -4.75
C THR C 110 -14.59 48.39 -4.07
N ALA C 111 -14.02 49.51 -4.51
CA ALA C 111 -14.35 50.80 -3.92
C ALA C 111 -14.01 51.91 -4.91
N GLY C 112 -14.65 53.05 -4.70
CA GLY C 112 -14.37 54.24 -5.49
C GLY C 112 -12.94 54.71 -5.30
N PRO C 113 -12.45 55.55 -6.22
CA PRO C 113 -11.05 55.99 -6.14
C PRO C 113 -10.70 56.67 -4.82
N GLU C 114 -11.58 57.55 -4.33
CA GLU C 114 -11.28 58.28 -3.09
C GLU C 114 -11.22 57.35 -1.88
N ASP C 115 -12.27 56.55 -1.69
CA ASP C 115 -12.28 55.61 -0.56
C ASP C 115 -11.09 54.67 -0.64
N LEU C 116 -10.75 54.21 -1.84
CA LEU C 116 -9.62 53.30 -2.03
C LEU C 116 -8.32 53.89 -1.51
N LEU C 117 -8.03 55.14 -1.87
CA LEU C 117 -6.80 55.78 -1.41
C LEU C 117 -6.75 55.92 0.11
N ARG C 118 -7.87 56.32 0.72
CA ARG C 118 -7.90 56.42 2.18
C ARG C 118 -7.67 55.07 2.84
N GLN C 119 -8.33 54.02 2.33
CA GLN C 119 -8.18 52.70 2.91
C GLN C 119 -6.74 52.20 2.79
N VAL C 120 -6.13 52.37 1.63
CA VAL C 120 -4.74 51.94 1.45
C VAL C 120 -3.83 52.67 2.44
N SER C 121 -3.95 53.99 2.52
CA SER C 121 -3.15 54.76 3.47
C SER C 121 -3.45 54.31 4.90
N GLY C 122 -4.73 54.08 5.19
CA GLY C 122 -5.13 53.65 6.51
C GLY C 122 -4.60 52.28 6.88
N LEU C 123 -4.63 51.35 5.93
CA LEU C 123 -4.13 50.01 6.21
C LEU C 123 -2.60 50.01 6.32
N ALA C 124 -1.94 50.79 5.46
CA ALA C 124 -0.49 50.87 5.48
C ALA C 124 0.05 51.22 6.85
N ARG C 125 -0.69 52.00 7.64
CA ARG C 125 -0.25 52.26 9.01
C ARG C 125 -0.24 50.99 9.86
N GLN C 126 -1.24 50.12 9.71
CA GLN C 126 -1.26 48.93 10.55
C GLN C 126 -0.29 47.83 10.11
N VAL C 127 0.10 47.77 8.84
CA VAL C 127 1.23 46.91 8.47
C VAL C 127 2.50 47.38 9.16
N ARG C 128 2.90 48.65 8.92
CA ARG C 128 4.08 49.20 9.58
C ARG C 128 4.01 49.02 11.08
N ALA C 129 2.80 49.09 11.65
CA ALA C 129 2.61 48.88 13.07
C ALA C 129 2.70 47.41 13.47
N GLY C 130 2.58 46.48 12.51
CA GLY C 130 2.72 45.07 12.76
C GLY C 130 1.41 44.34 12.94
N LEU C 131 0.27 45.06 12.92
CA LEU C 131 -1.03 44.43 13.09
C LEU C 131 -1.35 43.50 11.92
N ILE C 132 -1.15 43.98 10.69
CA ILE C 132 -1.31 43.18 9.48
C ILE C 132 0.02 43.18 8.74
N ASP C 133 0.14 42.27 7.76
CA ASP C 133 1.40 42.07 7.05
C ASP C 133 1.38 42.58 5.62
N GLY C 134 0.24 43.05 5.13
CA GLY C 134 0.14 43.53 3.77
C GLY C 134 -1.29 43.85 3.43
N ILE C 135 -1.46 44.40 2.23
CA ILE C 135 -2.78 44.81 1.73
C ILE C 135 -3.04 44.03 0.45
N HIS C 136 -4.26 43.53 0.33
CA HIS C 136 -4.72 42.89 -0.90
C HIS C 136 -5.83 43.71 -1.53
N LEU C 137 -5.63 44.07 -2.78
CA LEU C 137 -6.61 44.79 -3.58
C LEU C 137 -7.29 43.71 -4.41
N GLU C 138 -8.46 43.26 -3.96
CA GLU C 138 -9.27 42.34 -4.74
C GLU C 138 -10.28 43.08 -5.62
N GLY C 139 -9.90 44.25 -6.11
CA GLY C 139 -10.82 45.17 -6.75
C GLY C 139 -10.20 46.54 -6.77
N PRO C 140 -10.79 47.47 -7.53
CA PRO C 140 -12.02 47.49 -8.33
C PRO C 140 -11.92 46.92 -9.76
N TRP C 141 -10.78 46.35 -10.14
CA TRP C 141 -10.52 46.05 -11.55
C TRP C 141 -10.94 44.63 -11.93
N LEU C 142 -12.23 44.35 -11.70
CA LEU C 142 -12.83 43.02 -11.86
C LEU C 142 -13.97 43.06 -12.86
N SER C 143 -14.53 41.89 -13.12
CA SER C 143 -15.64 41.74 -14.05
C SER C 143 -16.97 41.94 -13.35
N THR C 144 -17.86 42.71 -13.98
CA THR C 144 -19.20 42.91 -13.45
C THR C 144 -20.05 41.65 -13.52
N LEU C 145 -19.71 40.73 -14.44
CA LEU C 145 -20.45 39.49 -14.57
C LEU C 145 -20.11 38.52 -13.45
N ARG C 146 -19.03 38.74 -12.71
CA ARG C 146 -18.60 37.89 -11.60
C ARG C 146 -18.36 38.78 -10.38
N CYS C 147 -19.39 39.48 -9.92
CA CYS C 147 -19.20 40.41 -8.81
C CYS C 147 -19.29 39.73 -7.45
N GLY C 148 -20.41 39.07 -7.18
CA GLY C 148 -20.55 38.46 -5.88
C GLY C 148 -20.80 39.57 -4.88
N ALA C 149 -20.02 39.59 -3.82
CA ALA C 149 -20.16 40.59 -2.77
C ALA C 149 -19.53 41.94 -3.11
N HIS C 150 -19.36 42.28 -4.38
CA HIS C 150 -18.82 43.56 -4.81
C HIS C 150 -19.92 44.41 -5.43
N GLN C 151 -19.71 45.73 -5.40
CA GLN C 151 -20.58 46.68 -6.08
C GLN C 151 -20.21 46.79 -7.55
N PRO C 152 -20.95 46.13 -8.45
CA PRO C 152 -20.59 46.18 -9.87
C PRO C 152 -20.46 47.58 -10.44
N VAL C 153 -21.26 48.53 -9.94
CA VAL C 153 -21.23 49.90 -10.49
C VAL C 153 -19.83 50.50 -10.38
N LEU C 154 -19.09 50.15 -9.34
CA LEU C 154 -17.79 50.75 -9.07
C LEU C 154 -16.64 50.09 -9.82
N MET C 155 -16.83 48.88 -10.32
CA MET C 155 -15.78 48.22 -11.09
C MET C 155 -15.43 49.01 -12.34
N ARG C 156 -14.15 48.96 -12.70
CA ARG C 156 -13.65 49.80 -13.78
C ARG C 156 -12.39 49.18 -14.37
N ASP C 157 -12.06 49.63 -15.58
CA ASP C 157 -10.87 49.16 -16.27
C ASP C 157 -9.61 49.61 -15.53
N PRO C 158 -8.58 48.78 -15.47
CA PRO C 158 -7.35 49.18 -14.77
C PRO C 158 -6.66 50.32 -15.52
N ASP C 159 -6.53 51.45 -14.83
CA ASP C 159 -5.90 52.65 -15.38
C ASP C 159 -4.52 52.84 -14.80
N PRO C 160 -3.47 52.94 -15.61
CA PRO C 160 -2.12 53.01 -15.06
C PRO C 160 -1.89 54.23 -14.18
N GLY C 161 -2.70 55.27 -14.35
CA GLY C 161 -2.60 56.43 -13.46
C GLY C 161 -3.11 56.11 -12.07
N GLU C 162 -4.29 55.49 -11.98
CA GLU C 162 -4.86 55.16 -10.67
C GLU C 162 -4.04 54.08 -9.97
N ILE C 163 -3.55 53.10 -10.73
CA ILE C 163 -2.70 52.05 -10.17
C ILE C 163 -1.47 52.66 -9.50
N GLY C 164 -0.82 53.59 -10.19
CA GLY C 164 0.32 54.28 -9.60
C GLY C 164 -0.03 55.02 -8.33
N ARG C 165 -1.16 55.73 -8.31
CA ARG C 165 -1.57 56.46 -7.12
C ARG C 165 -1.82 55.56 -5.92
N VAL C 166 -2.46 54.41 -6.14
CA VAL C 166 -2.72 53.49 -5.02
C VAL C 166 -1.41 52.91 -4.50
N LEU C 167 -0.51 52.51 -5.40
CA LEU C 167 0.77 51.96 -4.95
C LEU C 167 1.60 53.02 -4.22
N ASP C 168 1.58 54.27 -4.70
CA ASP C 168 2.22 55.35 -3.97
C ASP C 168 1.68 55.47 -2.55
N ALA C 169 0.35 55.39 -2.40
CA ALA C 169 -0.27 55.57 -1.09
C ALA C 169 0.14 54.48 -0.10
N GLY C 170 0.35 53.26 -0.59
CA GLY C 170 0.72 52.16 0.27
C GLY C 170 2.17 52.12 0.68
N GLU C 171 3.03 52.89 0.00
CA GLU C 171 4.45 52.95 0.34
C GLU C 171 5.06 51.55 0.36
N GLY C 172 4.71 50.76 -0.67
CA GLY C 172 5.21 49.42 -0.84
C GLY C 172 4.50 48.35 -0.05
N THR C 173 3.39 48.67 0.61
CA THR C 173 2.67 47.69 1.40
C THR C 173 1.56 46.98 0.65
N VAL C 174 1.12 47.49 -0.50
CA VAL C 174 0.17 46.73 -1.30
C VAL C 174 0.95 45.59 -1.93
N ARG C 175 0.63 44.36 -1.54
CA ARG C 175 1.37 43.20 -1.99
C ARG C 175 0.72 42.44 -3.15
N MET C 176 -0.60 42.49 -3.28
CA MET C 176 -1.29 41.67 -4.25
C MET C 176 -2.54 42.40 -4.71
N VAL C 177 -2.81 42.31 -6.01
CA VAL C 177 -4.00 42.85 -6.64
C VAL C 177 -4.62 41.78 -7.53
N THR C 178 -5.93 41.56 -7.37
CA THR C 178 -6.62 40.63 -8.23
C THR C 178 -7.06 41.38 -9.49
N ILE C 179 -6.86 40.76 -10.65
CA ILE C 179 -7.13 41.39 -11.94
C ILE C 179 -7.99 40.47 -12.78
N ALA C 180 -9.00 41.06 -13.44
CA ALA C 180 -9.75 40.36 -14.48
C ALA C 180 -9.06 40.56 -15.81
N PRO C 181 -8.45 39.51 -16.40
CA PRO C 181 -7.59 39.72 -17.58
C PRO C 181 -8.31 40.18 -18.84
N GLU C 182 -9.64 40.23 -18.86
CA GLU C 182 -10.37 40.60 -20.07
C GLU C 182 -10.71 42.08 -20.16
N ARG C 183 -10.42 42.87 -19.14
CA ARG C 183 -10.66 44.30 -19.16
C ARG C 183 -9.56 45.02 -19.94
N ASP C 184 -9.92 46.10 -20.63
CA ASP C 184 -8.93 46.87 -21.37
C ASP C 184 -7.84 47.36 -20.44
N GLY C 185 -6.59 47.20 -20.88
CA GLY C 185 -5.46 47.55 -20.06
C GLY C 185 -5.11 46.57 -18.98
N ALA C 186 -5.70 45.37 -19.00
CA ALA C 186 -5.38 44.40 -17.94
C ALA C 186 -3.97 43.87 -18.08
N LEU C 187 -3.51 43.61 -19.31
CA LEU C 187 -2.16 43.08 -19.47
C LEU C 187 -1.10 44.13 -19.18
N ALA C 188 -1.39 45.39 -19.52
CA ALA C 188 -0.50 46.47 -19.12
C ALA C 188 -0.51 46.66 -17.61
N ALA C 189 -1.69 46.60 -17.00
CA ALA C 189 -1.77 46.77 -15.55
C ALA C 189 -1.02 45.66 -14.83
N ILE C 190 -1.11 44.45 -15.37
CA ILE C 190 -0.37 43.31 -14.83
C ILE C 190 1.13 43.56 -14.91
N ALA C 191 1.60 44.02 -16.07
CA ALA C 191 3.00 44.38 -16.22
C ALA C 191 3.41 45.47 -15.24
N GLN C 192 2.52 46.45 -15.03
CA GLN C 192 2.82 47.54 -14.11
C GLN C 192 2.97 47.03 -12.68
N LEU C 193 2.09 46.12 -12.27
CA LEU C 193 2.16 45.56 -10.92
C LEU C 193 3.45 44.78 -10.69
N VAL C 194 3.83 43.92 -11.64
CA VAL C 194 5.00 43.08 -11.42
C VAL C 194 6.28 43.90 -11.41
N ASN C 195 6.32 45.04 -12.11
CA ASN C 195 7.50 45.89 -12.02
C ASN C 195 7.60 46.59 -10.67
N ALA C 196 6.46 46.82 -10.01
CA ALA C 196 6.44 47.40 -8.67
C ALA C 196 6.63 46.37 -7.56
N GLY C 197 6.89 45.11 -7.89
CA GLY C 197 7.01 44.09 -6.86
C GLY C 197 5.71 43.62 -6.27
N VAL C 198 4.58 43.83 -6.95
CA VAL C 198 3.27 43.44 -6.44
C VAL C 198 2.85 42.15 -7.12
N VAL C 199 2.23 41.26 -6.36
CA VAL C 199 1.71 40.01 -6.91
C VAL C 199 0.44 40.30 -7.71
N ALA C 200 0.39 39.77 -8.93
CA ALA C 200 -0.79 39.89 -9.79
C ALA C 200 -1.58 38.59 -9.73
N ALA C 201 -2.85 38.69 -9.34
CA ALA C 201 -3.72 37.52 -9.21
C ALA C 201 -4.89 37.64 -10.19
N VAL C 202 -5.34 36.49 -10.68
CA VAL C 202 -6.48 36.40 -11.58
C VAL C 202 -7.70 35.98 -10.77
N GLY C 203 -8.79 36.73 -10.91
CA GLY C 203 -10.01 36.37 -10.21
C GLY C 203 -11.16 37.25 -10.64
N HIS C 204 -12.35 36.88 -10.19
CA HIS C 204 -13.60 37.58 -10.47
C HIS C 204 -13.70 37.90 -11.97
N THR C 205 -13.62 36.84 -12.77
CA THR C 205 -13.36 37.00 -14.19
C THR C 205 -14.12 35.99 -15.04
N GLU C 206 -14.60 36.46 -16.19
CA GLU C 206 -15.11 35.62 -17.28
C GLU C 206 -14.06 35.40 -18.36
N ALA C 207 -12.79 35.67 -18.08
CA ALA C 207 -11.73 35.51 -19.05
C ALA C 207 -11.75 34.10 -19.64
N THR C 208 -11.30 33.98 -20.87
CA THR C 208 -11.10 32.69 -21.50
C THR C 208 -9.79 32.07 -21.04
N TYR C 209 -9.58 30.82 -21.44
CA TYR C 209 -8.27 30.19 -21.24
C TYR C 209 -7.17 31.06 -21.82
N ASP C 210 -7.39 31.57 -23.04
CA ASP C 210 -6.36 32.37 -23.70
C ASP C 210 -6.11 33.68 -22.98
N GLN C 211 -7.17 34.34 -22.49
CA GLN C 211 -6.98 35.60 -21.78
C GLN C 211 -6.31 35.37 -20.43
N THR C 212 -6.65 34.29 -19.74
CA THR C 212 -5.99 33.98 -18.48
C THR C 212 -4.54 33.56 -18.68
N ARG C 213 -4.26 32.75 -19.70
CA ARG C 213 -2.88 32.38 -20.02
C ARG C 213 -2.03 33.60 -20.34
N ALA C 214 -2.62 34.58 -21.04
CA ALA C 214 -1.90 35.80 -21.35
C ALA C 214 -1.52 36.53 -20.07
N ALA C 215 -2.45 36.63 -19.13
CA ALA C 215 -2.14 37.27 -17.86
C ALA C 215 -1.02 36.55 -17.14
N ILE C 216 -1.02 35.21 -17.20
CA ILE C 216 0.05 34.41 -16.57
C ILE C 216 1.40 34.71 -17.21
N ASP C 217 1.45 34.78 -18.54
CA ASP C 217 2.71 35.09 -19.21
C ASP C 217 3.16 36.50 -18.92
N ALA C 218 2.21 37.40 -18.64
CA ALA C 218 2.54 38.76 -18.24
C ALA C 218 3.05 38.84 -16.80
N GLY C 219 2.91 37.78 -16.02
CA GLY C 219 3.50 37.79 -14.68
C GLY C 219 2.54 37.46 -13.54
N ALA C 220 1.29 37.13 -13.86
CA ALA C 220 0.37 36.70 -12.80
C ALA C 220 0.80 35.36 -12.23
N THR C 221 0.77 35.27 -10.89
CA THR C 221 1.23 34.08 -10.18
C THR C 221 0.25 33.54 -9.16
N VAL C 222 -0.95 34.10 -9.05
CA VAL C 222 -1.92 33.65 -8.05
C VAL C 222 -3.31 33.58 -8.67
N GLY C 223 -4.06 32.55 -8.30
CA GLY C 223 -5.44 32.45 -8.69
C GLY C 223 -6.33 32.78 -7.50
N THR C 224 -7.11 33.86 -7.60
CA THR C 224 -7.96 34.28 -6.49
C THR C 224 -9.14 33.32 -6.34
N HIS C 225 -9.28 32.75 -5.13
CA HIS C 225 -10.17 31.64 -4.80
C HIS C 225 -10.71 30.90 -6.02
N LEU C 226 -9.88 30.00 -6.56
CA LEU C 226 -10.22 29.16 -7.72
C LEU C 226 -11.63 28.60 -7.62
N PHE C 227 -12.36 28.67 -8.74
CA PHE C 227 -13.68 28.12 -8.99
C PHE C 227 -14.77 29.03 -8.43
N ASN C 228 -14.42 30.04 -7.63
CA ASN C 228 -15.38 31.00 -7.11
C ASN C 228 -15.20 32.31 -7.86
N ALA C 229 -16.33 32.91 -8.28
CA ALA C 229 -16.33 34.11 -9.10
C ALA C 229 -15.44 33.91 -10.33
N MET C 230 -15.53 32.73 -10.92
CA MET C 230 -14.64 32.34 -12.01
C MET C 230 -15.44 31.55 -13.03
N ARG C 231 -15.21 31.85 -14.31
CA ARG C 231 -15.85 31.10 -15.37
C ARG C 231 -15.55 29.60 -15.21
N PRO C 232 -16.56 28.74 -15.33
CA PRO C 232 -16.33 27.31 -15.09
C PRO C 232 -15.50 26.65 -16.19
N ILE C 233 -15.07 25.43 -15.90
CA ILE C 233 -14.34 24.61 -16.86
C ILE C 233 -15.33 24.02 -17.86
N ASP C 234 -15.02 24.19 -19.15
CA ASP C 234 -15.81 23.63 -20.22
C ASP C 234 -14.88 22.89 -21.17
N ARG C 235 -15.41 21.83 -21.79
CA ARG C 235 -14.58 20.93 -22.58
C ARG C 235 -13.99 21.63 -23.80
N ARG C 236 -14.72 22.62 -24.35
CA ARG C 236 -14.25 23.39 -25.49
C ARG C 236 -13.62 24.73 -25.09
N GLU C 237 -14.10 25.35 -24.02
CA GLU C 237 -13.51 26.57 -23.47
C GLU C 237 -13.04 26.28 -22.06
N PRO C 238 -11.75 25.97 -21.85
CA PRO C 238 -11.30 25.56 -20.51
C PRO C 238 -11.50 26.60 -19.43
N GLY C 239 -11.44 27.90 -19.76
CA GLY C 239 -11.64 28.95 -18.81
C GLY C 239 -10.41 29.22 -17.97
N PRO C 240 -10.53 30.13 -17.00
CA PRO C 240 -9.33 30.56 -16.25
C PRO C 240 -8.72 29.49 -15.35
N ALA C 241 -9.54 28.61 -14.76
CA ALA C 241 -9.03 27.68 -13.76
C ALA C 241 -7.97 26.73 -14.31
N VAL C 242 -8.10 26.30 -15.57
CA VAL C 242 -7.12 25.38 -16.14
C VAL C 242 -5.83 26.11 -16.48
N ALA C 243 -5.94 27.31 -17.07
CA ALA C 243 -4.75 28.13 -17.30
C ALA C 243 -3.92 28.27 -16.03
N LEU C 244 -4.58 28.51 -14.90
CA LEU C 244 -3.85 28.76 -13.66
C LEU C 244 -3.22 27.47 -13.14
N THR C 245 -3.94 26.35 -13.22
CA THR C 245 -3.39 25.07 -12.77
C THR C 245 -2.35 24.54 -13.75
N GLU C 246 -2.39 24.98 -15.00
CA GLU C 246 -1.47 24.47 -16.02
C GLU C 246 -0.06 24.98 -15.79
N ASP C 247 0.08 26.23 -15.37
CA ASP C 247 1.36 26.93 -15.35
C ASP C 247 1.98 26.80 -13.96
N SER C 248 3.19 26.26 -13.91
CA SER C 248 3.84 25.97 -12.64
C SER C 248 4.22 27.23 -11.86
N ARG C 249 4.20 28.39 -12.49
CA ARG C 249 4.49 29.64 -11.78
C ARG C 249 3.34 30.11 -10.90
N VAL C 250 2.16 29.47 -10.99
CA VAL C 250 0.96 29.96 -10.31
C VAL C 250 0.69 29.12 -9.08
N THR C 251 0.37 29.80 -7.97
CA THR C 251 -0.16 29.17 -6.77
C THR C 251 -1.64 29.50 -6.68
N VAL C 252 -2.50 28.49 -6.67
CA VAL C 252 -3.93 28.75 -6.66
C VAL C 252 -4.40 28.74 -5.20
N GLU C 253 -5.22 29.71 -4.84
CA GLU C 253 -5.95 29.77 -3.59
C GLU C 253 -7.20 28.94 -3.65
N MET C 254 -7.60 28.35 -2.52
CA MET C 254 -8.90 27.69 -2.44
C MET C 254 -9.47 27.86 -1.04
N ILE C 255 -10.75 28.22 -0.98
CA ILE C 255 -11.50 28.32 0.27
C ILE C 255 -12.10 26.96 0.59
N VAL C 256 -11.53 26.28 1.59
CA VAL C 256 -12.00 24.97 2.01
C VAL C 256 -12.72 25.12 3.35
N ASP C 257 -13.84 25.84 3.35
CA ASP C 257 -14.69 25.98 4.52
C ASP C 257 -15.90 25.04 4.46
N GLY C 258 -15.96 24.17 3.45
CA GLY C 258 -17.08 23.28 3.27
C GLY C 258 -18.27 23.89 2.56
N VAL C 259 -18.22 25.19 2.26
CA VAL C 259 -19.32 25.89 1.63
C VAL C 259 -18.99 26.33 0.21
N HIS C 260 -17.78 26.83 -0.02
CA HIS C 260 -17.47 27.45 -1.30
C HIS C 260 -17.26 26.45 -2.43
N VAL C 261 -16.55 25.34 -2.17
CA VAL C 261 -16.31 24.32 -3.18
C VAL C 261 -16.43 22.93 -2.59
N ALA C 262 -16.83 21.98 -3.43
CA ALA C 262 -16.96 20.59 -3.01
C ALA C 262 -15.58 20.04 -2.65
N PRO C 263 -15.46 19.25 -1.58
CA PRO C 263 -14.14 18.70 -1.21
C PRO C 263 -13.44 17.93 -2.33
N ALA C 264 -14.18 17.27 -3.22
CA ALA C 264 -13.56 16.58 -4.34
C ALA C 264 -12.87 17.55 -5.30
N ILE C 265 -13.35 18.78 -5.39
CA ILE C 265 -12.67 19.78 -6.21
C ILE C 265 -11.33 20.15 -5.59
N TYR C 266 -11.33 20.45 -4.28
CA TYR C 266 -10.09 20.66 -3.56
C TYR C 266 -9.13 19.50 -3.75
N ARG C 267 -9.65 18.27 -3.61
CA ARG C 267 -8.83 17.08 -3.81
C ARG C 267 -8.32 17.02 -5.25
N HIS C 268 -9.18 17.34 -6.21
CA HIS C 268 -8.82 17.28 -7.63
C HIS C 268 -7.70 18.25 -7.96
N ILE C 269 -7.79 19.49 -7.46
CA ILE C 269 -6.79 20.50 -7.79
C ILE C 269 -5.45 20.16 -7.15
N THR C 270 -5.46 19.69 -5.90
CA THR C 270 -4.23 19.25 -5.27
C THR C 270 -3.55 18.17 -6.11
N GLN C 271 -4.34 17.20 -6.60
CA GLN C 271 -3.82 16.21 -7.53
C GLN C 271 -3.15 16.86 -8.74
N THR C 272 -3.76 17.91 -9.29
CA THR C 272 -3.28 18.48 -10.55
C THR C 272 -2.03 19.32 -10.34
N VAL C 273 -2.04 20.21 -9.35
CA VAL C 273 -0.96 21.18 -9.21
C VAL C 273 0.13 20.69 -8.26
N GLY C 274 -0.15 19.67 -7.46
CA GLY C 274 0.83 19.11 -6.56
C GLY C 274 0.83 19.80 -5.21
N PRO C 275 1.69 19.34 -4.32
CA PRO C 275 1.62 19.80 -2.92
C PRO C 275 2.05 21.24 -2.72
N GLU C 276 2.77 21.84 -3.67
CA GLU C 276 3.40 23.13 -3.46
C GLU C 276 2.66 24.30 -4.09
N ARG C 277 1.57 24.07 -4.80
CA ARG C 277 0.97 25.07 -5.68
C ARG C 277 -0.43 25.47 -5.28
N LEU C 278 -0.90 25.09 -4.09
CA LEU C 278 -2.21 25.50 -3.61
C LEU C 278 -2.07 26.18 -2.27
N SER C 279 -2.74 27.31 -2.10
CA SER C 279 -2.78 28.05 -0.85
C SER C 279 -4.18 27.98 -0.26
N LEU C 280 -4.26 27.59 1.01
CA LEU C 280 -5.52 27.68 1.73
C LEU C 280 -5.72 29.12 2.20
N ILE C 281 -6.91 29.65 1.98
CA ILE C 281 -7.29 30.97 2.45
C ILE C 281 -8.63 30.86 3.15
N THR C 282 -9.01 31.91 3.87
CA THR C 282 -10.32 31.95 4.50
C THR C 282 -11.32 32.82 3.77
N ASP C 283 -10.91 33.97 3.23
CA ASP C 283 -11.85 34.98 2.74
C ASP C 283 -12.83 35.35 3.85
N ALA C 284 -12.30 35.42 5.07
CA ALA C 284 -13.10 35.63 6.27
C ALA C 284 -13.91 36.91 6.18
N MET C 285 -15.18 36.83 6.59
CA MET C 285 -16.03 38.00 6.66
C MET C 285 -16.03 38.57 8.09
N ALA C 286 -16.65 39.74 8.26
CA ALA C 286 -16.61 40.40 9.56
C ALA C 286 -17.30 39.62 10.66
N ALA C 287 -18.20 38.69 10.28
CA ALA C 287 -18.95 37.88 11.22
C ALA C 287 -18.16 36.71 11.79
N THR C 288 -16.99 36.42 11.24
CA THR C 288 -16.17 35.32 11.75
C THR C 288 -15.93 35.50 13.24
N GLY C 289 -16.38 34.52 14.02
CA GLY C 289 -16.24 34.48 15.46
C GLY C 289 -17.37 35.13 16.23
N MET C 290 -18.24 35.88 15.57
CA MET C 290 -19.38 36.56 16.16
C MET C 290 -20.63 35.68 16.07
N SER C 291 -21.80 36.30 16.15
CA SER C 291 -23.06 35.61 15.98
C SER C 291 -23.63 35.95 14.61
N ASP C 292 -24.92 36.25 14.54
CA ASP C 292 -25.61 36.28 13.26
C ASP C 292 -26.48 37.52 13.13
N GLY C 293 -26.95 37.73 11.91
CA GLY C 293 -27.77 38.86 11.54
C GLY C 293 -27.25 39.51 10.29
N VAL C 294 -27.71 40.72 10.03
CA VAL C 294 -27.27 41.48 8.86
C VAL C 294 -25.94 42.15 9.20
N TYR C 295 -24.89 41.78 8.46
CA TYR C 295 -23.61 42.48 8.48
C TYR C 295 -23.51 43.26 7.16
N ARG C 296 -22.29 43.67 6.81
CA ARG C 296 -22.15 44.30 5.50
C ARG C 296 -20.73 44.19 4.98
N LEU C 297 -20.64 44.02 3.66
CA LEU C 297 -19.40 44.19 2.90
C LEU C 297 -19.42 45.50 2.13
N GLY C 298 -20.36 46.39 2.43
CA GLY C 298 -20.79 47.41 1.51
C GLY C 298 -22.29 47.27 1.27
N PRO C 299 -22.72 46.11 0.78
CA PRO C 299 -24.14 45.77 0.79
C PRO C 299 -24.50 44.97 2.04
N LEU C 300 -25.80 44.84 2.28
CA LEU C 300 -26.27 44.06 3.40
C LEU C 300 -25.83 42.60 3.24
N ASP C 301 -25.67 41.91 4.38
CA ASP C 301 -25.01 40.61 4.40
C ASP C 301 -25.59 39.80 5.54
N ILE C 302 -26.36 38.77 5.21
CA ILE C 302 -27.08 37.95 6.19
C ILE C 302 -26.32 36.65 6.40
N ASP C 303 -26.10 36.28 7.66
CA ASP C 303 -25.33 35.08 8.01
C ASP C 303 -26.26 34.05 8.64
N VAL C 304 -26.64 33.08 7.81
CA VAL C 304 -27.60 32.05 8.18
C VAL C 304 -26.91 31.03 9.09
N VAL C 305 -27.63 30.58 10.14
CA VAL C 305 -27.26 29.35 10.85
C VAL C 305 -25.91 29.54 11.52
N ALA C 306 -25.05 28.53 11.47
CA ALA C 306 -23.62 28.77 11.63
C ALA C 306 -23.15 29.57 10.44
N GLY C 307 -22.42 30.63 10.73
CA GLY C 307 -22.07 31.69 9.79
C GLY C 307 -21.89 31.36 8.32
N VAL C 308 -22.82 30.65 7.70
CA VAL C 308 -22.87 30.69 6.24
C VAL C 308 -23.22 32.11 5.83
N ALA C 309 -22.28 32.78 5.19
CA ALA C 309 -22.44 34.19 4.83
C ALA C 309 -23.05 34.29 3.45
N ARG C 310 -24.26 34.84 3.36
CA ARG C 310 -24.92 35.05 2.09
C ARG C 310 -25.30 36.51 1.94
N VAL C 311 -25.25 37.00 0.70
CA VAL C 311 -25.77 38.31 0.40
C VAL C 311 -27.24 38.35 0.80
N ALA C 312 -27.65 39.47 1.41
CA ALA C 312 -28.99 39.63 1.96
C ALA C 312 -30.08 39.16 0.99
N GLY C 313 -30.77 38.09 1.36
CA GLY C 313 -31.91 37.60 0.60
C GLY C 313 -31.59 36.77 -0.61
N THR C 314 -30.32 36.48 -0.89
CA THR C 314 -29.93 35.73 -2.07
C THR C 314 -29.33 34.38 -1.66
N ASP C 315 -28.83 33.64 -2.66
CA ASP C 315 -28.15 32.38 -2.45
C ASP C 315 -26.67 32.44 -2.81
N THR C 316 -26.19 33.61 -3.21
CA THR C 316 -24.78 33.80 -3.48
C THR C 316 -24.01 33.88 -2.16
N ILE C 317 -22.94 33.10 -2.06
CA ILE C 317 -22.12 33.07 -0.85
C ILE C 317 -21.03 34.14 -0.95
N ALA C 318 -20.98 35.00 0.07
CA ALA C 318 -20.12 36.18 0.09
C ALA C 318 -19.15 36.04 1.26
N GLY C 319 -18.05 35.35 1.02
CA GLY C 319 -17.07 35.15 2.07
C GLY C 319 -17.36 33.93 2.92
N SER C 320 -16.57 33.81 3.99
CA SER C 320 -16.59 32.66 4.87
C SER C 320 -16.73 33.13 6.32
N THR C 321 -17.03 32.17 7.21
CA THR C 321 -16.92 32.42 8.64
C THR C 321 -15.79 31.59 9.26
N ALA C 322 -14.78 31.29 8.46
CA ALA C 322 -13.70 30.40 8.90
C ALA C 322 -12.46 31.18 9.30
N THR C 323 -11.70 30.58 10.20
CA THR C 323 -10.35 31.00 10.54
C THR C 323 -9.40 29.99 9.92
N MET C 324 -8.11 30.35 9.86
CA MET C 324 -7.16 29.39 9.30
C MET C 324 -7.17 28.07 10.08
N GLU C 325 -7.42 28.12 11.39
CA GLU C 325 -7.55 26.89 12.16
C GLU C 325 -8.64 25.99 11.59
N GLN C 326 -9.73 26.59 11.14
CA GLN C 326 -10.87 25.81 10.66
C GLN C 326 -10.60 25.24 9.27
N VAL C 327 -10.03 26.04 8.37
CA VAL C 327 -9.75 25.54 7.02
C VAL C 327 -8.61 24.54 7.02
N PHE C 328 -7.64 24.69 7.92
CA PHE C 328 -6.57 23.70 8.07
C PHE C 328 -7.14 22.33 8.43
N ARG C 329 -8.01 22.29 9.44
CA ARG C 329 -8.62 21.04 9.88
C ARG C 329 -9.42 20.37 8.76
N LEU C 330 -10.19 21.16 8.00
CA LEU C 330 -11.00 20.57 6.94
C LEU C 330 -10.14 20.08 5.78
N ALA C 331 -9.06 20.81 5.48
CA ALA C 331 -8.11 20.33 4.47
C ALA C 331 -7.54 18.97 4.88
N VAL C 332 -7.15 18.83 6.14
CA VAL C 332 -6.61 17.56 6.62
C VAL C 332 -7.65 16.44 6.45
N ALA C 333 -8.90 16.73 6.80
CA ALA C 333 -9.94 15.70 6.77
C ALA C 333 -10.31 15.31 5.35
N HIS C 334 -10.31 16.25 4.42
CA HIS C 334 -10.89 16.01 3.10
C HIS C 334 -9.86 15.79 1.99
N CYS C 335 -8.56 15.86 2.29
CA CYS C 335 -7.56 15.69 1.26
C CYS C 335 -7.39 14.23 0.84
N GLY C 336 -7.99 13.30 1.56
CA GLY C 336 -7.96 11.90 1.21
C GLY C 336 -6.68 11.16 1.54
N LEU C 337 -5.74 11.79 2.25
CA LEU C 337 -4.50 11.13 2.62
C LEU C 337 -4.58 10.65 4.07
N PRO C 338 -3.74 9.69 4.45
CA PRO C 338 -3.60 9.34 5.87
C PRO C 338 -3.13 10.53 6.69
N ARG C 339 -3.42 10.48 7.99
CA ARG C 339 -3.29 11.65 8.87
C ARG C 339 -1.93 12.34 8.75
N ASP C 340 -0.84 11.58 8.92
CA ASP C 340 0.48 12.22 8.90
C ASP C 340 0.76 12.88 7.56
N ASP C 341 0.49 12.18 6.45
CA ASP C 341 0.65 12.80 5.14
C ASP C 341 -0.31 13.97 4.98
N ALA C 342 -1.51 13.86 5.53
CA ALA C 342 -2.48 14.96 5.49
C ALA C 342 -1.96 16.17 6.25
N LEU C 343 -1.34 15.96 7.41
CA LEU C 343 -0.78 17.08 8.16
C LEU C 343 0.33 17.74 7.37
N SER C 344 1.23 16.94 6.79
CA SER C 344 2.31 17.53 6.01
C SER C 344 1.79 18.32 4.82
N LEU C 345 0.81 17.78 4.09
CA LEU C 345 0.25 18.52 2.96
C LEU C 345 -0.43 19.80 3.42
N ALA C 346 -1.28 19.71 4.44
CA ALA C 346 -2.03 20.86 4.91
C ALA C 346 -1.11 21.96 5.44
N VAL C 347 0.02 21.59 6.03
CA VAL C 347 0.95 22.60 6.53
C VAL C 347 1.57 23.36 5.37
N ARG C 348 1.90 22.67 4.29
CA ARG C 348 2.42 23.30 3.09
C ARG C 348 1.39 24.28 2.53
N GLN C 349 0.12 23.86 2.51
CA GLN C 349 -0.94 24.67 1.91
C GLN C 349 -1.35 25.83 2.80
N ALA C 350 -1.23 25.67 4.12
CA ALA C 350 -1.66 26.68 5.08
C ALA C 350 -0.52 27.53 5.61
N CYS C 351 0.73 27.15 5.36
CA CYS C 351 1.85 27.90 5.92
C CYS C 351 2.88 28.26 4.86
N VAL C 352 3.45 27.26 4.19
CA VAL C 352 4.60 27.49 3.30
C VAL C 352 4.14 28.14 2.00
N ASN C 353 3.20 27.50 1.30
CA ASN C 353 2.80 27.99 -0.02
C ASN C 353 2.25 29.41 0.00
N PRO C 354 1.39 29.83 0.95
CA PRO C 354 0.89 31.22 0.87
C PRO C 354 1.95 32.27 1.15
N ALA C 355 2.87 32.02 2.09
CA ALA C 355 3.92 32.99 2.35
C ALA C 355 4.85 33.11 1.14
N ARG C 356 5.15 31.99 0.49
CA ARG C 356 5.95 32.02 -0.73
C ARG C 356 5.26 32.77 -1.85
N ALA C 357 3.99 32.49 -2.10
CA ALA C 357 3.30 33.16 -3.20
C ALA C 357 3.35 34.66 -3.05
N LEU C 358 3.29 35.17 -1.82
CA LEU C 358 3.26 36.61 -1.58
C LEU C 358 4.62 37.15 -1.15
N GLY C 359 5.68 36.35 -1.29
CA GLY C 359 7.02 36.75 -0.91
C GLY C 359 7.18 37.14 0.54
N LEU C 360 6.37 36.58 1.41
CA LEU C 360 6.44 36.86 2.83
C LEU C 360 7.47 35.96 3.52
N PRO C 361 7.96 36.37 4.70
CA PRO C 361 8.90 35.52 5.46
C PRO C 361 8.45 34.08 5.62
N ALA C 362 9.35 33.14 5.25
CA ALA C 362 9.06 31.71 5.25
C ALA C 362 8.47 31.31 6.60
N ALA C 363 7.19 30.93 6.63
CA ALA C 363 6.56 30.37 7.82
C ALA C 363 7.19 29.08 8.33
N GLY C 364 8.07 28.44 7.57
CA GLY C 364 8.66 27.19 8.02
C GLY C 364 9.41 27.36 9.33
N LEU C 365 9.31 26.34 10.19
CA LEU C 365 9.99 26.36 11.50
C LEU C 365 11.33 25.69 11.30
N ALA C 366 12.35 26.52 11.10
CA ALA C 366 13.72 26.10 10.84
C ALA C 366 14.64 27.14 11.45
N ALA C 367 15.87 26.72 11.73
CA ALA C 367 16.86 27.59 12.36
C ALA C 367 16.93 28.93 11.66
N GLY C 368 16.73 30.00 12.44
CA GLY C 368 16.77 31.37 11.98
C GLY C 368 15.42 31.98 11.71
N ALA C 369 14.40 31.18 11.42
CA ALA C 369 13.07 31.68 11.17
C ALA C 369 12.46 32.26 12.44
N ARG C 370 11.54 33.22 12.27
CA ARG C 370 10.82 33.78 13.39
C ARG C 370 9.90 32.73 14.01
N ALA C 371 9.81 32.74 15.34
CA ALA C 371 9.09 31.72 16.10
C ALA C 371 7.58 32.00 16.06
N ASP C 372 6.96 31.60 14.95
CA ASP C 372 5.51 31.58 14.82
C ASP C 372 5.06 30.13 14.73
N LEU C 373 4.27 29.69 15.71
CA LEU C 373 3.85 28.29 15.72
C LEU C 373 2.51 28.19 16.42
N VAL C 374 1.84 27.08 16.19
CA VAL C 374 0.52 26.84 16.76
C VAL C 374 0.54 25.43 17.35
N VAL C 375 -0.01 25.26 18.54
CA VAL C 375 -0.09 23.95 19.17
C VAL C 375 -1.52 23.44 19.06
N LEU C 376 -1.69 22.27 18.44
CA LEU C 376 -2.99 21.65 18.23
C LEU C 376 -3.13 20.39 19.09
N ASP C 377 -4.33 20.20 19.64
CA ASP C 377 -4.61 19.01 20.45
C ASP C 377 -4.99 17.82 19.57
N HIS C 378 -5.53 16.77 20.19
CA HIS C 378 -5.84 15.55 19.46
C HIS C 378 -6.84 15.82 18.35
N ASP C 379 -7.89 16.57 18.64
CA ASP C 379 -8.85 16.90 17.59
C ASP C 379 -8.31 17.95 16.63
N LEU C 380 -7.04 18.36 16.78
CA LEU C 380 -6.40 19.38 15.97
C LEU C 380 -7.01 20.76 16.18
N ALA C 381 -7.47 21.04 17.40
CA ALA C 381 -7.90 22.37 17.77
C ALA C 381 -6.77 23.16 18.45
N VAL C 382 -6.81 24.47 18.25
CA VAL C 382 -5.78 25.37 18.77
C VAL C 382 -5.90 25.48 20.28
N THR C 383 -4.82 25.14 20.99
CA THR C 383 -4.77 25.38 22.43
C THR C 383 -3.90 26.57 22.82
N ALA C 384 -2.87 26.88 22.03
CA ALA C 384 -2.00 28.03 22.24
C ALA C 384 -1.44 28.49 20.90
N VAL C 385 -1.00 29.74 20.86
CA VAL C 385 -0.43 30.36 19.67
C VAL C 385 0.75 31.22 20.10
N MET C 386 1.89 31.00 19.45
CA MET C 386 3.08 31.81 19.68
C MET C 386 3.40 32.63 18.43
N ARG C 387 3.75 33.89 18.66
CA ARG C 387 4.15 34.82 17.61
C ARG C 387 5.33 35.65 18.08
N ALA C 388 6.39 35.71 17.27
CA ALA C 388 7.62 36.41 17.61
C ALA C 388 8.18 35.91 18.95
N GLY C 389 8.03 34.61 19.19
CA GLY C 389 8.55 33.98 20.37
C GLY C 389 7.78 34.24 21.65
N GLU C 390 6.62 34.89 21.56
CA GLU C 390 5.78 35.15 22.72
C GLU C 390 4.41 34.52 22.55
N TRP C 391 3.89 33.94 23.62
CA TRP C 391 2.58 33.31 23.59
C TRP C 391 1.51 34.38 23.47
N VAL C 392 0.76 34.40 22.36
CA VAL C 392 -0.46 35.20 22.37
C VAL C 392 -1.57 34.44 23.07
N VAL C 393 -1.66 33.13 22.84
CA VAL C 393 -2.54 32.25 23.59
C VAL C 393 -1.72 31.13 24.25
N HIS D 16 15.49 -13.57 -38.80
CA HIS D 16 14.48 -13.51 -39.85
C HIS D 16 14.38 -12.09 -40.38
N MET D 17 13.95 -11.15 -39.54
CA MET D 17 13.98 -9.73 -39.90
C MET D 17 14.68 -8.89 -38.83
N LEU D 18 15.68 -8.12 -39.23
CA LEU D 18 16.38 -7.20 -38.33
C LEU D 18 16.23 -5.77 -38.87
N LEU D 19 15.37 -5.00 -38.21
CA LEU D 19 15.06 -3.62 -38.58
C LEU D 19 15.92 -2.68 -37.74
N THR D 20 16.38 -1.59 -38.34
CA THR D 20 17.00 -0.49 -37.61
C THR D 20 16.24 0.78 -37.93
N ALA D 21 16.30 1.74 -37.01
CA ALA D 21 15.68 3.04 -37.20
C ALA D 21 16.33 4.01 -36.24
N ASP D 22 16.37 5.29 -36.61
CA ASP D 22 17.02 6.24 -35.72
C ASP D 22 16.31 6.31 -34.38
N THR D 23 15.00 6.14 -34.35
CA THR D 23 14.28 6.13 -33.08
C THR D 23 13.29 4.98 -33.11
N VAL D 24 13.33 4.14 -32.08
CA VAL D 24 12.37 3.06 -31.89
C VAL D 24 11.85 3.24 -30.46
N LEU D 25 10.55 3.49 -30.34
CA LEU D 25 9.88 3.59 -29.06
C LEU D 25 9.15 2.30 -28.74
N THR D 26 9.48 1.68 -27.60
CA THR D 26 8.92 0.36 -27.27
C THR D 26 7.69 0.43 -26.38
N GLY D 27 7.36 1.59 -25.81
CA GLY D 27 6.33 1.64 -24.80
C GLY D 27 6.88 2.07 -23.46
N THR D 28 8.08 1.58 -23.15
CA THR D 28 8.74 1.91 -21.89
C THR D 28 10.09 2.58 -22.06
N GLU D 29 10.74 2.47 -23.21
CA GLU D 29 12.02 3.11 -23.41
C GLU D 29 12.08 3.76 -24.79
N LEU D 30 13.03 4.68 -24.94
CA LEU D 30 13.28 5.38 -26.20
C LEU D 30 14.71 5.05 -26.62
N LEU D 31 14.87 4.32 -27.72
CA LEU D 31 16.19 3.85 -28.15
C LEU D 31 16.67 4.70 -29.31
N ARG D 32 17.90 5.20 -29.19
CA ARG D 32 18.46 6.10 -30.18
C ARG D 32 19.96 5.88 -30.33
N PRO D 33 20.39 5.28 -31.47
CA PRO D 33 19.45 4.72 -32.43
C PRO D 33 18.94 3.38 -31.94
N GLY D 34 18.05 2.72 -32.69
CA GLY D 34 17.48 1.47 -32.25
C GLY D 34 17.47 0.43 -33.36
N TRP D 35 17.14 -0.79 -32.95
CA TRP D 35 17.06 -1.94 -33.84
C TRP D 35 16.11 -2.94 -33.23
N LEU D 36 15.45 -3.72 -34.08
CA LEU D 36 14.57 -4.75 -33.55
C LEU D 36 14.96 -6.06 -34.24
N GLU D 37 14.99 -7.14 -33.47
CA GLU D 37 15.15 -8.51 -33.96
C GLU D 37 13.76 -9.11 -33.81
N ILE D 38 13.19 -9.57 -34.92
CA ILE D 38 11.82 -10.08 -34.86
C ILE D 38 11.63 -11.57 -35.03
N ALA D 39 11.60 -12.07 -36.27
CA ALA D 39 11.56 -13.49 -36.61
C ALA D 39 10.17 -14.11 -36.48
N SER D 40 9.65 -14.59 -37.61
CA SER D 40 8.33 -15.21 -37.65
C SER D 40 7.32 -14.18 -37.24
N ASP D 41 6.63 -14.38 -36.11
CA ASP D 41 5.60 -13.45 -35.67
C ASP D 41 5.83 -12.75 -34.29
N ARG D 42 7.00 -12.83 -33.64
CA ARG D 42 7.32 -12.24 -32.32
C ARG D 42 8.47 -11.24 -32.37
N VAL D 43 8.54 -10.32 -31.41
CA VAL D 43 9.79 -9.59 -31.19
C VAL D 43 10.76 -10.45 -30.39
N VAL D 44 11.90 -10.81 -30.99
CA VAL D 44 12.92 -11.60 -30.27
C VAL D 44 13.74 -10.74 -29.32
N ALA D 45 14.22 -9.58 -29.78
CA ALA D 45 15.09 -8.77 -28.93
C ALA D 45 15.09 -7.33 -29.44
N VAL D 46 15.36 -6.39 -28.53
CA VAL D 46 15.43 -4.97 -28.85
C VAL D 46 16.50 -4.30 -28.01
N GLY D 47 17.15 -3.29 -28.60
CA GLY D 47 18.20 -2.58 -27.91
C GLY D 47 18.53 -1.30 -28.66
N ALA D 48 19.36 -0.48 -28.03
CA ALA D 48 19.84 0.76 -28.58
C ALA D 48 21.22 0.60 -29.20
N GLY D 49 21.58 1.56 -30.04
CA GLY D 49 22.88 1.53 -30.68
C GLY D 49 22.88 0.66 -31.93
N ALA D 50 24.07 0.18 -32.28
CA ALA D 50 24.20 -0.67 -33.46
C ALA D 50 23.64 -2.05 -33.18
N PRO D 51 23.03 -2.68 -34.18
CA PRO D 51 22.38 -3.97 -33.96
C PRO D 51 23.40 -5.07 -33.74
N PRO D 52 23.01 -6.19 -33.10
CA PRO D 52 23.97 -7.26 -32.83
C PRO D 52 24.42 -8.00 -34.08
N ALA D 53 23.77 -7.75 -35.22
CA ALA D 53 24.18 -8.32 -36.49
C ALA D 53 23.82 -7.33 -37.59
N GLN D 54 24.15 -7.70 -38.82
CA GLN D 54 23.79 -6.91 -39.99
C GLN D 54 22.27 -6.87 -40.15
N ALA D 55 21.77 -5.70 -40.55
CA ALA D 55 20.34 -5.44 -40.66
C ALA D 55 19.79 -5.96 -41.98
N ASP D 56 18.51 -6.34 -41.98
CA ASP D 56 17.84 -6.66 -43.23
C ASP D 56 17.29 -5.40 -43.88
N ARG D 57 16.50 -4.64 -43.14
CA ARG D 57 15.88 -3.40 -43.58
C ARG D 57 16.49 -2.29 -42.72
N ASN D 58 17.22 -1.37 -43.37
CA ASN D 58 17.75 -0.17 -42.71
C ASN D 58 16.81 0.99 -42.95
N LEU D 59 15.99 1.29 -41.94
CA LEU D 59 15.06 2.40 -42.02
C LEU D 59 15.83 3.69 -41.88
N GLY D 60 15.41 4.72 -42.60
CA GLY D 60 16.11 5.98 -42.51
C GLY D 60 15.60 6.86 -41.38
N ALA D 61 15.50 8.16 -41.65
CA ALA D 61 15.06 9.13 -40.65
C ALA D 61 13.56 8.99 -40.39
N ALA D 62 13.13 7.84 -39.90
CA ALA D 62 11.74 7.62 -39.53
C ALA D 62 11.64 7.23 -38.06
N THR D 63 10.45 7.40 -37.49
CA THR D 63 10.17 6.96 -36.14
C THR D 63 9.16 5.84 -36.13
N VAL D 64 9.54 4.70 -35.57
CA VAL D 64 8.67 3.54 -35.39
C VAL D 64 8.19 3.51 -33.95
N VAL D 65 6.90 3.35 -33.76
CA VAL D 65 6.28 3.21 -32.44
C VAL D 65 5.51 1.90 -32.46
N PRO D 66 5.14 1.35 -31.30
CA PRO D 66 4.31 0.15 -31.30
C PRO D 66 2.95 0.45 -31.93
N GLY D 67 2.30 -0.62 -32.39
CA GLY D 67 0.99 -0.46 -32.99
C GLY D 67 0.02 0.23 -32.07
N PHE D 68 -0.87 1.00 -32.68
CA PHE D 68 -1.88 1.73 -31.95
C PHE D 68 -2.99 0.80 -31.50
N VAL D 69 -3.56 1.10 -30.34
CA VAL D 69 -4.54 0.24 -29.70
C VAL D 69 -5.81 1.08 -29.53
N ASP D 70 -6.70 1.00 -30.51
CA ASP D 70 -7.94 1.76 -30.50
C ASP D 70 -9.01 0.93 -29.82
N THR D 71 -9.40 1.32 -28.61
CA THR D 71 -10.32 0.55 -27.79
C THR D 71 -11.75 1.06 -27.83
N HIS D 72 -12.08 1.95 -28.77
CA HIS D 72 -13.43 2.50 -28.84
C HIS D 72 -13.59 3.16 -30.21
N LEU D 73 -14.18 2.44 -31.16
CA LEU D 73 -14.45 3.00 -32.47
C LEU D 73 -15.65 2.28 -33.06
N HIS D 74 -16.35 2.97 -33.97
CA HIS D 74 -17.61 2.48 -34.50
C HIS D 74 -17.54 2.07 -35.97
N GLY D 75 -16.46 2.42 -36.65
CA GLY D 75 -16.33 2.06 -38.06
C GLY D 75 -15.30 2.93 -38.74
N GLY D 76 -15.34 2.92 -40.06
CA GLY D 76 -14.42 3.66 -40.88
C GLY D 76 -14.39 3.14 -42.30
N GLY D 77 -13.88 3.98 -43.19
CA GLY D 77 -13.84 3.66 -44.60
C GLY D 77 -15.18 3.28 -45.20
N GLY D 78 -16.27 3.81 -44.63
CA GLY D 78 -17.61 3.50 -45.07
C GLY D 78 -18.28 2.36 -44.34
N GLY D 79 -17.55 1.60 -43.55
CA GLY D 79 -18.09 0.42 -42.88
C GLY D 79 -18.55 0.76 -41.48
N ASN D 80 -19.66 0.15 -41.07
CA ASN D 80 -20.18 0.26 -39.71
C ASN D 80 -20.06 -1.08 -39.01
N PHE D 81 -19.43 -1.08 -37.84
CA PHE D 81 -19.39 -2.30 -37.05
C PHE D 81 -20.79 -2.74 -36.64
N SER D 82 -21.70 -1.79 -36.46
CA SER D 82 -23.08 -2.12 -36.10
C SER D 82 -23.78 -2.91 -37.20
N ALA D 83 -23.27 -2.84 -38.44
CA ALA D 83 -23.83 -3.63 -39.53
C ALA D 83 -23.56 -5.11 -39.33
N ALA D 84 -22.45 -5.45 -38.68
CA ALA D 84 -22.10 -6.83 -38.37
C ALA D 84 -22.01 -7.71 -39.62
N THR D 85 -21.43 -7.14 -40.68
CA THR D 85 -21.22 -7.89 -41.93
C THR D 85 -19.72 -7.94 -42.22
N ASP D 86 -19.31 -9.03 -42.87
CA ASP D 86 -17.90 -9.23 -43.19
C ASP D 86 -17.32 -8.06 -43.98
N ASP D 87 -18.09 -7.54 -44.94
CA ASP D 87 -17.56 -6.52 -45.84
C ASP D 87 -17.36 -5.18 -45.11
N GLU D 88 -18.33 -4.77 -44.30
CA GLU D 88 -18.24 -3.49 -43.62
C GLU D 88 -17.20 -3.53 -42.51
N THR D 89 -17.08 -4.67 -41.83
CA THR D 89 -16.02 -4.82 -40.83
C THR D 89 -14.66 -4.77 -41.51
N ALA D 90 -14.56 -5.42 -42.67
CA ALA D 90 -13.32 -5.44 -43.44
C ALA D 90 -12.90 -4.02 -43.81
N ARG D 91 -13.86 -3.19 -44.20
CA ARG D 91 -13.54 -1.85 -44.66
C ARG D 91 -13.19 -0.93 -43.51
N ALA D 92 -13.75 -1.16 -42.31
CA ALA D 92 -13.31 -0.40 -41.14
C ALA D 92 -11.92 -0.84 -40.70
N VAL D 93 -11.70 -2.15 -40.62
CA VAL D 93 -10.41 -2.71 -40.23
C VAL D 93 -9.31 -2.32 -41.21
N ALA D 94 -9.60 -2.35 -42.51
CA ALA D 94 -8.56 -2.06 -43.50
C ALA D 94 -8.05 -0.64 -43.34
N LEU D 95 -8.95 0.32 -43.14
CA LEU D 95 -8.56 1.72 -43.04
C LEU D 95 -7.73 1.98 -41.79
N HIS D 96 -8.27 1.63 -40.62
CA HIS D 96 -7.57 1.88 -39.37
C HIS D 96 -6.25 1.12 -39.29
N ARG D 97 -6.22 -0.11 -39.79
CA ARG D 97 -4.96 -0.85 -39.82
C ARG D 97 -3.93 -0.13 -40.69
N ALA D 98 -4.38 0.47 -41.79
CA ALA D 98 -3.49 1.25 -42.64
C ALA D 98 -2.87 2.44 -41.92
N HIS D 99 -3.51 2.92 -40.85
CA HIS D 99 -3.01 4.08 -40.11
C HIS D 99 -2.34 3.69 -38.80
N GLY D 100 -2.04 2.42 -38.61
CA GLY D 100 -1.25 1.96 -37.49
C GLY D 100 -2.04 1.31 -36.37
N SER D 101 -3.37 1.27 -36.48
CA SER D 101 -4.20 0.61 -35.47
C SER D 101 -4.16 -0.89 -35.72
N THR D 102 -3.25 -1.56 -35.02
CA THR D 102 -3.07 -3.00 -35.15
C THR D 102 -3.94 -3.80 -34.19
N THR D 103 -4.62 -3.14 -33.25
CA THR D 103 -5.59 -3.78 -32.38
C THR D 103 -6.82 -2.88 -32.27
N LEU D 104 -8.00 -3.51 -32.35
CA LEU D 104 -9.24 -2.76 -32.46
C LEU D 104 -10.33 -3.44 -31.63
N VAL D 105 -11.03 -2.65 -30.82
CA VAL D 105 -12.22 -3.08 -30.12
C VAL D 105 -13.41 -2.40 -30.79
N ALA D 106 -14.30 -3.21 -31.36
CA ALA D 106 -15.42 -2.70 -32.12
C ALA D 106 -16.56 -2.28 -31.21
N SER D 107 -17.00 -1.03 -31.36
CA SER D 107 -18.03 -0.48 -30.49
C SER D 107 -19.38 -0.55 -31.19
N LEU D 108 -20.40 -0.91 -30.43
CA LEU D 108 -21.78 -0.99 -30.91
C LEU D 108 -22.58 0.10 -30.22
N VAL D 109 -23.34 0.86 -31.00
CA VAL D 109 -24.20 1.88 -30.41
C VAL D 109 -25.47 1.21 -29.90
N THR D 110 -26.28 1.98 -29.17
CA THR D 110 -27.52 1.47 -28.63
C THR D 110 -28.35 0.82 -29.73
N ALA D 111 -29.03 -0.27 -29.38
CA ALA D 111 -29.83 -1.00 -30.35
C ALA D 111 -30.87 -1.81 -29.61
N GLY D 112 -31.92 -2.20 -30.32
CA GLY D 112 -32.95 -3.05 -29.73
C GLY D 112 -32.35 -4.37 -29.30
N PRO D 113 -33.05 -5.09 -28.42
CA PRO D 113 -32.48 -6.34 -27.89
C PRO D 113 -32.11 -7.38 -28.95
N GLU D 114 -32.97 -7.59 -29.95
CA GLU D 114 -32.70 -8.62 -30.96
C GLU D 114 -31.51 -8.25 -31.84
N ASP D 115 -31.52 -7.04 -32.40
CA ASP D 115 -30.40 -6.59 -33.23
C ASP D 115 -29.11 -6.64 -32.45
N LEU D 116 -29.16 -6.26 -31.17
CA LEU D 116 -27.97 -6.29 -30.33
C LEU D 116 -27.38 -7.70 -30.29
N LEU D 117 -28.22 -8.71 -30.06
CA LEU D 117 -27.75 -10.08 -30.01
C LEU D 117 -27.15 -10.52 -31.35
N ARG D 118 -27.81 -10.17 -32.46
CA ARG D 118 -27.28 -10.52 -33.78
C ARG D 118 -25.93 -9.84 -34.04
N GLN D 119 -25.82 -8.55 -33.69
CA GLN D 119 -24.58 -7.82 -33.92
C GLN D 119 -23.43 -8.41 -33.11
N VAL D 120 -23.67 -8.72 -31.84
CA VAL D 120 -22.62 -9.31 -31.01
C VAL D 120 -22.14 -10.63 -31.60
N SER D 121 -23.08 -11.50 -31.97
CA SER D 121 -22.70 -12.77 -32.58
C SER D 121 -21.92 -12.55 -33.87
N GLY D 122 -22.35 -11.60 -34.70
CA GLY D 122 -21.64 -11.34 -35.94
C GLY D 122 -20.23 -10.82 -35.71
N LEU D 123 -20.08 -9.91 -34.74
CA LEU D 123 -18.75 -9.39 -34.43
C LEU D 123 -17.89 -10.43 -33.72
N ALA D 124 -18.49 -11.19 -32.80
CA ALA D 124 -17.76 -12.22 -32.09
C ALA D 124 -17.08 -13.18 -33.05
N ARG D 125 -17.72 -13.44 -34.21
CA ARG D 125 -17.10 -14.24 -35.24
C ARG D 125 -15.85 -13.58 -35.80
N GLN D 126 -15.90 -12.26 -35.98
CA GLN D 126 -14.76 -11.55 -36.55
C GLN D 126 -13.64 -11.35 -35.54
N VAL D 127 -13.94 -11.36 -34.24
CA VAL D 127 -12.88 -11.48 -33.24
C VAL D 127 -12.13 -12.80 -33.42
N ARG D 128 -12.87 -13.92 -33.34
CA ARG D 128 -12.28 -15.24 -33.55
C ARG D 128 -11.53 -15.33 -34.87
N ALA D 129 -12.01 -14.64 -35.91
CA ALA D 129 -11.32 -14.64 -37.19
C ALA D 129 -10.07 -13.78 -37.19
N GLY D 130 -9.94 -12.87 -36.22
CA GLY D 130 -8.76 -12.05 -36.08
C GLY D 130 -8.84 -10.66 -36.67
N LEU D 131 -9.93 -10.30 -37.33
CA LEU D 131 -10.06 -8.96 -37.90
C LEU D 131 -10.10 -7.91 -36.80
N ILE D 132 -10.92 -8.14 -35.77
CA ILE D 132 -11.01 -7.27 -34.61
C ILE D 132 -10.64 -8.07 -33.37
N ASP D 133 -10.37 -7.36 -32.28
CA ASP D 133 -9.87 -7.96 -31.06
C ASP D 133 -10.87 -8.00 -29.92
N GLY D 134 -12.04 -7.40 -30.08
CA GLY D 134 -13.02 -7.40 -29.03
C GLY D 134 -14.19 -6.51 -29.39
N ILE D 135 -15.19 -6.54 -28.52
CA ILE D 135 -16.43 -5.79 -28.71
C ILE D 135 -16.61 -4.83 -27.54
N HIS D 136 -17.00 -3.60 -27.86
CA HIS D 136 -17.37 -2.59 -26.88
C HIS D 136 -18.86 -2.28 -27.03
N LEU D 137 -19.61 -2.41 -25.95
CA LEU D 137 -21.03 -2.07 -25.94
C LEU D 137 -21.22 -0.67 -25.39
N GLU D 138 -21.35 0.31 -26.30
CA GLU D 138 -21.73 1.67 -25.92
C GLU D 138 -23.24 1.77 -26.05
N GLY D 139 -23.93 1.53 -24.94
CA GLY D 139 -25.36 1.33 -24.96
C GLY D 139 -25.69 -0.14 -24.94
N PRO D 140 -26.96 -0.49 -24.70
CA PRO D 140 -28.13 0.38 -24.57
C PRO D 140 -28.30 0.91 -23.15
N TRP D 141 -27.35 0.62 -22.28
CA TRP D 141 -27.53 0.83 -20.85
C TRP D 141 -26.98 2.20 -20.42
N LEU D 142 -27.53 3.22 -21.07
CA LEU D 142 -27.08 4.60 -20.95
C LEU D 142 -28.24 5.45 -20.47
N SER D 143 -27.94 6.73 -20.25
CA SER D 143 -28.96 7.66 -19.77
C SER D 143 -28.48 9.09 -19.97
N THR D 144 -28.23 9.49 -21.21
CA THR D 144 -27.86 10.87 -21.44
C THR D 144 -28.40 11.35 -22.79
N LEU D 145 -29.29 12.34 -22.70
CA LEU D 145 -29.91 13.03 -23.83
C LEU D 145 -28.93 13.99 -24.48
N ARG D 146 -27.83 14.28 -23.78
CA ARG D 146 -26.73 15.17 -24.18
C ARG D 146 -26.18 14.88 -25.57
N CYS D 147 -25.00 15.44 -25.87
CA CYS D 147 -24.36 15.37 -27.18
C CYS D 147 -24.13 13.97 -27.73
N GLY D 148 -25.07 13.44 -28.54
CA GLY D 148 -24.85 12.09 -29.00
C GLY D 148 -25.95 11.30 -29.69
N ALA D 149 -27.22 11.66 -29.51
CA ALA D 149 -28.34 10.92 -30.09
C ALA D 149 -28.43 9.53 -29.47
N HIS D 150 -27.72 8.54 -30.04
CA HIS D 150 -27.68 7.17 -29.51
C HIS D 150 -29.08 6.60 -29.30
N GLN D 151 -30.07 7.28 -29.86
CA GLN D 151 -31.49 6.97 -29.97
C GLN D 151 -32.02 6.79 -28.55
N PRO D 152 -32.62 7.85 -27.99
CA PRO D 152 -33.14 7.76 -26.62
C PRO D 152 -34.15 6.65 -26.37
N VAL D 153 -34.97 6.34 -27.38
CA VAL D 153 -36.03 5.34 -27.21
C VAL D 153 -35.48 3.98 -26.82
N LEU D 154 -34.30 3.62 -27.30
CA LEU D 154 -33.78 2.28 -27.08
C LEU D 154 -33.02 2.13 -25.76
N MET D 155 -32.58 3.22 -25.14
CA MET D 155 -31.88 3.08 -23.87
C MET D 155 -32.79 2.42 -22.83
N ARG D 156 -32.17 1.62 -21.96
CA ARG D 156 -32.91 0.80 -21.03
C ARG D 156 -32.04 0.45 -19.83
N ASP D 157 -32.72 0.05 -18.76
CA ASP D 157 -32.07 -0.36 -17.53
C ASP D 157 -31.27 -1.65 -17.75
N PRO D 158 -30.10 -1.77 -17.13
CA PRO D 158 -29.33 -3.02 -17.30
C PRO D 158 -30.09 -4.15 -16.62
N ASP D 159 -30.48 -5.15 -17.41
CA ASP D 159 -31.21 -6.29 -16.89
C ASP D 159 -30.29 -7.49 -16.85
N PRO D 160 -30.11 -8.15 -15.71
CA PRO D 160 -29.12 -9.24 -15.64
C PRO D 160 -29.44 -10.38 -16.59
N GLY D 161 -30.70 -10.51 -16.98
CA GLY D 161 -31.05 -11.51 -17.98
C GLY D 161 -30.53 -11.15 -19.36
N GLU D 162 -30.75 -9.90 -19.80
CA GLU D 162 -30.26 -9.50 -21.11
C GLU D 162 -28.74 -9.43 -21.13
N ILE D 163 -28.14 -8.94 -20.04
CA ILE D 163 -26.68 -8.89 -19.95
C ILE D 163 -26.08 -10.28 -20.11
N GLY D 164 -26.65 -11.26 -19.39
CA GLY D 164 -26.19 -12.63 -19.52
C GLY D 164 -26.33 -13.18 -20.93
N ARG D 165 -27.48 -12.93 -21.57
CA ARG D 165 -27.68 -13.41 -22.93
C ARG D 165 -26.68 -12.80 -23.90
N VAL D 166 -26.41 -11.50 -23.76
CA VAL D 166 -25.46 -10.84 -24.66
C VAL D 166 -24.05 -11.35 -24.42
N LEU D 167 -23.64 -11.49 -23.16
CA LEU D 167 -22.30 -12.01 -22.89
C LEU D 167 -22.16 -13.45 -23.35
N ASP D 168 -23.20 -14.26 -23.17
CA ASP D 168 -23.19 -15.60 -23.73
C ASP D 168 -22.98 -15.56 -25.24
N ALA D 169 -23.66 -14.64 -25.92
CA ALA D 169 -23.55 -14.56 -27.38
C ALA D 169 -22.15 -14.18 -27.82
N GLY D 170 -21.46 -13.32 -27.05
CA GLY D 170 -20.12 -12.92 -27.47
C GLY D 170 -19.09 -13.95 -27.16
N GLU D 171 -19.44 -14.90 -26.30
CA GLU D 171 -18.57 -16.02 -25.96
C GLU D 171 -17.20 -15.51 -25.51
N GLY D 172 -17.22 -14.49 -24.66
CA GLY D 172 -16.02 -13.90 -24.11
C GLY D 172 -15.34 -12.89 -24.99
N THR D 173 -15.96 -12.48 -26.10
CA THR D 173 -15.33 -11.50 -26.99
C THR D 173 -15.77 -10.08 -26.67
N VAL D 174 -16.82 -9.90 -25.88
CA VAL D 174 -17.20 -8.58 -25.40
C VAL D 174 -16.20 -8.16 -24.32
N ARG D 175 -15.45 -7.10 -24.61
CA ARG D 175 -14.40 -6.67 -23.69
C ARG D 175 -14.82 -5.52 -22.79
N MET D 176 -15.74 -4.67 -23.24
CA MET D 176 -16.09 -3.46 -22.51
C MET D 176 -17.53 -3.08 -22.80
N VAL D 177 -18.24 -2.63 -21.77
CA VAL D 177 -19.60 -2.12 -21.88
C VAL D 177 -19.69 -0.81 -21.11
N THR D 178 -20.25 0.22 -21.74
CA THR D 178 -20.46 1.50 -21.08
C THR D 178 -21.77 1.50 -20.29
N ILE D 179 -21.72 2.02 -19.06
CA ILE D 179 -22.85 2.02 -18.13
C ILE D 179 -23.08 3.42 -17.60
N ALA D 180 -24.36 3.82 -17.54
CA ALA D 180 -24.78 5.03 -16.84
C ALA D 180 -25.07 4.71 -15.38
N PRO D 181 -24.25 5.17 -14.42
CA PRO D 181 -24.39 4.70 -13.03
C PRO D 181 -25.69 5.12 -12.33
N GLU D 182 -26.51 5.97 -12.92
CA GLU D 182 -27.72 6.45 -12.26
C GLU D 182 -28.96 5.62 -12.58
N ARG D 183 -28.86 4.64 -13.47
CA ARG D 183 -29.99 3.78 -13.79
C ARG D 183 -30.17 2.72 -12.72
N ASP D 184 -31.43 2.35 -12.46
CA ASP D 184 -31.70 1.31 -11.48
C ASP D 184 -31.03 0.00 -11.90
N GLY D 185 -30.35 -0.63 -10.95
CA GLY D 185 -29.61 -1.85 -11.25
C GLY D 185 -28.27 -1.64 -11.92
N ALA D 186 -27.79 -0.41 -12.02
CA ALA D 186 -26.51 -0.16 -12.68
C ALA D 186 -25.34 -0.69 -11.86
N LEU D 187 -25.39 -0.52 -10.54
CA LEU D 187 -24.29 -0.96 -9.69
C LEU D 187 -24.23 -2.47 -9.59
N ALA D 188 -25.38 -3.14 -9.62
CA ALA D 188 -25.39 -4.60 -9.69
C ALA D 188 -24.86 -5.09 -11.02
N ALA D 189 -25.25 -4.43 -12.12
CA ALA D 189 -24.80 -4.85 -13.44
C ALA D 189 -23.29 -4.73 -13.56
N ILE D 190 -22.70 -3.68 -12.98
CA ILE D 190 -21.25 -3.54 -12.98
C ILE D 190 -20.59 -4.71 -12.27
N ALA D 191 -21.11 -5.08 -11.09
CA ALA D 191 -20.58 -6.24 -10.39
C ALA D 191 -20.74 -7.49 -11.24
N GLN D 192 -21.88 -7.63 -11.92
CA GLN D 192 -22.11 -8.79 -12.77
C GLN D 192 -21.11 -8.82 -13.91
N LEU D 193 -20.85 -7.65 -14.51
CA LEU D 193 -19.92 -7.55 -15.62
C LEU D 193 -18.50 -7.91 -15.20
N VAL D 194 -18.04 -7.37 -14.07
CA VAL D 194 -16.67 -7.59 -13.64
C VAL D 194 -16.48 -9.06 -13.25
N ASN D 195 -17.53 -9.72 -12.79
CA ASN D 195 -17.45 -11.15 -12.50
C ASN D 195 -17.34 -11.97 -13.77
N ALA D 196 -17.87 -11.47 -14.89
CA ALA D 196 -17.75 -12.15 -16.17
C ALA D 196 -16.44 -11.82 -16.89
N GLY D 197 -15.54 -11.08 -16.25
CA GLY D 197 -14.31 -10.67 -16.89
C GLY D 197 -14.43 -9.55 -17.90
N VAL D 198 -15.51 -8.76 -17.84
CA VAL D 198 -15.74 -7.69 -18.79
C VAL D 198 -15.37 -6.36 -18.12
N VAL D 199 -14.75 -5.46 -18.88
CA VAL D 199 -14.43 -4.14 -18.36
C VAL D 199 -15.71 -3.30 -18.29
N ALA D 200 -15.94 -2.66 -17.15
CA ALA D 200 -17.07 -1.77 -16.94
C ALA D 200 -16.60 -0.32 -17.06
N ALA D 201 -17.18 0.43 -17.99
CA ALA D 201 -16.81 1.82 -18.20
C ALA D 201 -17.99 2.73 -17.89
N VAL D 202 -17.69 3.92 -17.37
CA VAL D 202 -18.71 4.93 -17.07
C VAL D 202 -18.72 5.94 -18.21
N GLY D 203 -19.89 6.20 -18.76
CA GLY D 203 -20.05 7.18 -19.81
C GLY D 203 -21.51 7.37 -20.12
N HIS D 204 -21.79 8.38 -20.95
CA HIS D 204 -23.14 8.70 -21.39
C HIS D 204 -24.11 8.72 -20.20
N THR D 205 -23.80 9.58 -19.24
CA THR D 205 -24.41 9.51 -17.92
C THR D 205 -24.66 10.90 -17.35
N GLU D 206 -25.78 11.04 -16.65
CA GLU D 206 -26.04 12.21 -15.83
C GLU D 206 -25.70 11.96 -14.36
N ALA D 207 -24.96 10.90 -14.07
CA ALA D 207 -24.59 10.57 -12.69
C ALA D 207 -23.90 11.74 -12.01
N THR D 208 -24.07 11.81 -10.69
CA THR D 208 -23.34 12.76 -9.87
C THR D 208 -21.93 12.23 -9.59
N TYR D 209 -21.11 13.08 -8.95
CA TYR D 209 -19.82 12.61 -8.45
C TYR D 209 -20.01 11.38 -7.56
N ASP D 210 -21.00 11.42 -6.67
CA ASP D 210 -21.21 10.33 -5.73
C ASP D 210 -21.66 9.06 -6.44
N GLN D 211 -22.53 9.19 -7.45
CA GLN D 211 -23.00 8.00 -8.16
C GLN D 211 -21.90 7.38 -9.01
N THR D 212 -21.04 8.20 -9.61
CA THR D 212 -19.92 7.65 -10.39
C THR D 212 -18.89 6.98 -9.49
N ARG D 213 -18.57 7.57 -8.34
CA ARG D 213 -17.65 6.92 -7.41
C ARG D 213 -18.20 5.58 -6.94
N ALA D 214 -19.51 5.50 -6.75
CA ALA D 214 -20.10 4.22 -6.36
C ALA D 214 -19.84 3.19 -7.46
N ALA D 215 -20.04 3.59 -8.71
CA ALA D 215 -19.78 2.69 -9.83
C ALA D 215 -18.31 2.27 -9.86
N ILE D 216 -17.41 3.19 -9.53
CA ILE D 216 -15.97 2.86 -9.48
C ILE D 216 -15.73 1.81 -8.39
N ASP D 217 -16.33 2.00 -7.21
CA ASP D 217 -16.17 1.02 -6.15
C ASP D 217 -16.83 -0.30 -6.52
N ALA D 218 -17.85 -0.27 -7.36
CA ALA D 218 -18.46 -1.51 -7.84
C ALA D 218 -17.61 -2.22 -8.88
N GLY D 219 -16.57 -1.57 -9.41
CA GLY D 219 -15.64 -2.25 -10.29
C GLY D 219 -15.41 -1.59 -11.64
N ALA D 220 -16.02 -0.43 -11.88
CA ALA D 220 -15.74 0.30 -13.11
C ALA D 220 -14.31 0.83 -13.13
N THR D 221 -13.64 0.66 -14.27
CA THR D 221 -12.24 1.04 -14.41
C THR D 221 -11.93 1.90 -15.63
N VAL D 222 -12.94 2.30 -16.41
CA VAL D 222 -12.73 3.09 -17.61
C VAL D 222 -13.76 4.20 -17.69
N GLY D 223 -13.34 5.38 -18.13
CA GLY D 223 -14.23 6.48 -18.40
C GLY D 223 -14.41 6.64 -19.90
N THR D 224 -15.65 6.45 -20.37
CA THR D 224 -15.93 6.54 -21.79
C THR D 224 -15.88 7.99 -22.25
N HIS D 225 -15.04 8.25 -23.26
CA HIS D 225 -14.63 9.58 -23.73
C HIS D 225 -15.00 10.71 -22.77
N LEU D 226 -14.16 10.89 -21.75
CA LEU D 226 -14.29 11.93 -20.74
C LEU D 226 -14.66 13.26 -21.38
N PHE D 227 -15.63 13.95 -20.77
CA PHE D 227 -16.12 15.29 -21.09
C PHE D 227 -17.11 15.25 -22.25
N ASN D 228 -17.25 14.13 -22.95
CA ASN D 228 -18.23 13.99 -24.01
C ASN D 228 -19.37 13.12 -23.51
N ALA D 229 -20.60 13.56 -23.76
CA ALA D 229 -21.80 12.89 -23.25
C ALA D 229 -21.66 12.69 -21.74
N MET D 230 -21.14 13.71 -21.06
CA MET D 230 -20.79 13.62 -19.66
C MET D 230 -21.11 14.94 -18.97
N ARG D 231 -21.69 14.85 -17.78
CA ARG D 231 -21.96 16.04 -16.98
C ARG D 231 -20.68 16.85 -16.78
N PRO D 232 -20.70 18.16 -16.98
CA PRO D 232 -19.48 18.96 -16.87
C PRO D 232 -19.02 19.06 -15.42
N ILE D 233 -17.78 19.54 -15.26
CA ILE D 233 -17.25 19.80 -13.92
C ILE D 233 -17.84 21.09 -13.39
N ASP D 234 -18.39 21.03 -12.17
CA ASP D 234 -18.93 22.19 -11.48
C ASP D 234 -18.36 22.23 -10.08
N ARG D 235 -18.20 23.45 -9.54
CA ARG D 235 -17.48 23.60 -8.27
C ARG D 235 -18.21 22.91 -7.12
N ARG D 236 -19.54 22.85 -7.16
CA ARG D 236 -20.30 22.17 -6.12
C ARG D 236 -20.68 20.75 -6.51
N GLU D 237 -20.91 20.49 -7.79
CA GLU D 237 -21.17 19.13 -8.27
C GLU D 237 -20.06 18.75 -9.25
N PRO D 238 -19.03 18.07 -8.79
CA PRO D 238 -17.88 17.77 -9.66
C PRO D 238 -18.26 16.94 -10.88
N GLY D 239 -19.25 16.07 -10.73
CA GLY D 239 -19.70 15.23 -11.82
C GLY D 239 -18.81 14.02 -11.98
N PRO D 240 -19.08 13.21 -13.00
CA PRO D 240 -18.34 11.94 -13.14
C PRO D 240 -16.86 12.12 -13.44
N ALA D 241 -16.49 13.15 -14.17
CA ALA D 241 -15.11 13.30 -14.64
C ALA D 241 -14.13 13.40 -13.47
N VAL D 242 -14.53 14.06 -12.38
CA VAL D 242 -13.64 14.20 -11.23
C VAL D 242 -13.54 12.88 -10.47
N ALA D 243 -14.68 12.22 -10.26
CA ALA D 243 -14.66 10.88 -9.66
C ALA D 243 -13.72 9.94 -10.40
N LEU D 244 -13.77 9.97 -11.74
CA LEU D 244 -12.97 9.03 -12.53
C LEU D 244 -11.49 9.37 -12.50
N THR D 245 -11.15 10.66 -12.57
CA THR D 245 -9.74 11.04 -12.52
C THR D 245 -9.16 10.90 -11.12
N GLU D 246 -10.01 10.91 -10.09
CA GLU D 246 -9.51 10.83 -8.72
C GLU D 246 -8.99 9.44 -8.39
N ASP D 247 -9.65 8.41 -8.91
CA ASP D 247 -9.41 7.03 -8.49
C ASP D 247 -8.41 6.38 -9.42
N SER D 248 -7.30 5.89 -8.86
CA SER D 248 -6.19 5.36 -9.64
C SER D 248 -6.55 4.06 -10.36
N ARG D 249 -7.67 3.42 -10.03
CA ARG D 249 -8.06 2.22 -10.75
C ARG D 249 -8.65 2.52 -12.13
N VAL D 250 -8.89 3.79 -12.45
CA VAL D 250 -9.61 4.15 -13.66
C VAL D 250 -8.63 4.64 -14.71
N THR D 251 -8.81 4.17 -15.95
CA THR D 251 -8.15 4.70 -17.13
C THR D 251 -9.19 5.47 -17.93
N VAL D 252 -8.95 6.75 -18.15
CA VAL D 252 -9.91 7.61 -18.84
C VAL D 252 -9.61 7.64 -20.33
N GLU D 253 -10.67 7.55 -21.14
CA GLU D 253 -10.55 7.75 -22.57
C GLU D 253 -10.63 9.24 -22.89
N MET D 254 -9.94 9.64 -23.95
CA MET D 254 -10.09 11.01 -24.43
C MET D 254 -9.93 11.07 -25.95
N ILE D 255 -10.83 11.77 -26.61
CA ILE D 255 -10.77 12.03 -28.03
C ILE D 255 -9.96 13.31 -28.28
N VAL D 256 -8.75 13.16 -28.78
CA VAL D 256 -7.90 14.32 -29.08
C VAL D 256 -7.83 14.46 -30.59
N ASP D 257 -8.98 14.74 -31.21
CA ASP D 257 -9.07 15.03 -32.63
C ASP D 257 -9.15 16.53 -32.93
N GLY D 258 -9.01 17.37 -31.91
CA GLY D 258 -9.10 18.81 -32.02
C GLY D 258 -10.49 19.41 -32.00
N VAL D 259 -11.54 18.60 -32.00
CA VAL D 259 -12.91 19.09 -32.02
C VAL D 259 -13.63 18.78 -30.72
N HIS D 260 -13.42 17.58 -30.16
CA HIS D 260 -14.22 17.14 -29.03
C HIS D 260 -13.80 17.83 -27.74
N VAL D 261 -12.49 18.01 -27.51
CA VAL D 261 -12.02 18.69 -26.31
C VAL D 261 -10.86 19.63 -26.63
N ALA D 262 -10.78 20.70 -25.85
CA ALA D 262 -9.72 21.71 -25.96
C ALA D 262 -8.36 21.09 -25.61
N PRO D 263 -7.30 21.44 -26.35
CA PRO D 263 -5.97 20.89 -26.02
C PRO D 263 -5.56 21.13 -24.57
N ALA D 264 -5.98 22.26 -23.97
CA ALA D 264 -5.69 22.51 -22.57
C ALA D 264 -6.37 21.51 -21.65
N ILE D 265 -7.49 20.95 -22.08
CA ILE D 265 -8.15 19.90 -21.31
C ILE D 265 -7.33 18.63 -21.33
N TYR D 266 -6.88 18.21 -22.51
CA TYR D 266 -5.96 17.07 -22.61
C TYR D 266 -4.75 17.24 -21.70
N ARG D 267 -4.11 18.42 -21.72
CA ARG D 267 -2.98 18.66 -20.83
C ARG D 267 -3.39 18.56 -19.36
N HIS D 268 -4.53 19.18 -19.02
CA HIS D 268 -4.98 19.19 -17.63
C HIS D 268 -5.23 17.78 -17.11
N ILE D 269 -5.92 16.94 -17.90
CA ILE D 269 -6.23 15.60 -17.42
C ILE D 269 -4.95 14.78 -17.30
N THR D 270 -4.06 14.88 -18.30
CA THR D 270 -2.76 14.22 -18.22
C THR D 270 -2.00 14.65 -16.97
N GLN D 271 -1.98 15.96 -16.69
CA GLN D 271 -1.40 16.46 -15.46
C GLN D 271 -2.01 15.77 -14.24
N THR D 272 -3.33 15.59 -14.25
CA THR D 272 -4.02 15.08 -13.07
C THR D 272 -3.82 13.57 -12.91
N VAL D 273 -4.00 12.80 -13.98
CA VAL D 273 -4.01 11.35 -13.85
C VAL D 273 -2.64 10.72 -14.08
N GLY D 274 -1.71 11.42 -14.71
CA GLY D 274 -0.39 10.88 -14.90
C GLY D 274 -0.23 10.08 -16.17
N PRO D 275 0.98 9.56 -16.39
CA PRO D 275 1.29 8.92 -17.68
C PRO D 275 0.54 7.61 -17.91
N GLU D 276 0.02 6.96 -16.85
CA GLU D 276 -0.53 5.63 -16.96
C GLU D 276 -2.04 5.58 -17.03
N ARG D 277 -2.72 6.72 -16.93
CA ARG D 277 -4.15 6.68 -16.67
C ARG D 277 -5.00 7.31 -17.78
N LEU D 278 -4.42 7.61 -18.94
CA LEU D 278 -5.21 8.13 -20.06
C LEU D 278 -5.00 7.27 -21.30
N SER D 279 -6.11 6.94 -21.95
CA SER D 279 -6.11 6.19 -23.21
C SER D 279 -6.58 7.10 -24.33
N LEU D 280 -5.81 7.16 -25.42
CA LEU D 280 -6.27 7.81 -26.62
C LEU D 280 -7.18 6.88 -27.41
N ILE D 281 -8.32 7.39 -27.84
CA ILE D 281 -9.25 6.65 -28.69
C ILE D 281 -9.62 7.54 -29.86
N THR D 282 -10.25 6.94 -30.86
CA THR D 282 -10.76 7.72 -31.98
C THR D 282 -12.26 7.93 -31.93
N ASP D 283 -13.02 6.95 -31.44
CA ASP D 283 -14.48 6.95 -31.59
C ASP D 283 -14.85 7.24 -33.04
N ALA D 284 -14.11 6.63 -33.96
CA ALA D 284 -14.25 6.91 -35.38
C ALA D 284 -15.59 6.40 -35.90
N MET D 285 -16.24 7.23 -36.70
CA MET D 285 -17.45 6.83 -37.39
C MET D 285 -17.12 6.32 -38.79
N ALA D 286 -18.14 5.80 -39.48
CA ALA D 286 -17.93 5.17 -40.77
C ALA D 286 -17.41 6.14 -41.83
N ALA D 287 -17.57 7.43 -41.62
CA ALA D 287 -17.13 8.45 -42.57
C ALA D 287 -15.63 8.71 -42.51
N THR D 288 -14.95 8.20 -41.50
CA THR D 288 -13.51 8.37 -41.36
C THR D 288 -12.78 7.91 -42.61
N GLY D 289 -12.03 8.82 -43.22
CA GLY D 289 -11.26 8.54 -44.41
C GLY D 289 -11.96 8.78 -45.73
N MET D 290 -13.27 8.99 -45.73
CA MET D 290 -14.01 9.22 -46.96
C MET D 290 -14.09 10.74 -47.22
N SER D 291 -15.06 11.16 -48.03
CA SER D 291 -15.29 12.58 -48.26
C SER D 291 -16.53 13.06 -47.52
N SER D 320 -16.36 12.33 -34.45
CA SER D 320 -14.97 12.01 -34.77
C SER D 320 -14.88 11.28 -36.12
N THR D 321 -14.10 11.85 -37.03
CA THR D 321 -13.67 11.19 -38.26
C THR D 321 -12.17 10.94 -38.28
N ALA D 322 -11.57 10.73 -37.11
CA ALA D 322 -10.13 10.61 -36.96
C ALA D 322 -9.68 9.15 -36.85
N THR D 323 -8.45 8.90 -37.28
CA THR D 323 -7.76 7.63 -37.05
C THR D 323 -6.72 7.81 -35.94
N MET D 324 -6.24 6.68 -35.43
CA MET D 324 -5.22 6.73 -34.38
C MET D 324 -3.97 7.47 -34.83
N GLU D 325 -3.61 7.40 -36.11
CA GLU D 325 -2.48 8.17 -36.61
C GLU D 325 -2.67 9.66 -36.34
N GLN D 326 -3.89 10.15 -36.51
CA GLN D 326 -4.16 11.57 -36.34
C GLN D 326 -4.20 11.95 -34.87
N VAL D 327 -4.84 11.11 -34.04
CA VAL D 327 -4.92 11.42 -32.62
C VAL D 327 -3.55 11.28 -31.96
N PHE D 328 -2.73 10.35 -32.44
CA PHE D 328 -1.35 10.26 -31.95
C PHE D 328 -0.60 11.56 -32.21
N ARG D 329 -0.68 12.06 -33.45
CA ARG D 329 -0.01 13.30 -33.83
C ARG D 329 -0.48 14.48 -32.98
N LEU D 330 -1.79 14.59 -32.76
CA LEU D 330 -2.30 15.73 -32.00
C LEU D 330 -1.91 15.63 -30.52
N ALA D 331 -1.91 14.41 -29.97
CA ALA D 331 -1.41 14.25 -28.60
C ALA D 331 0.03 14.71 -28.50
N VAL D 332 0.86 14.30 -29.46
CA VAL D 332 2.27 14.72 -29.48
C VAL D 332 2.35 16.24 -29.59
N ALA D 333 1.53 16.83 -30.47
CA ALA D 333 1.61 18.26 -30.73
C ALA D 333 1.09 19.09 -29.55
N HIS D 334 0.07 18.60 -28.86
CA HIS D 334 -0.64 19.42 -27.88
C HIS D 334 -0.31 19.10 -26.44
N CYS D 335 0.53 18.10 -26.18
CA CYS D 335 0.82 17.76 -24.79
C CYS D 335 1.77 18.75 -24.12
N GLY D 336 2.35 19.66 -24.91
CA GLY D 336 3.21 20.70 -24.39
C GLY D 336 4.60 20.28 -24.02
N LEU D 337 4.98 19.03 -24.33
CA LEU D 337 6.32 18.53 -24.04
C LEU D 337 7.15 18.57 -25.31
N PRO D 338 8.47 18.55 -25.19
CA PRO D 338 9.30 18.37 -26.39
C PRO D 338 9.01 17.02 -27.05
N ARG D 339 9.32 16.96 -28.34
CA ARG D 339 8.86 15.86 -29.18
C ARG D 339 9.16 14.50 -28.56
N ASP D 340 10.42 14.27 -28.18
CA ASP D 340 10.80 12.96 -27.65
C ASP D 340 10.00 12.63 -26.40
N ASP D 341 9.90 13.58 -25.47
CA ASP D 341 9.07 13.35 -24.30
C ASP D 341 7.61 13.20 -24.71
N ALA D 342 7.20 13.96 -25.73
CA ALA D 342 5.85 13.87 -26.27
C ALA D 342 5.58 12.50 -26.89
N LEU D 343 6.56 11.95 -27.62
CA LEU D 343 6.40 10.63 -28.21
C LEU D 343 6.23 9.57 -27.13
N SER D 344 7.07 9.61 -26.09
CA SER D 344 6.95 8.63 -25.02
C SER D 344 5.58 8.69 -24.34
N LEU D 345 5.09 9.90 -24.05
CA LEU D 345 3.78 10.02 -23.43
C LEU D 345 2.70 9.49 -24.38
N ALA D 346 2.73 9.94 -25.63
CA ALA D 346 1.71 9.54 -26.59
C ALA D 346 1.72 8.04 -26.83
N VAL D 347 2.90 7.41 -26.75
CA VAL D 347 2.98 5.96 -26.93
C VAL D 347 2.30 5.25 -25.77
N ARG D 348 2.50 5.75 -24.54
CA ARG D 348 1.76 5.18 -23.40
C ARG D 348 0.25 5.36 -23.58
N GLN D 349 -0.17 6.52 -24.07
CA GLN D 349 -1.60 6.80 -24.18
C GLN D 349 -2.24 6.09 -25.37
N ALA D 350 -1.48 5.85 -26.44
CA ALA D 350 -2.02 5.24 -27.66
C ALA D 350 -1.78 3.75 -27.77
N CYS D 351 -0.91 3.16 -26.93
CA CYS D 351 -0.59 1.74 -27.08
C CYS D 351 -0.73 0.98 -25.77
N VAL D 352 0.00 1.39 -24.74
CA VAL D 352 0.10 0.60 -23.51
C VAL D 352 -1.17 0.72 -22.69
N ASN D 353 -1.56 1.95 -22.33
CA ASN D 353 -2.68 2.13 -21.43
C ASN D 353 -4.00 1.54 -21.95
N PRO D 354 -4.39 1.72 -23.21
CA PRO D 354 -5.69 1.14 -23.62
C PRO D 354 -5.67 -0.36 -23.64
N ALA D 355 -4.56 -0.98 -24.09
CA ALA D 355 -4.48 -2.44 -24.08
C ALA D 355 -4.46 -2.99 -22.66
N ARG D 356 -3.74 -2.31 -21.76
CA ARG D 356 -3.72 -2.71 -20.35
C ARG D 356 -5.12 -2.60 -19.75
N ALA D 357 -5.79 -1.46 -19.96
CA ALA D 357 -7.10 -1.23 -19.37
C ALA D 357 -8.10 -2.32 -19.76
N LEU D 358 -7.99 -2.84 -20.97
CA LEU D 358 -8.92 -3.81 -21.51
C LEU D 358 -8.37 -5.23 -21.46
N GLY D 359 -7.29 -5.43 -20.70
CA GLY D 359 -6.64 -6.72 -20.57
C GLY D 359 -6.14 -7.31 -21.87
N LEU D 360 -5.76 -6.47 -22.82
CA LEU D 360 -5.22 -6.94 -24.08
C LEU D 360 -3.72 -7.19 -23.97
N PRO D 361 -3.16 -8.00 -24.87
CA PRO D 361 -1.71 -8.23 -24.88
C PRO D 361 -0.88 -6.94 -24.84
N ALA D 362 0.05 -6.87 -23.88
CA ALA D 362 0.85 -5.67 -23.66
C ALA D 362 1.42 -5.23 -25.01
N ALA D 363 0.96 -4.10 -25.53
CA ALA D 363 1.49 -3.47 -26.73
C ALA D 363 2.97 -3.06 -26.72
N GLY D 364 3.71 -3.34 -25.66
CA GLY D 364 5.10 -2.96 -25.62
C GLY D 364 5.95 -3.82 -26.55
N LEU D 365 6.94 -3.20 -27.19
CA LEU D 365 7.81 -3.92 -28.12
C LEU D 365 9.00 -4.39 -27.28
N ALA D 366 8.91 -5.62 -26.82
CA ALA D 366 9.88 -6.26 -25.95
C ALA D 366 9.89 -7.74 -26.29
N ALA D 367 11.01 -8.40 -25.96
CA ALA D 367 11.18 -9.82 -26.26
C ALA D 367 9.95 -10.60 -25.85
N GLY D 368 9.37 -11.31 -26.82
CA GLY D 368 8.20 -12.14 -26.66
C GLY D 368 6.92 -11.50 -27.11
N ALA D 369 6.85 -10.17 -27.14
CA ALA D 369 5.65 -9.48 -27.61
C ALA D 369 5.47 -9.68 -29.10
N ARG D 370 4.23 -9.62 -29.56
CA ARG D 370 3.96 -9.69 -30.99
C ARG D 370 4.48 -8.45 -31.71
N ALA D 371 5.02 -8.65 -32.92
CA ALA D 371 5.68 -7.58 -33.68
C ALA D 371 4.61 -6.73 -34.37
N ASP D 372 4.02 -5.82 -33.61
CA ASP D 372 3.13 -4.79 -34.10
C ASP D 372 3.80 -3.43 -33.90
N LEU D 373 4.05 -2.73 -35.00
CA LEU D 373 4.76 -1.47 -34.94
C LEU D 373 4.28 -0.61 -36.09
N VAL D 374 4.55 0.69 -36.00
CA VAL D 374 4.11 1.69 -36.96
C VAL D 374 5.32 2.53 -37.32
N VAL D 375 5.52 2.83 -38.61
CA VAL D 375 6.63 3.67 -39.03
C VAL D 375 6.13 5.08 -39.35
N LEU D 376 6.67 6.06 -38.63
CA LEU D 376 6.35 7.48 -38.78
C LEU D 376 7.55 8.24 -39.33
N ASP D 377 7.32 9.19 -40.23
CA ASP D 377 8.40 10.00 -40.74
C ASP D 377 8.64 11.18 -39.79
N HIS D 378 9.42 12.19 -40.22
CA HIS D 378 9.73 13.30 -39.32
C HIS D 378 8.47 14.04 -38.90
N ASP D 379 7.57 14.31 -39.85
CA ASP D 379 6.31 14.97 -39.49
C ASP D 379 5.34 14.05 -38.76
N LEU D 380 5.76 12.82 -38.44
CA LEU D 380 4.93 11.81 -37.77
C LEU D 380 3.76 11.31 -38.60
N ALA D 381 3.91 11.23 -39.92
CA ALA D 381 2.91 10.55 -40.73
C ALA D 381 3.31 9.09 -40.93
N VAL D 382 2.30 8.23 -41.05
CA VAL D 382 2.55 6.80 -41.20
C VAL D 382 3.13 6.52 -42.58
N THR D 383 4.33 5.93 -42.62
CA THR D 383 4.89 5.45 -43.87
C THR D 383 4.81 3.93 -44.00
N ALA D 384 4.84 3.21 -42.88
CA ALA D 384 4.68 1.77 -42.89
C ALA D 384 4.07 1.34 -41.56
N VAL D 385 3.44 0.17 -41.57
CA VAL D 385 2.80 -0.42 -40.40
C VAL D 385 3.03 -1.93 -40.46
N MET D 386 3.54 -2.49 -39.37
CA MET D 386 3.72 -3.93 -39.28
C MET D 386 2.76 -4.51 -38.24
N ARG D 387 2.15 -5.64 -38.60
CA ARG D 387 1.25 -6.38 -37.73
C ARG D 387 1.52 -7.86 -37.91
N ALA D 388 1.73 -8.55 -36.79
CA ALA D 388 2.07 -9.97 -36.77
C ALA D 388 3.30 -10.27 -37.63
N GLY D 389 4.25 -9.33 -37.66
CA GLY D 389 5.50 -9.47 -38.36
C GLY D 389 5.43 -9.36 -39.86
N GLU D 390 4.27 -9.02 -40.42
CA GLU D 390 4.13 -8.84 -41.86
C GLU D 390 3.65 -7.44 -42.19
N TRP D 391 4.21 -6.85 -43.24
CA TRP D 391 3.84 -5.50 -43.66
C TRP D 391 2.44 -5.53 -44.25
N VAL D 392 1.49 -4.82 -43.62
CA VAL D 392 0.22 -4.56 -44.29
C VAL D 392 0.37 -3.41 -45.28
N VAL D 393 1.10 -2.36 -44.93
CA VAL D 393 1.45 -1.32 -45.90
C VAL D 393 2.97 -1.19 -45.97
#